data_1MR0
#
_entry.id   1MR0
#
_cell.length_a   1.000
_cell.length_b   1.000
_cell.length_c   1.000
_cell.angle_alpha   90.00
_cell.angle_beta   90.00
_cell.angle_gamma   90.00
#
_symmetry.space_group_name_H-M   'P 1'
#
_entity_poly.entity_id   1
_entity_poly.type   'polypeptide(L)'
_entity_poly.pdbx_seq_one_letter_code
;CVRLHESCLGQQVPCCDPAATCYCRFFNAFCYCR
;
_entity_poly.pdbx_strand_id   A
#
# COMPACT_ATOMS: atom_id res chain seq x y z
N CYS A 1 -10.52 -3.04 -2.34
CA CYS A 1 -9.65 -2.43 -1.35
C CYS A 1 -8.41 -3.31 -1.19
N VAL A 2 -7.46 -2.81 -0.41
CA VAL A 2 -6.23 -3.54 -0.16
C VAL A 2 -5.91 -3.51 1.33
N ARG A 3 -5.29 -4.57 1.80
CA ARG A 3 -4.93 -4.68 3.20
C ARG A 3 -3.64 -3.89 3.47
N LEU A 4 -3.35 -3.71 4.75
CA LEU A 4 -2.16 -2.98 5.16
C LEU A 4 -0.92 -3.70 4.62
N HIS A 5 -0.84 -4.99 4.94
CA HIS A 5 0.28 -5.80 4.51
C HIS A 5 0.02 -6.31 3.09
N GLU A 6 -0.42 -5.40 2.24
CA GLU A 6 -0.70 -5.75 0.86
C GLU A 6 -0.27 -4.62 -0.08
N SER A 7 0.80 -4.88 -0.80
CA SER A 7 1.34 -3.89 -1.74
C SER A 7 0.19 -3.17 -2.45
N CYS A 8 0.48 -1.98 -2.93
CA CYS A 8 -0.51 -1.18 -3.63
C CYS A 8 0.10 -0.70 -4.95
N LEU A 9 1.28 -1.23 -5.24
CA LEU A 9 1.97 -0.86 -6.47
C LEU A 9 0.96 -0.72 -7.60
N GLY A 10 0.85 0.50 -8.10
CA GLY A 10 -0.07 0.79 -9.19
C GLY A 10 -1.41 0.07 -8.98
N GLN A 11 -2.10 0.46 -7.91
CA GLN A 11 -3.38 -0.13 -7.58
C GLN A 11 -4.52 0.72 -8.13
N GLN A 12 -5.74 0.26 -7.90
CA GLN A 12 -6.91 0.97 -8.37
C GLN A 12 -7.94 1.09 -7.25
N VAL A 13 -7.60 0.48 -6.11
CA VAL A 13 -8.50 0.52 -4.96
C VAL A 13 -7.72 1.02 -3.75
N PRO A 14 -8.47 1.64 -2.80
CA PRO A 14 -7.88 2.16 -1.58
C PRO A 14 -7.52 1.04 -0.62
N CYS A 15 -6.98 1.43 0.54
CA CYS A 15 -6.59 0.46 1.55
C CYS A 15 -7.76 0.30 2.53
N CYS A 16 -8.23 -0.93 2.64
CA CYS A 16 -9.33 -1.23 3.53
C CYS A 16 -9.00 -0.66 4.92
N ASP A 17 -7.71 -0.56 5.18
CA ASP A 17 -7.25 -0.05 6.46
C ASP A 17 -6.97 1.46 6.32
N PRO A 18 -7.78 2.26 7.07
CA PRO A 18 -7.64 3.71 7.04
C PRO A 18 -6.40 4.15 7.83
N ALA A 19 -6.03 3.32 8.80
CA ALA A 19 -4.88 3.61 9.64
C ALA A 19 -3.61 3.14 8.93
N ALA A 20 -3.78 2.77 7.67
CA ALA A 20 -2.65 2.30 6.88
C ALA A 20 -2.17 3.44 5.96
N THR A 21 -0.94 3.30 5.51
CA THR A 21 -0.35 4.30 4.64
C THR A 21 0.42 3.63 3.50
N CYS A 22 -0.14 3.73 2.30
CA CYS A 22 0.48 3.14 1.13
C CYS A 22 1.79 3.88 0.86
N TYR A 23 2.86 3.34 1.44
CA TYR A 23 4.17 3.93 1.27
C TYR A 23 5.18 2.91 0.74
N CYS A 24 6.21 3.42 0.09
CA CYS A 24 7.24 2.57 -0.47
C CYS A 24 8.51 2.72 0.38
N ARG A 25 9.04 1.59 0.82
CA ARG A 25 10.25 1.59 1.63
C ARG A 25 11.46 1.98 0.77
N PHE A 26 11.55 1.36 -0.39
CA PHE A 26 12.65 1.64 -1.30
C PHE A 26 12.29 2.76 -2.27
N PHE A 27 12.98 2.76 -3.40
CA PHE A 27 12.73 3.78 -4.41
C PHE A 27 11.46 3.46 -5.22
N ASN A 28 11.54 2.38 -5.99
CA ASN A 28 10.42 1.97 -6.80
C ASN A 28 10.40 0.44 -6.89
N ALA A 29 10.00 -0.18 -5.78
CA ALA A 29 9.95 -1.63 -5.72
C ALA A 29 8.81 -2.04 -4.77
N PHE A 30 9.16 -2.10 -3.49
CA PHE A 30 8.19 -2.47 -2.47
C PHE A 30 7.36 -1.26 -2.04
N CYS A 31 6.06 -1.39 -2.19
CA CYS A 31 5.14 -0.33 -1.82
C CYS A 31 3.86 -0.96 -1.28
N TYR A 32 3.62 -0.72 0.00
CA TYR A 32 2.43 -1.27 0.65
C TYR A 32 1.90 -0.29 1.71
N CYS A 33 0.82 -0.71 2.35
CA CYS A 33 0.20 0.10 3.38
C CYS A 33 0.89 -0.19 4.71
N ARG A 34 1.50 0.85 5.27
CA ARG A 34 2.20 0.72 6.54
C ARG A 34 1.43 1.43 7.66
N CYS A 1 -10.86 -3.51 -2.13
CA CYS A 1 -9.94 -2.71 -1.35
C CYS A 1 -8.60 -3.43 -1.28
N VAL A 2 -7.71 -2.90 -0.45
CA VAL A 2 -6.39 -3.47 -0.28
C VAL A 2 -6.05 -3.55 1.21
N ARG A 3 -5.50 -4.69 1.59
CA ARG A 3 -5.12 -4.90 2.98
C ARG A 3 -3.86 -4.10 3.32
N LEU A 4 -3.54 -4.08 4.60
CA LEU A 4 -2.37 -3.36 5.07
C LEU A 4 -1.11 -4.02 4.51
N HIS A 5 -1.05 -5.33 4.67
CA HIS A 5 0.09 -6.09 4.19
C HIS A 5 -0.13 -6.47 2.72
N GLU A 6 -0.57 -5.48 1.94
CA GLU A 6 -0.82 -5.69 0.54
C GLU A 6 -0.32 -4.50 -0.29
N SER A 7 0.79 -4.72 -0.96
CA SER A 7 1.39 -3.68 -1.78
C SER A 7 0.29 -2.86 -2.46
N CYS A 8 0.60 -1.58 -2.67
CA CYS A 8 -0.34 -0.67 -3.31
C CYS A 8 0.34 -0.05 -4.52
N LEU A 9 1.57 -0.48 -4.76
CA LEU A 9 2.33 0.03 -5.89
C LEU A 9 1.55 -0.23 -7.18
N GLY A 10 1.17 0.86 -7.83
CA GLY A 10 0.42 0.77 -9.08
C GLY A 10 -0.93 0.08 -8.86
N GLN A 11 -1.46 0.26 -7.66
CA GLN A 11 -2.74 -0.33 -7.31
C GLN A 11 -3.88 0.44 -7.99
N GLN A 12 -5.08 -0.10 -7.83
CA GLN A 12 -6.26 0.52 -8.42
C GLN A 12 -7.38 0.60 -7.39
N VAL A 13 -7.11 0.04 -6.22
CA VAL A 13 -8.10 0.03 -5.15
C VAL A 13 -7.48 0.66 -3.90
N PRO A 14 -8.37 1.24 -3.05
CA PRO A 14 -7.93 1.88 -1.83
C PRO A 14 -7.56 0.84 -0.77
N CYS A 15 -7.15 1.34 0.39
CA CYS A 15 -6.76 0.46 1.49
C CYS A 15 -7.92 0.41 2.49
N CYS A 16 -8.47 -0.78 2.64
CA CYS A 16 -9.58 -0.97 3.56
C CYS A 16 -9.22 -0.34 4.90
N ASP A 17 -7.92 -0.36 5.19
CA ASP A 17 -7.42 0.20 6.44
C ASP A 17 -7.22 1.71 6.26
N PRO A 18 -8.03 2.49 7.02
CA PRO A 18 -7.95 3.93 6.95
C PRO A 18 -6.72 4.46 7.69
N ALA A 19 -6.30 3.70 8.68
CA ALA A 19 -5.14 4.06 9.48
C ALA A 19 -3.90 3.41 8.87
N ALA A 20 -3.95 3.21 7.56
CA ALA A 20 -2.83 2.60 6.84
C ALA A 20 -2.02 3.69 6.15
N THR A 21 -0.77 3.37 5.88
CA THR A 21 0.12 4.30 5.22
C THR A 21 0.89 3.61 4.09
N CYS A 22 0.38 3.78 2.88
CA CYS A 22 1.00 3.17 1.71
C CYS A 22 2.43 3.73 1.58
N TYR A 23 3.34 3.11 2.31
CA TYR A 23 4.73 3.54 2.29
C TYR A 23 5.55 2.66 1.35
N CYS A 24 6.55 3.28 0.74
CA CYS A 24 7.43 2.57 -0.18
C CYS A 24 8.85 2.64 0.35
N ARG A 25 9.46 1.46 0.48
CA ARG A 25 10.82 1.39 0.98
C ARG A 25 11.80 1.97 -0.05
N PHE A 26 11.88 1.31 -1.19
CA PHE A 26 12.76 1.74 -2.26
C PHE A 26 12.10 2.84 -3.10
N PHE A 27 12.56 2.94 -4.34
CA PHE A 27 12.02 3.92 -5.26
C PHE A 27 10.65 3.50 -5.80
N ASN A 28 10.66 2.38 -6.52
CA ASN A 28 9.43 1.87 -7.09
C ASN A 28 9.50 0.34 -7.13
N ALA A 29 9.28 -0.26 -5.97
CA ALA A 29 9.31 -1.71 -5.86
C ALA A 29 8.46 -2.14 -4.66
N PHE A 30 8.99 -1.89 -3.48
CA PHE A 30 8.28 -2.23 -2.25
C PHE A 30 7.43 -1.08 -1.75
N CYS A 31 6.12 -1.22 -1.92
CA CYS A 31 5.19 -0.19 -1.49
C CYS A 31 3.90 -0.88 -1.04
N TYR A 32 3.62 -0.75 0.26
CA TYR A 32 2.42 -1.34 0.83
C TYR A 32 1.84 -0.47 1.94
N CYS A 33 0.68 -0.87 2.42
CA CYS A 33 0.02 -0.13 3.48
C CYS A 33 0.72 -0.45 4.81
N ARG A 34 1.13 0.60 5.50
CA ARG A 34 1.80 0.43 6.77
C ARG A 34 1.44 1.58 7.72
N CYS A 1 -10.15 -3.19 -2.59
CA CYS A 1 -9.31 -2.50 -1.63
C CYS A 1 -8.03 -3.32 -1.44
N VAL A 2 -7.25 -2.91 -0.45
CA VAL A 2 -6.01 -3.60 -0.15
C VAL A 2 -5.78 -3.59 1.36
N ARG A 3 -5.14 -4.65 1.84
CA ARG A 3 -4.86 -4.79 3.27
C ARG A 3 -3.55 -4.07 3.61
N LEU A 4 -3.32 -3.94 4.91
CA LEU A 4 -2.12 -3.26 5.39
C LEU A 4 -0.89 -3.98 4.83
N HIS A 5 -0.85 -5.28 5.05
CA HIS A 5 0.26 -6.09 4.58
C HIS A 5 -0.01 -6.54 3.15
N GLU A 6 -0.46 -5.60 2.34
CA GLU A 6 -0.77 -5.89 0.94
C GLU A 6 -0.28 -4.76 0.05
N SER A 7 0.75 -5.07 -0.73
CA SER A 7 1.33 -4.08 -1.64
C SER A 7 0.24 -3.12 -2.12
N CYS A 8 0.62 -1.86 -2.23
CA CYS A 8 -0.31 -0.82 -2.68
C CYS A 8 0.33 -0.09 -3.86
N LEU A 9 1.48 -0.59 -4.28
CA LEU A 9 2.19 0.01 -5.39
C LEU A 9 1.28 0.04 -6.62
N GLY A 10 1.21 1.21 -7.25
CA GLY A 10 0.39 1.37 -8.43
C GLY A 10 -0.91 0.58 -8.31
N GLN A 11 -1.64 0.87 -7.24
CA GLN A 11 -2.91 0.19 -6.99
C GLN A 11 -4.07 1.02 -7.53
N GLN A 12 -5.07 0.32 -8.06
CA GLN A 12 -6.24 0.98 -8.60
C GLN A 12 -7.35 1.05 -7.55
N VAL A 13 -7.09 0.42 -6.42
CA VAL A 13 -8.05 0.40 -5.34
C VAL A 13 -7.39 0.93 -4.05
N PRO A 14 -8.24 1.51 -3.17
CA PRO A 14 -7.74 2.05 -1.91
C PRO A 14 -7.42 0.94 -0.92
N CYS A 15 -7.07 1.35 0.29
CA CYS A 15 -6.74 0.39 1.33
C CYS A 15 -7.92 0.29 2.29
N CYS A 16 -8.40 -0.94 2.46
CA CYS A 16 -9.52 -1.19 3.34
C CYS A 16 -9.18 -0.63 4.73
N ASP A 17 -7.89 -0.57 5.01
CA ASP A 17 -7.42 -0.07 6.29
C ASP A 17 -7.15 1.43 6.16
N PRO A 18 -7.99 2.22 6.90
CA PRO A 18 -7.85 3.67 6.88
C PRO A 18 -6.66 4.13 7.70
N ALA A 19 -6.28 3.28 8.66
CA ALA A 19 -5.15 3.58 9.52
C ALA A 19 -3.87 3.06 8.87
N ALA A 20 -3.92 2.91 7.55
CA ALA A 20 -2.78 2.42 6.81
C ALA A 20 -2.20 3.56 5.96
N THR A 21 -0.98 3.35 5.50
CA THR A 21 -0.30 4.35 4.69
C THR A 21 0.41 3.69 3.52
N CYS A 22 0.00 4.08 2.32
CA CYS A 22 0.58 3.54 1.10
C CYS A 22 1.99 4.10 0.96
N TYR A 23 2.93 3.46 1.63
CA TYR A 23 4.33 3.88 1.59
C TYR A 23 5.18 2.88 0.83
N CYS A 24 6.25 3.38 0.24
CA CYS A 24 7.16 2.54 -0.52
C CYS A 24 8.56 2.70 0.06
N ARG A 25 9.16 1.58 0.42
CA ARG A 25 10.50 1.58 0.99
C ARG A 25 11.52 2.08 -0.04
N PHE A 26 11.67 1.30 -1.10
CA PHE A 26 12.60 1.65 -2.16
C PHE A 26 12.00 2.70 -3.09
N PHE A 27 12.51 2.74 -4.31
CA PHE A 27 12.03 3.69 -5.30
C PHE A 27 10.70 3.25 -5.88
N ASN A 28 10.73 2.11 -6.56
CA ASN A 28 9.53 1.57 -7.18
C ASN A 28 9.59 0.04 -7.13
N ALA A 29 9.32 -0.50 -5.95
CA ALA A 29 9.34 -1.94 -5.76
C ALA A 29 8.45 -2.31 -4.57
N PHE A 30 9.01 -2.12 -3.38
CA PHE A 30 8.28 -2.43 -2.17
C PHE A 30 7.39 -1.26 -1.74
N CYS A 31 6.09 -1.44 -1.94
CA CYS A 31 5.13 -0.41 -1.59
C CYS A 31 3.84 -1.10 -1.10
N TYR A 32 3.49 -0.79 0.13
CA TYR A 32 2.28 -1.37 0.72
C TYR A 32 1.62 -0.38 1.69
N CYS A 33 0.73 -0.92 2.50
CA CYS A 33 0.01 -0.11 3.48
C CYS A 33 0.65 -0.34 4.85
N ARG A 34 1.41 0.65 5.28
CA ARG A 34 2.08 0.57 6.57
C ARG A 34 1.61 1.70 7.49
N CYS A 1 -10.65 -3.50 -1.86
CA CYS A 1 -9.69 -2.69 -1.13
C CYS A 1 -8.35 -3.43 -1.10
N VAL A 2 -7.44 -2.91 -0.28
CA VAL A 2 -6.13 -3.52 -0.16
C VAL A 2 -5.76 -3.62 1.32
N ARG A 3 -5.25 -4.78 1.69
CA ARG A 3 -4.86 -5.03 3.07
C ARG A 3 -3.54 -4.31 3.38
N LEU A 4 -3.37 -3.96 4.65
CA LEU A 4 -2.17 -3.27 5.08
C LEU A 4 -0.94 -4.04 4.60
N HIS A 5 -1.05 -5.37 4.63
CA HIS A 5 0.04 -6.22 4.19
C HIS A 5 -0.16 -6.58 2.72
N GLU A 6 -0.51 -5.57 1.93
CA GLU A 6 -0.72 -5.77 0.50
C GLU A 6 -0.27 -4.54 -0.27
N SER A 7 0.82 -4.71 -1.01
CA SER A 7 1.37 -3.63 -1.80
C SER A 7 0.23 -2.79 -2.40
N CYS A 8 0.55 -1.53 -2.68
CA CYS A 8 -0.43 -0.63 -3.25
C CYS A 8 0.13 -0.07 -4.56
N LEU A 9 1.28 -0.61 -4.94
CA LEU A 9 1.93 -0.18 -6.17
C LEU A 9 0.89 -0.02 -7.27
N GLY A 10 0.73 1.22 -7.72
CA GLY A 10 -0.23 1.54 -8.76
C GLY A 10 -1.51 0.72 -8.58
N GLN A 11 -2.04 0.76 -7.36
CA GLN A 11 -3.25 0.04 -7.05
C GLN A 11 -4.47 0.84 -7.50
N GLN A 12 -5.47 0.10 -7.97
CA GLN A 12 -6.70 0.72 -8.44
C GLN A 12 -7.76 0.71 -7.33
N VAL A 13 -7.49 -0.08 -6.31
CA VAL A 13 -8.40 -0.19 -5.19
C VAL A 13 -7.79 0.48 -3.96
N PRO A 14 -8.68 0.98 -3.07
CA PRO A 14 -8.23 1.66 -1.85
C PRO A 14 -7.72 0.65 -0.82
N CYS A 15 -7.12 1.18 0.23
CA CYS A 15 -6.59 0.33 1.28
C CYS A 15 -7.71 0.05 2.29
N CYS A 16 -7.90 -1.22 2.57
CA CYS A 16 -8.94 -1.63 3.51
C CYS A 16 -8.82 -0.75 4.76
N ASP A 17 -7.60 -0.67 5.27
CA ASP A 17 -7.34 0.12 6.46
C ASP A 17 -7.15 1.59 6.05
N PRO A 18 -8.06 2.46 6.58
CA PRO A 18 -7.99 3.88 6.28
C PRO A 18 -6.86 4.55 7.05
N ALA A 19 -6.51 3.94 8.17
CA ALA A 19 -5.44 4.47 9.00
C ALA A 19 -4.11 3.84 8.58
N ALA A 20 -4.04 3.49 7.30
CA ALA A 20 -2.84 2.87 6.76
C ALA A 20 -1.99 3.94 6.09
N THR A 21 -0.77 3.55 5.72
CA THR A 21 0.14 4.47 5.07
C THR A 21 0.92 3.74 3.97
N CYS A 22 0.46 3.93 2.74
CA CYS A 22 1.10 3.31 1.59
C CYS A 22 2.54 3.81 1.52
N TYR A 23 3.41 3.14 2.28
CA TYR A 23 4.81 3.50 2.31
C TYR A 23 5.62 2.61 1.37
N CYS A 24 6.66 3.20 0.80
CA CYS A 24 7.52 2.47 -0.12
C CYS A 24 8.94 2.47 0.46
N ARG A 25 9.49 1.27 0.60
CA ARG A 25 10.83 1.12 1.13
C ARG A 25 11.87 1.67 0.15
N PHE A 26 11.97 1.01 -1.00
CA PHE A 26 12.90 1.42 -2.03
C PHE A 26 12.34 2.58 -2.85
N PHE A 27 12.84 2.70 -4.08
CA PHE A 27 12.39 3.76 -4.97
C PHE A 27 11.02 3.43 -5.56
N ASN A 28 10.99 2.33 -6.32
CA ASN A 28 9.76 1.90 -6.95
C ASN A 28 9.73 0.37 -7.02
N ALA A 29 9.43 -0.23 -5.88
CA ALA A 29 9.38 -1.68 -5.78
C ALA A 29 8.45 -2.08 -4.63
N PHE A 30 9.00 -2.01 -3.43
CA PHE A 30 8.25 -2.36 -2.23
C PHE A 30 7.43 -1.17 -1.73
N CYS A 31 6.12 -1.27 -1.91
CA CYS A 31 5.22 -0.21 -1.49
C CYS A 31 3.91 -0.85 -1.04
N TYR A 32 3.62 -0.71 0.25
CA TYR A 32 2.41 -1.27 0.82
C TYR A 32 1.85 -0.36 1.92
N CYS A 33 0.68 -0.73 2.42
CA CYS A 33 0.04 0.02 3.47
C CYS A 33 0.75 -0.28 4.79
N ARG A 34 1.17 0.79 5.46
CA ARG A 34 1.87 0.65 6.73
C ARG A 34 1.27 1.61 7.76
N CYS A 1 -10.27 -3.15 -1.80
CA CYS A 1 -9.22 -2.36 -1.19
C CYS A 1 -8.02 -3.25 -0.89
N VAL A 2 -6.92 -2.63 -0.53
CA VAL A 2 -5.71 -3.36 -0.20
C VAL A 2 -5.48 -3.33 1.30
N ARG A 3 -4.98 -4.45 1.82
CA ARG A 3 -4.72 -4.56 3.24
C ARG A 3 -3.33 -4.00 3.56
N LEU A 4 -3.14 -3.67 4.83
CA LEU A 4 -1.87 -3.13 5.28
C LEU A 4 -0.72 -4.02 4.76
N HIS A 5 -0.89 -5.32 4.97
CA HIS A 5 0.11 -6.28 4.54
C HIS A 5 -0.18 -6.70 3.10
N GLU A 6 -0.46 -5.70 2.27
CA GLU A 6 -0.75 -5.95 0.86
C GLU A 6 -0.22 -4.81 0.00
N SER A 7 0.79 -5.13 -0.79
CA SER A 7 1.39 -4.15 -1.68
C SER A 7 0.31 -3.21 -2.23
N CYS A 8 0.74 -2.01 -2.58
CA CYS A 8 -0.18 -1.02 -3.13
C CYS A 8 0.38 -0.53 -4.47
N LEU A 9 1.42 -1.21 -4.92
CA LEU A 9 2.06 -0.86 -6.18
C LEU A 9 0.98 -0.48 -7.20
N GLY A 10 1.04 0.77 -7.64
CA GLY A 10 0.08 1.26 -8.62
C GLY A 10 -1.30 0.63 -8.39
N GLN A 11 -1.86 0.90 -7.23
CA GLN A 11 -3.17 0.36 -6.88
C GLN A 11 -4.25 1.39 -7.18
N GLN A 12 -5.36 0.89 -7.72
CA GLN A 12 -6.48 1.75 -8.07
C GLN A 12 -7.51 1.76 -6.94
N VAL A 13 -7.26 0.93 -5.94
CA VAL A 13 -8.14 0.83 -4.79
C VAL A 13 -7.43 1.39 -3.56
N PRO A 14 -8.27 1.89 -2.60
CA PRO A 14 -7.72 2.44 -1.37
C PRO A 14 -7.27 1.34 -0.42
N CYS A 15 -6.80 1.75 0.75
CA CYS A 15 -6.33 0.81 1.75
C CYS A 15 -7.53 0.32 2.55
N CYS A 16 -7.69 -0.99 2.56
CA CYS A 16 -8.79 -1.61 3.29
C CYS A 16 -8.72 -1.14 4.75
N ASP A 17 -7.52 -0.79 5.16
CA ASP A 17 -7.30 -0.33 6.53
C ASP A 17 -7.11 1.19 6.52
N PRO A 18 -7.74 1.86 7.52
CA PRO A 18 -7.66 3.30 7.64
C PRO A 18 -6.29 3.72 8.19
N ALA A 19 -5.69 2.80 8.95
CA ALA A 19 -4.39 3.07 9.53
C ALA A 19 -3.29 2.59 8.58
N ALA A 20 -3.62 2.62 7.30
CA ALA A 20 -2.68 2.19 6.27
C ALA A 20 -2.65 3.22 5.15
N THR A 21 -1.47 3.38 4.57
CA THR A 21 -1.29 4.33 3.49
C THR A 21 -0.34 3.76 2.43
N CYS A 22 -0.62 4.10 1.18
CA CYS A 22 0.20 3.64 0.07
C CYS A 22 1.62 4.17 0.27
N TYR A 23 2.37 3.46 1.09
CA TYR A 23 3.74 3.85 1.38
C TYR A 23 4.73 2.85 0.77
N CYS A 24 5.85 3.38 0.31
CA CYS A 24 6.88 2.55 -0.30
C CYS A 24 8.22 2.87 0.39
N ARG A 25 8.86 1.81 0.86
CA ARG A 25 10.15 1.97 1.54
C ARG A 25 11.19 2.51 0.57
N PHE A 26 11.43 1.74 -0.49
CA PHE A 26 12.40 2.13 -1.50
C PHE A 26 11.74 2.93 -2.62
N PHE A 27 12.40 2.93 -3.76
CA PHE A 27 11.88 3.65 -4.92
C PHE A 27 10.74 2.89 -5.59
N ASN A 28 11.08 1.71 -6.11
CA ASN A 28 10.08 0.88 -6.76
C ASN A 28 10.44 -0.60 -6.54
N ALA A 29 10.16 -1.07 -5.33
CA ALA A 29 10.43 -2.45 -4.98
C ALA A 29 9.51 -2.87 -3.83
N PHE A 30 9.30 -1.94 -2.90
CA PHE A 30 8.45 -2.21 -1.76
C PHE A 30 7.43 -1.08 -1.57
N CYS A 31 6.18 -1.41 -1.85
CA CYS A 31 5.10 -0.44 -1.70
C CYS A 31 3.83 -1.19 -1.29
N TYR A 32 3.32 -0.83 -0.12
CA TYR A 32 2.12 -1.45 0.40
C TYR A 32 1.28 -0.45 1.20
N CYS A 33 0.36 -0.99 1.98
CA CYS A 33 -0.50 -0.15 2.79
C CYS A 33 0.14 0.01 4.16
N ARG A 34 1.11 0.92 4.23
CA ARG A 34 1.80 1.19 5.47
C ARG A 34 1.61 2.65 5.89
N CYS A 1 -10.10 -3.94 -2.18
CA CYS A 1 -9.33 -3.06 -1.32
C CYS A 1 -7.93 -3.65 -1.16
N VAL A 2 -7.16 -3.03 -0.27
CA VAL A 2 -5.81 -3.49 -0.01
C VAL A 2 -5.57 -3.54 1.50
N ARG A 3 -5.01 -4.66 1.94
CA ARG A 3 -4.72 -4.83 3.36
C ARG A 3 -3.41 -4.15 3.73
N LEU A 4 -3.21 -3.95 5.03
CA LEU A 4 -2.02 -3.31 5.53
C LEU A 4 -0.79 -4.00 4.93
N HIS A 5 -0.86 -5.32 4.90
CA HIS A 5 0.24 -6.12 4.36
C HIS A 5 -0.06 -6.49 2.91
N GLU A 6 -0.48 -5.49 2.15
CA GLU A 6 -0.81 -5.69 0.75
C GLU A 6 -0.28 -4.52 -0.09
N SER A 7 0.69 -4.84 -0.94
CA SER A 7 1.28 -3.82 -1.80
C SER A 7 0.21 -2.82 -2.24
N CYS A 8 0.65 -1.60 -2.49
CA CYS A 8 -0.26 -0.54 -2.90
C CYS A 8 0.26 0.04 -4.23
N LEU A 9 1.35 -0.55 -4.70
CA LEU A 9 1.95 -0.11 -5.96
C LEU A 9 0.86 0.02 -7.02
N GLY A 10 0.79 1.21 -7.60
CA GLY A 10 -0.20 1.48 -8.63
C GLY A 10 -1.50 0.72 -8.36
N GLN A 11 -2.12 1.06 -7.24
CA GLN A 11 -3.37 0.43 -6.85
C GLN A 11 -4.57 1.27 -7.30
N GLN A 12 -5.55 0.59 -7.85
CA GLN A 12 -6.75 1.26 -8.32
C GLN A 12 -7.84 1.23 -7.26
N VAL A 13 -7.65 0.36 -6.28
CA VAL A 13 -8.59 0.21 -5.19
C VAL A 13 -8.01 0.82 -3.93
N PRO A 14 -8.93 1.22 -3.00
CA PRO A 14 -8.51 1.83 -1.74
C PRO A 14 -7.96 0.76 -0.79
N CYS A 15 -7.53 1.23 0.39
CA CYS A 15 -6.98 0.34 1.39
C CYS A 15 -8.06 0.08 2.45
N CYS A 16 -8.34 -1.19 2.66
CA CYS A 16 -9.34 -1.58 3.64
C CYS A 16 -8.96 -0.96 4.99
N ASP A 17 -7.66 -0.76 5.16
CA ASP A 17 -7.16 -0.18 6.39
C ASP A 17 -7.05 1.34 6.23
N PRO A 18 -7.85 2.06 7.06
CA PRO A 18 -7.85 3.52 7.02
C PRO A 18 -6.59 4.08 7.68
N ALA A 19 -6.03 3.31 8.59
CA ALA A 19 -4.83 3.72 9.29
C ALA A 19 -3.60 3.23 8.52
N ALA A 20 -3.77 3.11 7.22
CA ALA A 20 -2.69 2.65 6.36
C ALA A 20 -2.27 3.79 5.42
N THR A 21 -1.06 3.66 4.90
CA THR A 21 -0.53 4.67 3.99
C THR A 21 0.33 4.02 2.91
N CYS A 22 0.08 4.41 1.67
CA CYS A 22 0.83 3.87 0.55
C CYS A 22 2.30 4.25 0.73
N TYR A 23 2.99 3.43 1.52
CA TYR A 23 4.40 3.66 1.78
C TYR A 23 5.27 2.70 0.97
N CYS A 24 6.42 3.20 0.55
CA CYS A 24 7.35 2.40 -0.22
C CYS A 24 8.72 2.44 0.46
N ARG A 25 9.25 1.27 0.74
CA ARG A 25 10.55 1.16 1.38
C ARG A 25 11.64 1.70 0.47
N PHE A 26 11.85 0.99 -0.63
CA PHE A 26 12.87 1.38 -1.60
C PHE A 26 12.35 2.50 -2.51
N PHE A 27 12.97 2.59 -3.68
CA PHE A 27 12.57 3.61 -4.65
C PHE A 27 11.29 3.22 -5.37
N ASN A 28 11.36 2.10 -6.09
CA ASN A 28 10.21 1.61 -6.82
C ASN A 28 10.22 0.08 -6.82
N ALA A 29 9.83 -0.48 -5.69
CA ALA A 29 9.79 -1.93 -5.54
C ALA A 29 8.78 -2.31 -4.47
N PHE A 30 9.21 -2.17 -3.22
CA PHE A 30 8.35 -2.49 -2.10
C PHE A 30 7.47 -1.30 -1.71
N CYS A 31 6.18 -1.45 -1.98
CA CYS A 31 5.23 -0.40 -1.67
C CYS A 31 3.90 -1.05 -1.28
N TYR A 32 3.48 -0.76 -0.05
CA TYR A 32 2.24 -1.31 0.45
C TYR A 32 1.53 -0.31 1.37
N CYS A 33 0.59 -0.83 2.14
CA CYS A 33 -0.17 0.00 3.07
C CYS A 33 0.48 -0.09 4.44
N ARG A 34 1.26 0.93 4.77
CA ARG A 34 1.95 0.97 6.04
C ARG A 34 1.58 2.25 6.80
N CYS A 1 -10.66 -3.47 -1.82
CA CYS A 1 -9.66 -2.62 -1.17
C CYS A 1 -8.39 -3.45 -0.98
N VAL A 2 -7.32 -2.75 -0.62
CA VAL A 2 -6.04 -3.40 -0.40
C VAL A 2 -5.76 -3.48 1.10
N ARG A 3 -5.28 -4.64 1.52
CA ARG A 3 -4.97 -4.87 2.92
C ARG A 3 -3.70 -4.12 3.30
N LEU A 4 -3.49 -4.00 4.62
CA LEU A 4 -2.32 -3.32 5.13
C LEU A 4 -1.06 -3.98 4.56
N HIS A 5 -0.98 -5.29 4.75
CA HIS A 5 0.16 -6.06 4.26
C HIS A 5 -0.07 -6.44 2.80
N GLU A 6 -0.51 -5.46 2.03
CA GLU A 6 -0.76 -5.67 0.61
C GLU A 6 -0.28 -4.47 -0.21
N SER A 7 0.80 -4.69 -0.94
CA SER A 7 1.37 -3.64 -1.77
C SER A 7 0.25 -2.78 -2.36
N CYS A 8 0.59 -1.53 -2.60
CA CYS A 8 -0.37 -0.58 -3.17
C CYS A 8 0.18 -0.07 -4.49
N LEU A 9 1.34 -0.59 -4.86
CA LEU A 9 1.99 -0.19 -6.10
C LEU A 9 0.94 -0.14 -7.22
N GLY A 10 0.73 1.07 -7.73
CA GLY A 10 -0.23 1.27 -8.80
C GLY A 10 -1.49 0.45 -8.56
N GLN A 11 -2.09 0.65 -7.39
CA GLN A 11 -3.30 -0.06 -7.02
C GLN A 11 -4.52 0.64 -7.63
N GLN A 12 -5.55 -0.16 -7.88
CA GLN A 12 -6.78 0.35 -8.45
C GLN A 12 -7.80 0.64 -7.35
N VAL A 13 -7.72 -0.16 -6.30
CA VAL A 13 -8.63 -0.01 -5.17
C VAL A 13 -7.87 0.58 -3.98
N PRO A 14 -8.63 1.24 -3.07
CA PRO A 14 -8.04 1.85 -1.89
C PRO A 14 -7.68 0.78 -0.85
N CYS A 15 -6.95 1.22 0.16
CA CYS A 15 -6.53 0.31 1.23
C CYS A 15 -7.71 0.10 2.17
N CYS A 16 -7.96 -1.16 2.47
CA CYS A 16 -9.05 -1.53 3.35
C CYS A 16 -8.93 -0.68 4.62
N ASP A 17 -7.70 -0.60 5.13
CA ASP A 17 -7.44 0.16 6.34
C ASP A 17 -7.14 1.60 5.96
N PRO A 18 -8.03 2.53 6.43
CA PRO A 18 -7.86 3.94 6.16
C PRO A 18 -6.74 4.54 7.01
N ALA A 19 -6.49 3.90 8.14
CA ALA A 19 -5.45 4.34 9.05
C ALA A 19 -4.12 3.70 8.66
N ALA A 20 -4.02 3.35 7.38
CA ALA A 20 -2.81 2.74 6.87
C ALA A 20 -1.95 3.79 6.19
N THR A 21 -0.69 3.44 5.95
CA THR A 21 0.25 4.34 5.31
C THR A 21 0.98 3.63 4.17
N CYS A 22 0.50 3.87 2.96
CA CYS A 22 1.10 3.26 1.78
C CYS A 22 2.53 3.80 1.65
N TYR A 23 3.44 3.14 2.36
CA TYR A 23 4.84 3.53 2.32
C TYR A 23 5.65 2.63 1.40
N CYS A 24 6.67 3.20 0.79
CA CYS A 24 7.52 2.46 -0.12
C CYS A 24 8.95 2.48 0.44
N ARG A 25 9.51 1.29 0.57
CA ARG A 25 10.87 1.16 1.09
C ARG A 25 11.88 1.74 0.09
N PHE A 26 11.97 1.08 -1.06
CA PHE A 26 12.88 1.52 -2.10
C PHE A 26 12.27 2.67 -2.91
N PHE A 27 12.77 2.80 -4.13
CA PHE A 27 12.29 3.86 -5.01
C PHE A 27 10.92 3.49 -5.61
N ASN A 28 10.90 2.40 -6.36
CA ASN A 28 9.67 1.94 -6.98
C ASN A 28 9.68 0.42 -7.05
N ALA A 29 9.40 -0.19 -5.91
CA ALA A 29 9.37 -1.64 -5.82
C ALA A 29 8.46 -2.05 -4.66
N PHE A 30 9.01 -1.95 -3.46
CA PHE A 30 8.27 -2.31 -2.27
C PHE A 30 7.44 -1.13 -1.75
N CYS A 31 6.14 -1.25 -1.92
CA CYS A 31 5.23 -0.21 -1.48
C CYS A 31 3.92 -0.87 -1.02
N TYR A 32 3.65 -0.74 0.27
CA TYR A 32 2.45 -1.32 0.85
C TYR A 32 1.89 -0.43 1.96
N CYS A 33 0.74 -0.83 2.47
CA CYS A 33 0.10 -0.08 3.54
C CYS A 33 0.79 -0.43 4.86
N ARG A 34 1.19 0.61 5.57
CA ARG A 34 1.87 0.43 6.85
C ARG A 34 1.48 1.54 7.82
N CYS A 1 -10.24 -3.44 -2.37
CA CYS A 1 -9.42 -2.68 -1.45
C CYS A 1 -8.08 -3.39 -1.28
N VAL A 2 -7.28 -2.88 -0.35
CA VAL A 2 -5.98 -3.47 -0.08
C VAL A 2 -5.77 -3.56 1.43
N ARG A 3 -5.11 -4.63 1.84
CA ARG A 3 -4.84 -4.84 3.25
C ARG A 3 -3.53 -4.15 3.65
N LEU A 4 -3.30 -4.11 4.95
CA LEU A 4 -2.10 -3.47 5.48
C LEU A 4 -0.87 -4.11 4.85
N HIS A 5 -0.75 -5.41 5.05
CA HIS A 5 0.37 -6.16 4.51
C HIS A 5 0.08 -6.56 3.06
N GLU A 6 -0.41 -5.60 2.29
CA GLU A 6 -0.74 -5.84 0.91
C GLU A 6 -0.22 -4.70 0.03
N SER A 7 0.78 -5.03 -0.78
CA SER A 7 1.38 -4.05 -1.67
C SER A 7 0.31 -3.06 -2.16
N CYS A 8 0.75 -1.84 -2.41
CA CYS A 8 -0.15 -0.80 -2.88
C CYS A 8 0.39 -0.25 -4.19
N LEU A 9 1.49 -0.84 -4.64
CA LEU A 9 2.12 -0.41 -5.88
C LEU A 9 1.04 -0.21 -6.95
N GLY A 10 1.05 0.99 -7.51
CA GLY A 10 0.08 1.33 -8.54
C GLY A 10 -1.25 0.62 -8.30
N GLN A 11 -1.87 0.95 -7.17
CA GLN A 11 -3.14 0.37 -6.81
C GLN A 11 -4.30 1.26 -7.25
N GLN A 12 -5.33 0.64 -7.79
CA GLN A 12 -6.49 1.37 -8.27
C GLN A 12 -7.57 1.40 -7.18
N VAL A 13 -7.41 0.53 -6.20
CA VAL A 13 -8.35 0.44 -5.10
C VAL A 13 -7.70 0.97 -3.82
N PRO A 14 -8.55 1.51 -2.91
CA PRO A 14 -8.06 2.05 -1.66
C PRO A 14 -7.68 0.92 -0.68
N CYS A 15 -7.24 1.33 0.49
CA CYS A 15 -6.83 0.37 1.51
C CYS A 15 -8.00 0.19 2.49
N CYS A 16 -8.39 -1.05 2.67
CA CYS A 16 -9.48 -1.37 3.58
C CYS A 16 -9.16 -0.76 4.95
N ASP A 17 -7.87 -0.61 5.21
CA ASP A 17 -7.42 -0.05 6.47
C ASP A 17 -7.33 1.47 6.33
N PRO A 18 -7.96 2.18 7.31
CA PRO A 18 -7.95 3.63 7.32
C PRO A 18 -6.60 4.17 7.77
N ALA A 19 -5.93 3.39 8.61
CA ALA A 19 -4.64 3.77 9.13
C ALA A 19 -3.55 3.17 8.25
N ALA A 20 -3.89 2.98 6.98
CA ALA A 20 -2.95 2.41 6.02
C ALA A 20 -2.47 3.50 5.07
N THR A 21 -1.16 3.59 4.92
CA THR A 21 -0.57 4.58 4.04
C THR A 21 0.29 3.90 2.97
N CYS A 22 0.02 4.25 1.72
CA CYS A 22 0.75 3.69 0.61
C CYS A 22 2.23 4.08 0.76
N TYR A 23 2.94 3.32 1.57
CA TYR A 23 4.35 3.59 1.81
C TYR A 23 5.23 2.66 0.95
N CYS A 24 6.36 3.19 0.54
CA CYS A 24 7.30 2.44 -0.28
C CYS A 24 8.68 2.56 0.35
N ARG A 25 9.28 1.41 0.64
CA ARG A 25 10.61 1.38 1.24
C ARG A 25 11.63 1.96 0.26
N PHE A 26 11.83 1.25 -0.84
CA PHE A 26 12.77 1.67 -1.85
C PHE A 26 12.17 2.75 -2.76
N PHE A 27 12.72 2.84 -3.95
CA PHE A 27 12.25 3.83 -4.91
C PHE A 27 10.94 3.38 -5.55
N ASN A 28 11.02 2.27 -6.26
CA ASN A 28 9.85 1.72 -6.94
C ASN A 28 9.93 0.20 -6.94
N ALA A 29 9.62 -0.37 -5.78
CA ALA A 29 9.66 -1.82 -5.64
C ALA A 29 8.73 -2.23 -4.49
N PHE A 30 9.23 -2.07 -3.28
CA PHE A 30 8.45 -2.42 -2.10
C PHE A 30 7.51 -1.27 -1.69
N CYS A 31 6.23 -1.48 -1.92
CA CYS A 31 5.24 -0.48 -1.58
C CYS A 31 3.95 -1.19 -1.18
N TYR A 32 3.51 -0.91 0.04
CA TYR A 32 2.30 -1.52 0.57
C TYR A 32 1.55 -0.55 1.47
N CYS A 33 0.62 -1.11 2.25
CA CYS A 33 -0.16 -0.30 3.17
C CYS A 33 0.53 -0.31 4.54
N ARG A 34 1.13 0.82 4.87
CA ARG A 34 1.83 0.95 6.14
C ARG A 34 1.26 2.12 6.93
N CYS A 1 -10.17 -3.28 -1.74
CA CYS A 1 -9.23 -2.46 -0.99
C CYS A 1 -7.96 -3.29 -0.74
N VAL A 2 -6.89 -2.59 -0.40
CA VAL A 2 -5.63 -3.24 -0.13
C VAL A 2 -5.38 -3.26 1.38
N ARG A 3 -5.01 -4.43 1.88
CA ARG A 3 -4.75 -4.59 3.30
C ARG A 3 -3.35 -4.05 3.64
N LEU A 4 -3.15 -3.79 4.92
CA LEU A 4 -1.88 -3.27 5.40
C LEU A 4 -0.74 -4.12 4.82
N HIS A 5 -0.97 -5.43 4.82
CA HIS A 5 0.02 -6.36 4.31
C HIS A 5 -0.30 -6.70 2.84
N GLU A 6 -0.54 -5.65 2.08
CA GLU A 6 -0.85 -5.82 0.66
C GLU A 6 -0.27 -4.67 -0.15
N SER A 7 0.66 -5.01 -1.03
CA SER A 7 1.31 -4.02 -1.87
C SER A 7 0.27 -3.01 -2.37
N CYS A 8 0.77 -1.83 -2.73
CA CYS A 8 -0.11 -0.77 -3.22
C CYS A 8 0.43 -0.31 -4.57
N LEU A 9 1.46 -0.99 -5.04
CA LEU A 9 2.07 -0.66 -6.32
C LEU A 9 0.98 -0.50 -7.37
N GLY A 10 0.73 0.75 -7.74
CA GLY A 10 -0.29 1.05 -8.73
C GLY A 10 -1.66 0.53 -8.29
N GLN A 11 -1.97 0.78 -7.03
CA GLN A 11 -3.24 0.35 -6.47
C GLN A 11 -4.38 1.24 -6.99
N GLN A 12 -5.43 0.59 -7.45
CA GLN A 12 -6.57 1.31 -7.98
C GLN A 12 -7.65 1.44 -6.90
N VAL A 13 -7.48 0.67 -5.84
CA VAL A 13 -8.43 0.69 -4.73
C VAL A 13 -7.73 1.21 -3.48
N PRO A 14 -8.55 1.74 -2.53
CA PRO A 14 -8.02 2.27 -1.28
C PRO A 14 -7.58 1.14 -0.34
N CYS A 15 -6.88 1.53 0.71
CA CYS A 15 -6.40 0.57 1.69
C CYS A 15 -7.59 0.11 2.53
N CYS A 16 -7.67 -1.20 2.72
CA CYS A 16 -8.75 -1.78 3.50
C CYS A 16 -8.75 -1.12 4.89
N ASP A 17 -7.55 -0.90 5.40
CA ASP A 17 -7.39 -0.28 6.71
C ASP A 17 -7.25 1.23 6.53
N PRO A 18 -7.86 1.98 7.49
CA PRO A 18 -7.81 3.43 7.45
C PRO A 18 -6.44 3.94 7.88
N ALA A 19 -5.76 3.14 8.69
CA ALA A 19 -4.45 3.49 9.18
C ALA A 19 -3.39 2.97 8.22
N ALA A 20 -3.78 2.84 6.96
CA ALA A 20 -2.89 2.35 5.93
C ALA A 20 -2.66 3.45 4.89
N THR A 21 -1.42 3.54 4.43
CA THR A 21 -1.05 4.54 3.44
C THR A 21 -0.09 3.94 2.41
N CYS A 22 -0.33 4.28 1.16
CA CYS A 22 0.51 3.79 0.07
C CYS A 22 1.96 4.22 0.36
N TYR A 23 2.63 3.41 1.16
CA TYR A 23 4.02 3.69 1.51
C TYR A 23 4.97 2.73 0.81
N CYS A 24 6.12 3.27 0.41
CA CYS A 24 7.12 2.46 -0.27
C CYS A 24 8.46 2.62 0.48
N ARG A 25 9.03 1.48 0.84
CA ARG A 25 10.29 1.48 1.55
C ARG A 25 11.41 2.01 0.66
N PHE A 26 11.70 1.26 -0.40
CA PHE A 26 12.73 1.66 -1.34
C PHE A 26 12.22 2.71 -2.32
N PHE A 27 12.88 2.78 -3.47
CA PHE A 27 12.50 3.74 -4.49
C PHE A 27 11.25 3.27 -5.24
N ASN A 28 11.37 2.15 -5.91
CA ASN A 28 10.27 1.59 -6.67
C ASN A 28 10.35 0.06 -6.63
N ALA A 29 9.94 -0.49 -5.50
CA ALA A 29 9.96 -1.93 -5.31
C ALA A 29 8.93 -2.31 -4.25
N PHE A 30 9.31 -2.12 -2.99
CA PHE A 30 8.43 -2.44 -1.88
C PHE A 30 7.48 -1.29 -1.58
N CYS A 31 6.22 -1.52 -1.89
CA CYS A 31 5.19 -0.51 -1.67
C CYS A 31 3.88 -1.22 -1.31
N TYR A 32 3.38 -0.90 -0.12
CA TYR A 32 2.14 -1.50 0.35
C TYR A 32 1.35 -0.51 1.20
N CYS A 33 0.38 -1.05 1.93
CA CYS A 33 -0.44 -0.25 2.80
C CYS A 33 0.26 -0.11 4.15
N ARG A 34 0.91 1.03 4.35
CA ARG A 34 1.62 1.29 5.59
C ARG A 34 1.24 2.67 6.13
N CYS A 1 -10.58 -2.47 -1.96
CA CYS A 1 -9.55 -1.92 -1.11
C CYS A 1 -8.37 -2.89 -1.11
N VAL A 2 -7.37 -2.57 -0.29
CA VAL A 2 -6.19 -3.41 -0.18
C VAL A 2 -5.81 -3.57 1.30
N ARG A 3 -5.24 -4.71 1.61
CA ARG A 3 -4.82 -5.00 2.97
C ARG A 3 -3.52 -4.27 3.29
N LEU A 4 -3.26 -4.13 4.59
CA LEU A 4 -2.06 -3.46 5.04
C LEU A 4 -0.83 -4.21 4.52
N HIS A 5 -0.90 -5.53 4.61
CA HIS A 5 0.20 -6.37 4.15
C HIS A 5 -0.05 -6.78 2.70
N GLU A 6 -0.41 -5.79 1.89
CA GLU A 6 -0.67 -6.02 0.48
C GLU A 6 -0.17 -4.85 -0.35
N SER A 7 0.90 -5.10 -1.10
CA SER A 7 1.49 -4.07 -1.95
C SER A 7 0.38 -3.29 -2.65
N CYS A 8 0.73 -2.09 -3.09
CA CYS A 8 -0.21 -1.23 -3.78
C CYS A 8 0.44 -0.77 -5.09
N LEU A 9 1.58 -1.36 -5.39
CA LEU A 9 2.30 -1.02 -6.60
C LEU A 9 1.33 -0.95 -7.77
N GLY A 10 1.06 0.26 -8.22
CA GLY A 10 0.15 0.47 -9.33
C GLY A 10 -1.24 -0.08 -9.01
N GLN A 11 -1.72 0.24 -7.80
CA GLN A 11 -3.02 -0.23 -7.36
C GLN A 11 -4.11 0.73 -7.84
N GLN A 12 -5.34 0.34 -7.61
CA GLN A 12 -6.49 1.14 -8.00
C GLN A 12 -7.49 1.25 -6.85
N VAL A 13 -7.17 0.56 -5.77
CA VAL A 13 -8.03 0.57 -4.60
C VAL A 13 -7.30 1.23 -3.43
N PRO A 14 -8.09 1.86 -2.53
CA PRO A 14 -7.52 2.52 -1.36
C PRO A 14 -7.07 1.51 -0.32
N CYS A 15 -6.58 2.03 0.79
CA CYS A 15 -6.12 1.18 1.88
C CYS A 15 -7.33 0.77 2.72
N CYS A 16 -7.62 -0.52 2.69
CA CYS A 16 -8.75 -1.05 3.42
C CYS A 16 -8.56 -0.68 4.90
N ASP A 17 -7.31 -0.70 5.33
CA ASP A 17 -6.99 -0.37 6.70
C ASP A 17 -7.42 1.06 7.00
N PRO A 18 -7.48 1.39 8.32
CA PRO A 18 -7.87 2.72 8.74
C PRO A 18 -6.75 3.74 8.51
N ALA A 19 -5.83 3.78 9.46
CA ALA A 19 -4.71 4.70 9.37
C ALA A 19 -3.60 4.05 8.53
N ALA A 20 -4.01 3.49 7.40
CA ALA A 20 -3.07 2.84 6.51
C ALA A 20 -2.69 3.80 5.38
N THR A 21 -1.44 3.71 4.95
CA THR A 21 -0.96 4.56 3.88
C THR A 21 0.01 3.79 2.99
N CYS A 22 -0.28 3.81 1.69
CA CYS A 22 0.55 3.12 0.72
C CYS A 22 1.97 3.68 0.82
N TYR A 23 2.73 3.09 1.74
CA TYR A 23 4.11 3.52 1.95
C TYR A 23 5.07 2.65 1.13
N CYS A 24 6.11 3.31 0.62
CA CYS A 24 7.11 2.62 -0.17
C CYS A 24 8.47 2.83 0.48
N ARG A 25 9.13 1.72 0.77
CA ARG A 25 10.44 1.76 1.40
C ARG A 25 11.48 2.33 0.43
N PHE A 26 11.72 1.57 -0.63
CA PHE A 26 12.69 1.99 -1.64
C PHE A 26 12.06 2.99 -2.61
N PHE A 27 12.64 3.05 -3.80
CA PHE A 27 12.15 3.96 -4.83
C PHE A 27 10.88 3.42 -5.48
N ASN A 28 11.03 2.28 -6.14
CA ASN A 28 9.91 1.65 -6.81
C ASN A 28 10.06 0.13 -6.74
N ALA A 29 9.74 -0.41 -5.58
CA ALA A 29 9.84 -1.84 -5.36
C ALA A 29 8.88 -2.26 -4.24
N PHE A 30 9.25 -1.89 -3.02
CA PHE A 30 8.44 -2.21 -1.86
C PHE A 30 7.47 -1.08 -1.54
N CYS A 31 6.19 -1.33 -1.83
CA CYS A 31 5.16 -0.35 -1.58
C CYS A 31 3.88 -1.08 -1.21
N TYR A 32 3.44 -0.86 0.02
CA TYR A 32 2.22 -1.50 0.51
C TYR A 32 1.47 -0.57 1.47
N CYS A 33 0.31 -1.04 1.90
CA CYS A 33 -0.51 -0.28 2.82
C CYS A 33 0.16 -0.29 4.20
N ARG A 34 0.37 0.91 4.73
CA ARG A 34 1.01 1.05 6.02
C ARG A 34 0.04 1.69 7.02
N CYS A 1 -10.59 -2.78 -2.35
CA CYS A 1 -9.66 -2.15 -1.43
C CYS A 1 -8.38 -2.99 -1.37
N VAL A 2 -7.49 -2.58 -0.48
CA VAL A 2 -6.23 -3.28 -0.32
C VAL A 2 -5.92 -3.44 1.17
N ARG A 3 -5.35 -4.59 1.51
CA ARG A 3 -4.99 -4.87 2.89
C ARG A 3 -3.75 -4.08 3.30
N LEU A 4 -3.49 -4.08 4.60
CA LEU A 4 -2.34 -3.37 5.13
C LEU A 4 -1.06 -4.00 4.60
N HIS A 5 -0.93 -5.30 4.83
CA HIS A 5 0.24 -6.03 4.38
C HIS A 5 0.04 -6.47 2.93
N GLU A 6 -0.44 -5.54 2.12
CA GLU A 6 -0.68 -5.82 0.71
C GLU A 6 -0.18 -4.66 -0.16
N SER A 7 0.92 -4.91 -0.83
CA SER A 7 1.51 -3.91 -1.70
C SER A 7 0.40 -3.11 -2.41
N CYS A 8 0.73 -1.88 -2.77
CA CYS A 8 -0.21 -1.02 -3.45
C CYS A 8 0.36 -0.67 -4.82
N LEU A 9 1.55 -1.19 -5.09
CA LEU A 9 2.20 -0.94 -6.36
C LEU A 9 1.16 -0.93 -7.48
N GLY A 10 1.03 0.23 -8.10
CA GLY A 10 0.07 0.40 -9.19
C GLY A 10 -1.29 -0.21 -8.82
N GLN A 11 -1.90 0.38 -7.80
CA GLN A 11 -3.20 -0.09 -7.34
C GLN A 11 -4.31 0.73 -7.99
N GLN A 12 -5.54 0.26 -7.78
CA GLN A 12 -6.71 0.94 -8.33
C GLN A 12 -7.78 1.10 -7.26
N VAL A 13 -7.49 0.56 -6.09
CA VAL A 13 -8.43 0.64 -4.98
C VAL A 13 -7.69 1.14 -3.73
N PRO A 14 -8.48 1.76 -2.82
CA PRO A 14 -7.91 2.29 -1.58
C PRO A 14 -7.60 1.16 -0.61
N CYS A 15 -7.08 1.56 0.55
CA CYS A 15 -6.74 0.60 1.59
C CYS A 15 -7.94 0.45 2.53
N CYS A 16 -8.38 -0.78 2.69
CA CYS A 16 -9.50 -1.07 3.56
C CYS A 16 -9.20 -0.51 4.95
N ASP A 17 -7.91 -0.43 5.26
CA ASP A 17 -7.47 0.08 6.54
C ASP A 17 -7.23 1.58 6.42
N PRO A 18 -7.93 2.35 7.31
CA PRO A 18 -7.79 3.80 7.32
C PRO A 18 -6.45 4.22 7.94
N ALA A 19 -5.96 3.39 8.84
CA ALA A 19 -4.70 3.66 9.51
C ALA A 19 -3.56 3.02 8.71
N ALA A 20 -3.76 2.93 7.41
CA ALA A 20 -2.76 2.35 6.54
C ALA A 20 -2.29 3.39 5.53
N THR A 21 -0.98 3.43 5.32
CA THR A 21 -0.40 4.38 4.38
C THR A 21 0.47 3.64 3.36
N CYS A 22 0.16 3.86 2.09
CA CYS A 22 0.90 3.24 1.01
C CYS A 22 2.35 3.70 1.10
N TYR A 23 3.09 3.07 2.00
CA TYR A 23 4.49 3.40 2.18
C TYR A 23 5.40 2.49 1.35
N CYS A 24 6.45 3.08 0.80
CA CYS A 24 7.38 2.32 -0.01
C CYS A 24 8.79 2.52 0.57
N ARG A 25 9.47 1.40 0.75
CA ARG A 25 10.82 1.43 1.30
C ARG A 25 11.79 2.06 0.30
N PHE A 26 11.55 1.76 -0.97
CA PHE A 26 12.39 2.29 -2.03
C PHE A 26 11.59 3.22 -2.95
N PHE A 27 12.18 3.51 -4.10
CA PHE A 27 11.54 4.38 -5.08
C PHE A 27 10.49 3.63 -5.88
N ASN A 28 10.90 2.45 -6.36
CA ASN A 28 10.01 1.62 -7.15
C ASN A 28 10.31 0.15 -6.87
N ALA A 29 9.87 -0.30 -5.70
CA ALA A 29 10.09 -1.68 -5.29
C ALA A 29 9.02 -2.07 -4.26
N PHE A 30 9.38 -1.94 -3.00
CA PHE A 30 8.47 -2.29 -1.92
C PHE A 30 7.55 -1.12 -1.59
N CYS A 31 6.26 -1.35 -1.79
CA CYS A 31 5.26 -0.34 -1.53
C CYS A 31 3.97 -1.03 -1.08
N TYR A 32 3.62 -0.81 0.18
CA TYR A 32 2.42 -1.40 0.74
C TYR A 32 1.77 -0.46 1.75
N CYS A 33 0.73 -0.97 2.40
CA CYS A 33 0.01 -0.20 3.40
C CYS A 33 0.68 -0.42 4.75
N ARG A 34 1.19 0.67 5.31
CA ARG A 34 1.86 0.61 6.60
C ARG A 34 1.42 1.77 7.49
N CYS A 1 -10.43 -3.48 -2.27
CA CYS A 1 -9.58 -2.64 -1.45
C CYS A 1 -8.21 -3.32 -1.32
N VAL A 2 -7.39 -2.76 -0.45
CA VAL A 2 -6.06 -3.30 -0.23
C VAL A 2 -5.79 -3.35 1.28
N ARG A 3 -5.28 -4.50 1.72
CA ARG A 3 -4.98 -4.70 3.13
C ARG A 3 -3.66 -3.99 3.48
N LEU A 4 -3.36 -4.00 4.77
CA LEU A 4 -2.15 -3.37 5.26
C LEU A 4 -0.93 -4.05 4.63
N HIS A 5 -0.90 -5.37 4.76
CA HIS A 5 0.20 -6.15 4.21
C HIS A 5 -0.09 -6.49 2.75
N GLU A 6 -0.53 -5.47 2.02
CA GLU A 6 -0.85 -5.64 0.61
C GLU A 6 -0.26 -4.49 -0.21
N SER A 7 0.74 -4.82 -1.01
CA SER A 7 1.39 -3.82 -1.85
C SER A 7 0.37 -2.80 -2.34
N CYS A 8 0.85 -1.58 -2.56
CA CYS A 8 -0.01 -0.52 -3.03
C CYS A 8 0.60 0.07 -4.30
N LEU A 9 1.69 -0.55 -4.74
CA LEU A 9 2.37 -0.10 -5.94
C LEU A 9 1.45 -0.29 -7.14
N GLY A 10 0.96 0.83 -7.65
CA GLY A 10 0.07 0.80 -8.80
C GLY A 10 -1.32 0.28 -8.41
N GLN A 11 -1.69 0.55 -7.17
CA GLN A 11 -2.99 0.11 -6.66
C GLN A 11 -4.10 1.00 -7.21
N GLN A 12 -5.13 0.34 -7.74
CA GLN A 12 -6.26 1.05 -8.29
C GLN A 12 -7.39 1.18 -7.26
N VAL A 13 -7.28 0.35 -6.22
CA VAL A 13 -8.27 0.36 -5.16
C VAL A 13 -7.65 0.95 -3.89
N PRO A 14 -8.53 1.49 -3.02
CA PRO A 14 -8.08 2.09 -1.77
C PRO A 14 -7.69 1.01 -0.76
N CYS A 15 -7.18 1.47 0.38
CA CYS A 15 -6.76 0.56 1.43
C CYS A 15 -7.91 0.41 2.42
N CYS A 16 -8.34 -0.83 2.60
CA CYS A 16 -9.43 -1.12 3.52
C CYS A 16 -9.07 -0.55 4.89
N ASP A 17 -7.79 -0.63 5.22
CA ASP A 17 -7.31 -0.13 6.49
C ASP A 17 -7.10 1.38 6.39
N PRO A 18 -7.82 2.12 7.28
CA PRO A 18 -7.72 3.57 7.30
C PRO A 18 -6.41 4.02 7.94
N ALA A 19 -5.89 3.18 8.82
CA ALA A 19 -4.66 3.48 9.51
C ALA A 19 -3.47 3.05 8.63
N ALA A 20 -3.80 2.61 7.43
CA ALA A 20 -2.79 2.17 6.49
C ALA A 20 -2.39 3.34 5.59
N THR A 21 -1.12 3.35 5.21
CA THR A 21 -0.59 4.41 4.37
C THR A 21 0.27 3.81 3.26
N CYS A 22 -0.06 4.20 2.03
CA CYS A 22 0.68 3.72 0.87
C CYS A 22 2.14 4.16 1.02
N TYR A 23 2.89 3.38 1.78
CA TYR A 23 4.29 3.67 2.01
C TYR A 23 5.19 2.76 1.17
N CYS A 24 6.28 3.33 0.67
CA CYS A 24 7.22 2.58 -0.13
C CYS A 24 8.63 2.82 0.41
N ARG A 25 9.30 1.73 0.74
CA ARG A 25 10.65 1.82 1.28
C ARG A 25 11.61 2.37 0.22
N PHE A 26 11.64 1.69 -0.92
CA PHE A 26 12.50 2.10 -2.01
C PHE A 26 11.73 2.94 -3.03
N PHE A 27 12.24 2.93 -4.26
CA PHE A 27 11.61 3.69 -5.33
C PHE A 27 10.37 2.94 -5.87
N ASN A 28 10.63 1.79 -6.46
CA ASN A 28 9.56 0.98 -7.02
C ASN A 28 9.92 -0.50 -6.86
N ALA A 29 9.77 -0.99 -5.65
CA ALA A 29 10.07 -2.38 -5.36
C ALA A 29 9.28 -2.82 -4.12
N PHE A 30 9.21 -1.92 -3.15
CA PHE A 30 8.50 -2.20 -1.92
C PHE A 30 7.55 -1.05 -1.56
N CYS A 31 6.27 -1.29 -1.81
CA CYS A 31 5.25 -0.30 -1.53
C CYS A 31 3.96 -1.02 -1.14
N TYR A 32 3.51 -0.76 0.08
CA TYR A 32 2.30 -1.38 0.58
C TYR A 32 1.54 -0.43 1.53
N CYS A 33 0.63 -1.01 2.28
CA CYS A 33 -0.16 -0.24 3.23
C CYS A 33 0.50 -0.34 4.60
N ARG A 34 1.24 0.70 4.95
CA ARG A 34 1.92 0.73 6.23
C ARG A 34 1.45 1.94 7.06
N CYS A 1 -10.32 -3.70 -2.24
CA CYS A 1 -9.52 -2.77 -1.46
C CYS A 1 -8.12 -3.36 -1.30
N VAL A 2 -7.34 -2.72 -0.43
CA VAL A 2 -5.98 -3.17 -0.17
C VAL A 2 -5.73 -3.18 1.34
N ARG A 3 -5.21 -4.31 1.81
CA ARG A 3 -4.91 -4.46 3.22
C ARG A 3 -3.53 -3.90 3.54
N LEU A 4 -3.22 -3.86 4.82
CA LEU A 4 -1.93 -3.35 5.27
C LEU A 4 -0.81 -4.15 4.61
N HIS A 5 -0.89 -5.46 4.76
CA HIS A 5 0.10 -6.34 4.18
C HIS A 5 -0.25 -6.64 2.72
N GLU A 6 -0.60 -5.58 2.01
CA GLU A 6 -0.97 -5.71 0.61
C GLU A 6 -0.38 -4.55 -0.20
N SER A 7 0.63 -4.87 -1.00
CA SER A 7 1.28 -3.87 -1.83
C SER A 7 0.26 -2.84 -2.32
N CYS A 8 0.72 -1.61 -2.43
CA CYS A 8 -0.14 -0.53 -2.88
C CYS A 8 0.46 0.07 -4.15
N LEU A 9 1.53 -0.57 -4.62
CA LEU A 9 2.21 -0.11 -5.82
C LEU A 9 1.31 -0.38 -7.03
N GLY A 10 1.21 0.63 -7.88
CA GLY A 10 0.40 0.53 -9.08
C GLY A 10 -0.99 -0.04 -8.75
N GLN A 11 -1.46 0.30 -7.56
CA GLN A 11 -2.76 -0.16 -7.12
C GLN A 11 -3.87 0.62 -7.82
N GLN A 12 -5.08 0.10 -7.70
CA GLN A 12 -6.24 0.74 -8.33
C GLN A 12 -7.39 0.83 -7.32
N VAL A 13 -7.16 0.27 -6.15
CA VAL A 13 -8.17 0.29 -5.11
C VAL A 13 -7.58 0.91 -3.84
N PRO A 14 -8.50 1.46 -2.99
CA PRO A 14 -8.09 2.09 -1.76
C PRO A 14 -7.70 1.04 -0.71
N CYS A 15 -7.11 1.53 0.37
CA CYS A 15 -6.68 0.65 1.46
C CYS A 15 -7.84 0.51 2.44
N CYS A 16 -8.33 -0.72 2.57
CA CYS A 16 -9.43 -1.00 3.48
C CYS A 16 -9.07 -0.43 4.85
N ASP A 17 -7.78 -0.40 5.13
CA ASP A 17 -7.30 0.11 6.40
C ASP A 17 -7.08 1.62 6.29
N PRO A 18 -7.88 2.38 7.09
CA PRO A 18 -7.78 3.82 7.09
C PRO A 18 -6.52 4.29 7.83
N ALA A 19 -6.08 3.47 8.78
CA ALA A 19 -4.90 3.78 9.56
C ALA A 19 -3.66 3.32 8.80
N ALA A 20 -3.88 2.88 7.58
CA ALA A 20 -2.79 2.40 6.74
C ALA A 20 -2.17 3.59 6.01
N THR A 21 -0.99 3.34 5.46
CA THR A 21 -0.28 4.39 4.72
C THR A 21 0.49 3.78 3.55
N CYS A 22 0.04 4.11 2.36
CA CYS A 22 0.67 3.61 1.14
C CYS A 22 2.12 4.10 1.12
N TYR A 23 2.97 3.34 1.80
CA TYR A 23 4.39 3.68 1.86
C TYR A 23 5.23 2.66 1.09
N CYS A 24 6.31 3.16 0.52
CA CYS A 24 7.21 2.32 -0.25
C CYS A 24 8.63 2.51 0.29
N ARG A 25 9.26 1.38 0.60
CA ARG A 25 10.61 1.40 1.12
C ARG A 25 11.58 1.97 0.09
N PHE A 26 11.68 1.26 -1.03
CA PHE A 26 12.56 1.67 -2.11
C PHE A 26 11.92 2.79 -2.94
N PHE A 27 12.35 2.88 -4.19
CA PHE A 27 11.83 3.88 -5.10
C PHE A 27 10.45 3.50 -5.61
N ASN A 28 10.39 2.34 -6.25
CA ASN A 28 9.13 1.84 -6.81
C ASN A 28 9.12 0.31 -6.73
N ALA A 29 9.83 -0.20 -5.73
CA ALA A 29 9.90 -1.65 -5.54
C ALA A 29 8.87 -2.07 -4.51
N PHE A 30 9.26 -1.96 -3.24
CA PHE A 30 8.38 -2.33 -2.16
C PHE A 30 7.44 -1.17 -1.78
N CYS A 31 6.16 -1.40 -2.00
CA CYS A 31 5.16 -0.39 -1.70
C CYS A 31 3.88 -1.10 -1.26
N TYR A 32 3.49 -0.82 -0.02
CA TYR A 32 2.29 -1.43 0.54
C TYR A 32 1.61 -0.48 1.52
N CYS A 33 0.69 -1.04 2.29
CA CYS A 33 -0.04 -0.26 3.29
C CYS A 33 0.60 -0.49 4.65
N ARG A 34 1.22 0.57 5.15
CA ARG A 34 1.88 0.51 6.45
C ARG A 34 0.94 0.98 7.55
N CYS A 1 -10.84 -4.23 -1.57
CA CYS A 1 -9.95 -3.24 -1.00
C CYS A 1 -8.56 -3.85 -0.87
N VAL A 2 -7.61 -3.02 -0.48
CA VAL A 2 -6.23 -3.47 -0.32
C VAL A 2 -5.92 -3.58 1.17
N ARG A 3 -5.23 -4.66 1.52
CA ARG A 3 -4.86 -4.89 2.90
C ARG A 3 -3.54 -4.19 3.22
N LEU A 4 -3.33 -3.95 4.51
CA LEU A 4 -2.12 -3.29 4.96
C LEU A 4 -0.90 -4.05 4.45
N HIS A 5 -1.00 -5.38 4.53
CA HIS A 5 0.08 -6.24 4.08
C HIS A 5 -0.11 -6.58 2.60
N GLU A 6 -0.45 -5.55 1.83
CA GLU A 6 -0.67 -5.74 0.40
C GLU A 6 -0.21 -4.49 -0.36
N SER A 7 0.86 -4.67 -1.13
CA SER A 7 1.40 -3.57 -1.91
C SER A 7 0.27 -2.70 -2.45
N CYS A 8 0.60 -1.45 -2.72
CA CYS A 8 -0.38 -0.51 -3.24
C CYS A 8 0.14 0.04 -4.58
N LEU A 9 1.32 -0.45 -4.96
CA LEU A 9 1.93 -0.02 -6.20
C LEU A 9 0.85 0.18 -7.26
N GLY A 10 0.65 1.43 -7.63
CA GLY A 10 -0.35 1.78 -8.64
C GLY A 10 -1.59 0.91 -8.48
N GLN A 11 -2.08 0.84 -7.25
CA GLN A 11 -3.26 0.04 -6.96
C GLN A 11 -4.51 0.75 -7.46
N GLN A 12 -5.46 -0.04 -7.94
CA GLN A 12 -6.71 0.50 -8.46
C GLN A 12 -7.79 0.46 -7.38
N VAL A 13 -7.50 -0.30 -6.32
CA VAL A 13 -8.44 -0.42 -5.22
C VAL A 13 -7.89 0.33 -4.00
N PRO A 14 -8.83 0.80 -3.14
CA PRO A 14 -8.45 1.53 -1.95
C PRO A 14 -7.90 0.59 -0.88
N CYS A 15 -7.32 1.18 0.16
CA CYS A 15 -6.75 0.41 1.24
C CYS A 15 -7.83 0.21 2.31
N CYS A 16 -8.21 -1.05 2.49
CA CYS A 16 -9.23 -1.39 3.47
C CYS A 16 -8.83 -0.77 4.81
N ASP A 17 -7.53 -0.57 4.98
CA ASP A 17 -7.01 0.01 6.21
C ASP A 17 -7.45 1.46 6.30
N PRO A 18 -7.76 1.89 7.55
CA PRO A 18 -8.20 3.27 7.79
C PRO A 18 -7.02 4.24 7.71
N ALA A 19 -6.31 4.36 8.82
CA ALA A 19 -5.17 5.24 8.88
C ALA A 19 -3.93 4.52 8.34
N ALA A 20 -4.09 3.99 7.13
CA ALA A 20 -3.00 3.27 6.49
C ALA A 20 -2.03 4.28 5.87
N THR A 21 -0.83 3.80 5.58
CA THR A 21 0.19 4.65 4.99
C THR A 21 0.97 3.87 3.93
N CYS A 22 0.56 4.05 2.68
CA CYS A 22 1.22 3.38 1.57
C CYS A 22 2.68 3.80 1.54
N TYR A 23 3.49 3.09 2.31
CA TYR A 23 4.90 3.38 2.39
C TYR A 23 5.70 2.47 1.45
N CYS A 24 6.77 3.04 0.90
CA CYS A 24 7.62 2.29 -0.01
C CYS A 24 9.03 2.26 0.56
N ARG A 25 9.56 1.05 0.70
CA ARG A 25 10.89 0.87 1.25
C ARG A 25 11.93 1.47 0.29
N PHE A 26 12.04 0.84 -0.88
CA PHE A 26 12.98 1.29 -1.89
C PHE A 26 12.42 2.48 -2.68
N PHE A 27 12.94 2.65 -3.88
CA PHE A 27 12.51 3.73 -4.75
C PHE A 27 11.16 3.40 -5.39
N ASN A 28 11.15 2.35 -6.19
CA ASN A 28 9.95 1.92 -6.87
C ASN A 28 9.95 0.40 -6.99
N ALA A 29 9.62 -0.26 -5.88
CA ALA A 29 9.57 -1.71 -5.85
C ALA A 29 8.63 -2.16 -4.74
N PHE A 30 9.08 -1.96 -3.51
CA PHE A 30 8.29 -2.33 -2.35
C PHE A 30 7.47 -1.15 -1.83
N CYS A 31 6.16 -1.25 -2.01
CA CYS A 31 5.26 -0.19 -1.57
C CYS A 31 3.94 -0.84 -1.15
N TYR A 32 3.64 -0.72 0.14
CA TYR A 32 2.42 -1.29 0.67
C TYR A 32 1.82 -0.38 1.76
N CYS A 33 0.64 -0.75 2.20
CA CYS A 33 -0.04 0.03 3.23
C CYS A 33 0.64 -0.25 4.57
N ARG A 34 0.97 0.84 5.26
CA ARG A 34 1.62 0.74 6.55
C ARG A 34 1.11 1.83 7.50
N CYS A 1 -10.53 -3.54 -1.83
CA CYS A 1 -9.55 -2.71 -1.13
C CYS A 1 -8.32 -3.56 -0.85
N VAL A 2 -7.23 -2.88 -0.53
CA VAL A 2 -5.98 -3.56 -0.25
C VAL A 2 -5.71 -3.51 1.26
N ARG A 3 -5.09 -4.57 1.75
CA ARG A 3 -4.77 -4.66 3.16
C ARG A 3 -3.44 -3.98 3.45
N LEU A 4 -3.11 -3.89 4.74
CA LEU A 4 -1.87 -3.26 5.17
C LEU A 4 -0.69 -4.09 4.65
N HIS A 5 -0.78 -5.39 4.87
CA HIS A 5 0.27 -6.29 4.43
C HIS A 5 0.03 -6.70 2.98
N GLU A 6 -0.30 -5.72 2.17
CA GLU A 6 -0.56 -5.96 0.75
C GLU A 6 -0.11 -4.76 -0.08
N SER A 7 0.98 -4.97 -0.81
CA SER A 7 1.53 -3.92 -1.67
C SER A 7 0.39 -3.14 -2.33
N CYS A 8 0.69 -1.89 -2.65
CA CYS A 8 -0.30 -1.03 -3.30
C CYS A 8 0.23 -0.64 -4.67
N LEU A 9 1.40 -1.19 -5.00
CA LEU A 9 2.03 -0.90 -6.28
C LEU A 9 0.95 -0.79 -7.36
N GLY A 10 0.89 0.37 -7.97
CA GLY A 10 -0.09 0.62 -9.03
C GLY A 10 -1.48 0.16 -8.59
N GLN A 11 -1.88 0.62 -7.41
CA GLN A 11 -3.19 0.27 -6.88
C GLN A 11 -4.22 1.34 -7.24
N GLN A 12 -5.33 0.88 -7.78
CA GLN A 12 -6.40 1.78 -8.17
C GLN A 12 -7.47 1.84 -7.07
N VAL A 13 -7.53 0.78 -6.28
CA VAL A 13 -8.50 0.71 -5.20
C VAL A 13 -7.84 1.18 -3.90
N PRO A 14 -8.71 1.64 -2.96
CA PRO A 14 -8.23 2.12 -1.68
C PRO A 14 -7.79 0.96 -0.78
N CYS A 15 -7.20 1.32 0.35
CA CYS A 15 -6.73 0.33 1.30
C CYS A 15 -7.88 0.01 2.26
N CYS A 16 -8.04 -1.28 2.52
CA CYS A 16 -9.10 -1.74 3.43
C CYS A 16 -9.00 -0.93 4.72
N ASP A 17 -7.76 -0.69 5.13
CA ASP A 17 -7.53 0.06 6.36
C ASP A 17 -7.22 1.52 6.00
N PRO A 18 -8.11 2.42 6.50
CA PRO A 18 -7.95 3.85 6.23
C PRO A 18 -6.82 4.43 7.08
N ALA A 19 -6.55 3.77 8.19
CA ALA A 19 -5.50 4.21 9.09
C ALA A 19 -4.16 3.63 8.64
N ALA A 20 -4.10 3.29 7.35
CA ALA A 20 -2.89 2.72 6.79
C ALA A 20 -2.15 3.80 5.99
N THR A 21 -0.90 3.51 5.68
CA THR A 21 -0.08 4.43 4.91
C THR A 21 0.72 3.68 3.84
N CYS A 22 0.26 3.82 2.60
CA CYS A 22 0.91 3.17 1.49
C CYS A 22 2.32 3.76 1.35
N TYR A 23 3.24 3.20 2.13
CA TYR A 23 4.62 3.64 2.11
C TYR A 23 5.48 2.72 1.24
N CYS A 24 6.48 3.33 0.61
CA CYS A 24 7.39 2.57 -0.25
C CYS A 24 8.80 2.69 0.32
N ARG A 25 9.43 1.54 0.52
CA ARG A 25 10.77 1.50 1.05
C ARG A 25 11.77 2.06 0.03
N PHE A 26 11.91 1.33 -1.06
CA PHE A 26 12.82 1.74 -2.12
C PHE A 26 12.19 2.82 -3.00
N PHE A 27 12.68 2.90 -4.23
CA PHE A 27 12.18 3.88 -5.17
C PHE A 27 10.84 3.43 -5.76
N ASN A 28 10.87 2.30 -6.45
CA ASN A 28 9.66 1.76 -7.06
C ASN A 28 9.72 0.23 -7.02
N ALA A 29 9.44 -0.31 -5.85
CA ALA A 29 9.46 -1.76 -5.68
C ALA A 29 8.57 -2.14 -4.50
N PHE A 30 9.10 -1.97 -3.30
CA PHE A 30 8.37 -2.29 -2.09
C PHE A 30 7.48 -1.11 -1.67
N CYS A 31 6.18 -1.30 -1.85
CA CYS A 31 5.22 -0.27 -1.49
C CYS A 31 3.93 -0.96 -1.00
N TYR A 32 3.64 -0.75 0.27
CA TYR A 32 2.45 -1.34 0.87
C TYR A 32 1.85 -0.41 1.92
N CYS A 33 0.68 -0.81 2.41
CA CYS A 33 -0.01 -0.03 3.42
C CYS A 33 0.65 -0.32 4.77
N ARG A 34 1.06 0.76 5.43
CA ARG A 34 1.71 0.64 6.73
C ARG A 34 0.67 0.81 7.85
N CYS A 1 -10.40 -2.91 -2.43
CA CYS A 1 -9.52 -2.19 -1.52
C CYS A 1 -8.24 -3.03 -1.34
N VAL A 2 -7.43 -2.59 -0.39
CA VAL A 2 -6.18 -3.29 -0.11
C VAL A 2 -5.95 -3.34 1.41
N ARG A 3 -5.30 -4.41 1.84
CA ARG A 3 -5.03 -4.59 3.25
C ARG A 3 -3.72 -3.89 3.63
N LEU A 4 -3.42 -3.90 4.93
CA LEU A 4 -2.22 -3.27 5.43
C LEU A 4 -1.00 -3.99 4.85
N HIS A 5 -0.95 -5.29 5.06
CA HIS A 5 0.16 -6.09 4.55
C HIS A 5 -0.13 -6.51 3.11
N GLU A 6 -0.59 -5.54 2.33
CA GLU A 6 -0.90 -5.79 0.93
C GLU A 6 -0.33 -4.68 0.05
N SER A 7 0.73 -5.04 -0.68
CA SER A 7 1.37 -4.10 -1.56
C SER A 7 0.34 -3.14 -2.16
N CYS A 8 0.76 -1.89 -2.32
CA CYS A 8 -0.11 -0.87 -2.87
C CYS A 8 0.57 -0.26 -4.10
N LEU A 9 1.66 -0.90 -4.50
CA LEU A 9 2.41 -0.43 -5.66
C LEU A 9 1.59 -0.66 -6.92
N GLY A 10 1.45 0.40 -7.71
CA GLY A 10 0.70 0.32 -8.95
C GLY A 10 -0.72 -0.19 -8.69
N GLN A 11 -1.33 0.36 -7.65
CA GLN A 11 -2.68 -0.03 -7.29
C GLN A 11 -3.70 0.94 -7.89
N GLN A 12 -4.96 0.54 -7.82
CA GLN A 12 -6.03 1.37 -8.35
C GLN A 12 -7.17 1.50 -7.33
N VAL A 13 -6.98 0.83 -6.21
CA VAL A 13 -7.99 0.85 -5.16
C VAL A 13 -7.34 1.32 -3.85
N PRO A 14 -8.18 1.89 -2.96
CA PRO A 14 -7.70 2.39 -1.68
C PRO A 14 -7.40 1.23 -0.72
N CYS A 15 -7.07 1.60 0.51
CA CYS A 15 -6.78 0.60 1.53
C CYS A 15 -7.97 0.50 2.48
N CYS A 16 -8.51 -0.71 2.56
CA CYS A 16 -9.66 -0.97 3.42
C CYS A 16 -9.29 -0.52 4.83
N ASP A 17 -8.01 -0.61 5.15
CA ASP A 17 -7.52 -0.22 6.46
C ASP A 17 -7.32 1.29 6.49
N PRO A 18 -7.93 1.94 7.53
CA PRO A 18 -7.81 3.38 7.69
C PRO A 18 -6.42 3.76 8.21
N ALA A 19 -5.84 2.85 8.97
CA ALA A 19 -4.52 3.08 9.54
C ALA A 19 -3.46 2.51 8.60
N ALA A 20 -3.76 2.57 7.32
CA ALA A 20 -2.84 2.07 6.31
C ALA A 20 -2.36 3.23 5.43
N THR A 21 -1.06 3.25 5.20
CA THR A 21 -0.46 4.30 4.39
C THR A 21 0.34 3.69 3.23
N CYS A 22 -0.12 3.97 2.03
CA CYS A 22 0.54 3.47 0.83
C CYS A 22 1.98 3.99 0.82
N TYR A 23 2.83 3.33 1.58
CA TYR A 23 4.22 3.72 1.65
C TYR A 23 5.12 2.70 0.96
N CYS A 24 6.20 3.20 0.39
CA CYS A 24 7.14 2.33 -0.31
C CYS A 24 8.54 2.60 0.26
N ARG A 25 9.25 1.51 0.55
CA ARG A 25 10.59 1.61 1.09
C ARG A 25 11.53 2.24 0.05
N PHE A 26 11.34 1.84 -1.19
CA PHE A 26 12.16 2.35 -2.28
C PHE A 26 11.34 3.20 -3.24
N PHE A 27 11.91 3.45 -4.41
CA PHE A 27 11.24 4.24 -5.41
C PHE A 27 10.19 3.42 -6.17
N ASN A 28 10.61 2.23 -6.59
CA ASN A 28 9.72 1.33 -7.32
C ASN A 28 10.08 -0.11 -6.98
N ALA A 29 9.68 -0.52 -5.77
CA ALA A 29 9.95 -1.87 -5.32
C ALA A 29 8.93 -2.25 -4.25
N PHE A 30 9.31 -2.06 -3.00
CA PHE A 30 8.44 -2.38 -1.89
C PHE A 30 7.48 -1.23 -1.59
N CYS A 31 6.19 -1.50 -1.82
CA CYS A 31 5.17 -0.51 -1.59
C CYS A 31 3.89 -1.22 -1.13
N TYR A 32 3.49 -0.89 0.09
CA TYR A 32 2.29 -1.50 0.65
C TYR A 32 1.56 -0.51 1.57
N CYS A 33 0.65 -1.06 2.38
CA CYS A 33 -0.11 -0.24 3.30
C CYS A 33 0.56 -0.32 4.68
N ARG A 34 1.20 0.78 5.05
CA ARG A 34 1.88 0.84 6.33
C ARG A 34 1.45 2.09 7.10
N CYS A 1 -10.14 -3.58 -2.36
CA CYS A 1 -9.33 -2.84 -1.41
C CYS A 1 -8.00 -3.58 -1.23
N VAL A 2 -7.16 -3.03 -0.38
CA VAL A 2 -5.86 -3.62 -0.10
C VAL A 2 -5.59 -3.58 1.40
N ARG A 3 -5.03 -4.67 1.91
CA ARG A 3 -4.73 -4.77 3.32
C ARG A 3 -3.39 -4.09 3.62
N LEU A 4 -3.14 -3.87 4.90
CA LEU A 4 -1.91 -3.23 5.34
C LEU A 4 -0.72 -3.99 4.76
N HIS A 5 -0.76 -5.31 4.92
CA HIS A 5 0.30 -6.16 4.42
C HIS A 5 0.00 -6.57 2.98
N GLU A 6 -0.40 -5.59 2.19
CA GLU A 6 -0.72 -5.83 0.79
C GLU A 6 -0.27 -4.66 -0.08
N SER A 7 0.72 -4.93 -0.91
CA SER A 7 1.25 -3.90 -1.80
C SER A 7 0.13 -2.96 -2.25
N CYS A 8 0.52 -1.73 -2.52
CA CYS A 8 -0.45 -0.72 -2.94
C CYS A 8 0.10 -0.05 -4.22
N LEU A 9 1.17 -0.62 -4.73
CA LEU A 9 1.80 -0.10 -5.93
C LEU A 9 0.98 -0.53 -7.15
N GLY A 10 0.70 0.44 -8.00
CA GLY A 10 -0.07 0.17 -9.22
C GLY A 10 -1.51 -0.19 -8.88
N GLN A 11 -1.89 0.10 -7.64
CA GLN A 11 -3.24 -0.19 -7.18
C GLN A 11 -4.15 1.04 -7.35
N GLN A 12 -5.27 0.82 -8.00
CA GLN A 12 -6.22 1.89 -8.23
C GLN A 12 -7.32 1.87 -7.16
N VAL A 13 -7.25 0.86 -6.30
CA VAL A 13 -8.21 0.71 -5.23
C VAL A 13 -7.61 1.22 -3.93
N PRO A 14 -8.52 1.61 -2.99
CA PRO A 14 -8.09 2.12 -1.70
C PRO A 14 -7.60 0.99 -0.80
N CYS A 15 -7.21 1.36 0.42
CA CYS A 15 -6.73 0.39 1.38
C CYS A 15 -7.81 0.16 2.43
N CYS A 16 -8.21 -1.10 2.56
CA CYS A 16 -9.24 -1.47 3.52
C CYS A 16 -8.89 -0.82 4.86
N ASP A 17 -7.59 -0.60 5.05
CA ASP A 17 -7.12 0.00 6.29
C ASP A 17 -6.94 1.51 6.09
N PRO A 18 -7.80 2.29 6.78
CA PRO A 18 -7.75 3.74 6.69
C PRO A 18 -6.55 4.30 7.46
N ALA A 19 -6.15 3.56 8.49
CA ALA A 19 -5.03 3.96 9.31
C ALA A 19 -3.74 3.35 8.75
N ALA A 20 -3.73 3.16 7.44
CA ALA A 20 -2.57 2.59 6.78
C ALA A 20 -1.80 3.69 6.06
N THR A 21 -0.66 3.31 5.50
CA THR A 21 0.17 4.27 4.79
C THR A 21 0.72 3.63 3.50
N CYS A 22 -0.02 3.85 2.42
CA CYS A 22 0.38 3.31 1.13
C CYS A 22 1.71 3.94 0.74
N TYR A 23 2.78 3.41 1.32
CA TYR A 23 4.11 3.92 1.03
C TYR A 23 5.07 2.78 0.69
N CYS A 24 6.14 3.14 -0.01
CA CYS A 24 7.14 2.15 -0.39
C CYS A 24 8.44 2.48 0.34
N ARG A 25 9.07 1.44 0.87
CA ARG A 25 10.32 1.60 1.59
C ARG A 25 11.42 2.08 0.64
N PHE A 26 11.51 1.41 -0.50
CA PHE A 26 12.51 1.76 -1.49
C PHE A 26 11.99 2.84 -2.44
N PHE A 27 12.57 2.87 -3.63
CA PHE A 27 12.18 3.84 -4.64
C PHE A 27 10.86 3.43 -5.31
N ASN A 28 10.94 2.35 -6.07
CA ASN A 28 9.78 1.85 -6.77
C ASN A 28 9.84 0.31 -6.83
N ALA A 29 9.55 -0.30 -5.69
CA ALA A 29 9.56 -1.75 -5.59
C ALA A 29 8.55 -2.20 -4.54
N PHE A 30 8.99 -2.19 -3.29
CA PHE A 30 8.13 -2.59 -2.19
C PHE A 30 7.25 -1.42 -1.72
N CYS A 31 6.02 -1.42 -2.22
CA CYS A 31 5.08 -0.38 -1.87
C CYS A 31 3.79 -1.04 -1.36
N TYR A 32 3.48 -0.77 -0.10
CA TYR A 32 2.30 -1.33 0.52
C TYR A 32 1.69 -0.35 1.53
N CYS A 33 0.76 -0.86 2.31
CA CYS A 33 0.09 -0.05 3.32
C CYS A 33 0.80 -0.27 4.66
N ARG A 34 1.46 0.79 5.12
CA ARG A 34 2.18 0.73 6.38
C ARG A 34 1.35 1.36 7.50
N CYS A 1 -10.26 -3.52 -1.64
CA CYS A 1 -9.38 -2.63 -0.90
C CYS A 1 -7.98 -3.25 -0.87
N VAL A 2 -7.12 -2.64 -0.06
CA VAL A 2 -5.75 -3.13 0.07
C VAL A 2 -5.38 -3.19 1.54
N ARG A 3 -5.09 -4.40 2.00
CA ARG A 3 -4.71 -4.60 3.40
C ARG A 3 -3.24 -4.25 3.61
N LEU A 4 -2.89 -4.04 4.86
CA LEU A 4 -1.52 -3.69 5.21
C LEU A 4 -0.56 -4.63 4.48
N HIS A 5 -0.99 -5.88 4.34
CA HIS A 5 -0.18 -6.88 3.67
C HIS A 5 -0.62 -7.00 2.21
N GLU A 6 -0.80 -5.85 1.59
CA GLU A 6 -1.22 -5.81 0.20
C GLU A 6 -0.57 -4.63 -0.53
N SER A 7 0.36 -4.95 -1.41
CA SER A 7 1.05 -3.92 -2.17
C SER A 7 0.05 -2.92 -2.73
N CYS A 8 0.54 -1.70 -2.94
CA CYS A 8 -0.30 -0.64 -3.47
C CYS A 8 0.25 -0.24 -4.84
N LEU A 9 1.32 -0.90 -5.23
CA LEU A 9 1.94 -0.63 -6.51
C LEU A 9 0.87 -0.55 -7.60
N GLY A 10 0.82 0.60 -8.27
CA GLY A 10 -0.15 0.80 -9.32
C GLY A 10 -1.48 0.12 -8.99
N GLN A 11 -1.91 0.29 -7.75
CA GLN A 11 -3.15 -0.31 -7.29
C GLN A 11 -4.35 0.46 -7.87
N GLN A 12 -5.53 -0.06 -7.58
CA GLN A 12 -6.76 0.56 -8.05
C GLN A 12 -7.77 0.68 -6.92
N VAL A 13 -7.38 0.18 -5.76
CA VAL A 13 -8.23 0.22 -4.59
C VAL A 13 -7.49 0.91 -3.45
N PRO A 14 -8.29 1.52 -2.53
CA PRO A 14 -7.72 2.22 -1.38
C PRO A 14 -7.23 1.23 -0.33
N CYS A 15 -6.77 1.78 0.78
CA CYS A 15 -6.26 0.96 1.87
C CYS A 15 -7.41 0.69 2.84
N CYS A 16 -7.78 -0.58 2.94
CA CYS A 16 -8.86 -0.97 3.84
C CYS A 16 -8.64 -0.29 5.18
N ASP A 17 -7.45 -0.47 5.72
CA ASP A 17 -7.11 0.13 6.99
C ASP A 17 -6.90 1.63 6.82
N PRO A 18 -7.51 2.41 7.76
CA PRO A 18 -7.39 3.86 7.72
C PRO A 18 -6.01 4.31 8.18
N ALA A 19 -5.40 3.50 9.03
CA ALA A 19 -4.09 3.81 9.56
C ALA A 19 -3.02 3.32 8.57
N ALA A 20 -3.50 2.86 7.42
CA ALA A 20 -2.60 2.37 6.39
C ALA A 20 -2.64 3.33 5.18
N THR A 21 -1.49 3.47 4.55
CA THR A 21 -1.38 4.35 3.39
C THR A 21 -0.39 3.79 2.39
N CYS A 22 -0.56 4.19 1.14
CA CYS A 22 0.32 3.72 0.08
C CYS A 22 1.75 4.16 0.40
N TYR A 23 2.38 3.38 1.26
CA TYR A 23 3.75 3.67 1.66
C TYR A 23 4.75 2.77 0.93
N CYS A 24 5.95 3.29 0.74
CA CYS A 24 6.99 2.55 0.05
C CYS A 24 8.26 2.62 0.89
N ARG A 25 8.89 1.47 1.07
CA ARG A 25 10.11 1.39 1.84
C ARG A 25 11.29 1.94 1.04
N PHE A 26 11.61 1.25 -0.04
CA PHE A 26 12.71 1.67 -0.89
C PHE A 26 12.27 2.79 -1.84
N PHE A 27 13.00 2.89 -2.96
CA PHE A 27 12.70 3.90 -3.95
C PHE A 27 11.47 3.51 -4.78
N ASN A 28 11.62 2.42 -5.51
CA ASN A 28 10.54 1.92 -6.35
C ASN A 28 10.59 0.39 -6.38
N ALA A 29 10.09 -0.20 -5.31
CA ALA A 29 10.06 -1.66 -5.21
C ALA A 29 8.95 -2.07 -4.24
N PHE A 30 9.18 -1.78 -2.96
CA PHE A 30 8.22 -2.13 -1.94
C PHE A 30 7.19 -1.01 -1.76
N CYS A 31 5.93 -1.35 -2.07
CA CYS A 31 4.86 -0.40 -1.95
C CYS A 31 3.59 -1.14 -1.54
N TYR A 32 3.13 -0.84 -0.34
CA TYR A 32 1.93 -1.49 0.19
C TYR A 32 1.17 -0.54 1.12
N CYS A 33 0.24 -1.12 1.87
CA CYS A 33 -0.57 -0.34 2.80
C CYS A 33 0.21 -0.22 4.11
N ARG A 34 1.13 0.74 4.14
CA ARG A 34 1.94 0.96 5.32
C ARG A 34 2.14 2.46 5.54
N CYS A 1 -10.90 -3.69 -1.35
CA CYS A 1 -9.86 -2.78 -0.91
C CYS A 1 -8.57 -3.58 -0.72
N VAL A 2 -7.52 -2.85 -0.35
CA VAL A 2 -6.22 -3.48 -0.13
C VAL A 2 -5.94 -3.55 1.37
N ARG A 3 -5.23 -4.61 1.75
CA ARG A 3 -4.90 -4.81 3.15
C ARG A 3 -3.61 -4.05 3.49
N LEU A 4 -3.30 -4.03 4.79
CA LEU A 4 -2.10 -3.35 5.25
C LEU A 4 -0.87 -4.03 4.68
N HIS A 5 -0.81 -5.34 4.88
CA HIS A 5 0.32 -6.13 4.39
C HIS A 5 0.05 -6.55 2.95
N GLU A 6 -0.39 -5.58 2.16
CA GLU A 6 -0.68 -5.83 0.75
C GLU A 6 -0.19 -4.67 -0.11
N SER A 7 0.88 -4.93 -0.86
CA SER A 7 1.45 -3.92 -1.72
C SER A 7 0.33 -3.10 -2.38
N CYS A 8 0.68 -1.88 -2.76
CA CYS A 8 -0.29 -1.01 -3.41
C CYS A 8 0.28 -0.60 -4.78
N LEU A 9 1.46 -1.13 -5.08
CA LEU A 9 2.11 -0.83 -6.34
C LEU A 9 1.05 -0.72 -7.44
N GLY A 10 1.10 0.40 -8.16
CA GLY A 10 0.16 0.65 -9.23
C GLY A 10 -1.25 0.20 -8.84
N GLN A 11 -1.68 0.66 -7.68
CA GLN A 11 -3.00 0.31 -7.17
C GLN A 11 -4.03 1.34 -7.66
N GLN A 12 -5.29 0.91 -7.65
CA GLN A 12 -6.37 1.78 -8.09
C GLN A 12 -7.53 1.72 -7.08
N VAL A 13 -7.38 0.85 -6.10
CA VAL A 13 -8.39 0.69 -5.07
C VAL A 13 -7.85 1.20 -3.74
N PRO A 14 -8.79 1.58 -2.84
CA PRO A 14 -8.42 2.08 -1.53
C PRO A 14 -7.95 0.94 -0.62
N CYS A 15 -7.39 1.32 0.52
CA CYS A 15 -6.89 0.35 1.47
C CYS A 15 -8.01 0.06 2.48
N CYS A 16 -8.21 -1.22 2.74
CA CYS A 16 -9.25 -1.64 3.67
C CYS A 16 -9.05 -0.87 4.98
N ASP A 17 -7.79 -0.74 5.37
CA ASP A 17 -7.46 -0.03 6.60
C ASP A 17 -7.25 1.45 6.29
N PRO A 18 -7.97 2.30 7.06
CA PRO A 18 -7.88 3.74 6.87
C PRO A 18 -6.57 4.28 7.44
N ALA A 19 -6.04 3.57 8.43
CA ALA A 19 -4.81 3.97 9.07
C ALA A 19 -3.64 3.29 8.35
N ALA A 20 -3.83 3.04 7.06
CA ALA A 20 -2.80 2.40 6.26
C ALA A 20 -2.32 3.39 5.19
N THR A 21 -1.03 3.67 5.23
CA THR A 21 -0.44 4.59 4.27
C THR A 21 0.46 3.83 3.28
N CYS A 22 0.13 3.97 2.01
CA CYS A 22 0.88 3.31 0.96
C CYS A 22 2.33 3.79 1.03
N TYR A 23 3.09 3.16 1.92
CA TYR A 23 4.50 3.51 2.09
C TYR A 23 5.40 2.64 1.22
N CYS A 24 6.42 3.26 0.67
CA CYS A 24 7.37 2.55 -0.18
C CYS A 24 8.76 2.66 0.45
N ARG A 25 9.37 1.51 0.67
CA ARG A 25 10.70 1.47 1.26
C ARG A 25 11.73 2.05 0.28
N PHE A 26 11.90 1.34 -0.82
CA PHE A 26 12.85 1.77 -1.84
C PHE A 26 12.24 2.85 -2.74
N PHE A 27 12.77 2.94 -3.95
CA PHE A 27 12.30 3.92 -4.90
C PHE A 27 10.98 3.47 -5.54
N ASN A 28 11.06 2.35 -6.24
CA ASN A 28 9.88 1.81 -6.89
C ASN A 28 9.95 0.28 -6.88
N ALA A 29 9.63 -0.28 -5.72
CA ALA A 29 9.66 -1.73 -5.57
C ALA A 29 8.71 -2.13 -4.42
N PHE A 30 9.21 -1.97 -3.21
CA PHE A 30 8.42 -2.30 -2.02
C PHE A 30 7.52 -1.14 -1.63
N CYS A 31 6.23 -1.33 -1.85
CA CYS A 31 5.24 -0.31 -1.51
C CYS A 31 3.95 -1.02 -1.09
N TYR A 32 3.59 -0.80 0.16
CA TYR A 32 2.37 -1.39 0.70
C TYR A 32 1.70 -0.45 1.70
N CYS A 33 0.63 -0.94 2.29
CA CYS A 33 -0.12 -0.17 3.26
C CYS A 33 0.56 -0.31 4.63
N ARG A 34 1.07 0.81 5.12
CA ARG A 34 1.75 0.82 6.41
C ARG A 34 1.20 1.93 7.29
N CYS A 1 -10.75 -3.25 -2.08
CA CYS A 1 -9.81 -2.48 -1.27
C CYS A 1 -8.50 -3.27 -1.19
N VAL A 2 -7.59 -2.75 -0.38
CA VAL A 2 -6.30 -3.39 -0.20
C VAL A 2 -5.95 -3.42 1.29
N ARG A 3 -5.25 -4.48 1.68
CA ARG A 3 -4.85 -4.64 3.07
C ARG A 3 -3.54 -3.88 3.34
N LEU A 4 -3.28 -3.64 4.61
CA LEU A 4 -2.08 -2.94 5.02
C LEU A 4 -0.86 -3.66 4.45
N HIS A 5 -0.80 -4.96 4.71
CA HIS A 5 0.31 -5.78 4.24
C HIS A 5 0.03 -6.24 2.81
N GLU A 6 -0.42 -5.30 1.99
CA GLU A 6 -0.73 -5.60 0.60
C GLU A 6 -0.32 -4.44 -0.30
N SER A 7 0.74 -4.68 -1.07
CA SER A 7 1.24 -3.67 -1.97
C SER A 7 0.08 -2.88 -2.60
N CYS A 8 0.40 -1.67 -3.02
CA CYS A 8 -0.61 -0.81 -3.63
C CYS A 8 -0.10 -0.37 -5.00
N LEU A 9 1.03 -0.95 -5.39
CA LEU A 9 1.62 -0.63 -6.68
C LEU A 9 0.53 -0.58 -7.75
N GLY A 10 0.36 0.61 -8.31
CA GLY A 10 -0.64 0.81 -9.34
C GLY A 10 -1.95 0.10 -8.98
N GLN A 11 -2.32 0.22 -7.72
CA GLN A 11 -3.54 -0.39 -7.22
C GLN A 11 -4.76 0.42 -7.67
N GLN A 12 -5.84 -0.30 -7.97
CA GLN A 12 -7.07 0.32 -8.41
C GLN A 12 -8.02 0.51 -7.22
N VAL A 13 -7.73 -0.21 -6.15
CA VAL A 13 -8.55 -0.13 -4.94
C VAL A 13 -7.72 0.46 -3.81
N PRO A 14 -8.41 1.24 -2.93
CA PRO A 14 -7.76 1.86 -1.80
C PRO A 14 -7.45 0.84 -0.70
N CYS A 15 -6.86 1.33 0.37
CA CYS A 15 -6.52 0.48 1.49
C CYS A 15 -7.70 0.45 2.47
N CYS A 16 -8.24 -0.74 2.65
CA CYS A 16 -9.37 -0.91 3.56
C CYS A 16 -8.98 -0.35 4.93
N ASP A 17 -7.70 -0.45 5.22
CA ASP A 17 -7.19 0.03 6.49
C ASP A 17 -6.93 1.53 6.39
N PRO A 18 -7.67 2.30 7.24
CA PRO A 18 -7.54 3.75 7.26
C PRO A 18 -6.24 4.17 7.96
N ALA A 19 -5.79 3.31 8.86
CA ALA A 19 -4.56 3.58 9.60
C ALA A 19 -3.37 2.99 8.84
N ALA A 20 -3.55 2.86 7.52
CA ALA A 20 -2.50 2.32 6.69
C ALA A 20 -2.05 3.39 5.69
N THR A 21 -0.74 3.51 5.56
CA THR A 21 -0.16 4.49 4.65
C THR A 21 0.55 3.79 3.50
N CYS A 22 0.02 3.96 2.30
CA CYS A 22 0.59 3.36 1.12
C CYS A 22 1.95 4.01 0.86
N TYR A 23 2.98 3.41 1.46
CA TYR A 23 4.33 3.92 1.30
C TYR A 23 5.28 2.82 0.83
N CYS A 24 6.39 3.24 0.25
CA CYS A 24 7.38 2.30 -0.25
C CYS A 24 8.63 2.43 0.62
N ARG A 25 9.09 1.28 1.10
CA ARG A 25 10.28 1.26 1.95
C ARG A 25 11.51 1.69 1.14
N PHE A 26 11.62 1.12 -0.05
CA PHE A 26 12.74 1.43 -0.93
C PHE A 26 12.41 2.62 -1.83
N PHE A 27 13.09 2.66 -2.98
CA PHE A 27 12.87 3.73 -3.93
C PHE A 27 11.59 3.52 -4.73
N ASN A 28 11.61 2.50 -5.56
CA ASN A 28 10.46 2.18 -6.39
C ASN A 28 10.39 0.66 -6.60
N ALA A 29 10.04 -0.04 -5.53
CA ALA A 29 9.95 -1.49 -5.59
C ALA A 29 8.80 -1.96 -4.70
N PHE A 30 9.07 -1.99 -3.40
CA PHE A 30 8.07 -2.42 -2.44
C PHE A 30 7.20 -1.23 -2.00
N CYS A 31 5.96 -1.26 -2.47
CA CYS A 31 5.02 -0.20 -2.14
C CYS A 31 3.76 -0.84 -1.56
N TYR A 32 3.55 -0.60 -0.27
CA TYR A 32 2.38 -1.15 0.41
C TYR A 32 1.87 -0.19 1.48
N CYS A 33 0.87 -0.65 2.20
CA CYS A 33 0.28 0.16 3.26
C CYS A 33 0.98 -0.17 4.57
N ARG A 34 1.60 0.86 5.15
CA ARG A 34 2.32 0.69 6.41
C ARG A 34 1.66 1.52 7.51
N CYS A 1 -10.45 -3.58 -2.20
CA CYS A 1 -9.62 -2.75 -1.34
C CYS A 1 -8.24 -3.42 -1.25
N VAL A 2 -7.40 -2.84 -0.38
CA VAL A 2 -6.07 -3.36 -0.18
C VAL A 2 -5.77 -3.42 1.32
N ARG A 3 -5.20 -4.56 1.73
CA ARG A 3 -4.87 -4.76 3.12
C ARG A 3 -3.57 -4.04 3.48
N LEU A 4 -3.25 -4.04 4.76
CA LEU A 4 -2.05 -3.39 5.24
C LEU A 4 -0.83 -4.00 4.55
N HIS A 5 -0.68 -5.31 4.74
CA HIS A 5 0.43 -6.02 4.13
C HIS A 5 0.08 -6.41 2.69
N GLU A 6 -0.44 -5.43 1.96
CA GLU A 6 -0.81 -5.65 0.58
C GLU A 6 -0.30 -4.50 -0.30
N SER A 7 0.72 -4.81 -1.07
CA SER A 7 1.31 -3.81 -1.96
C SER A 7 0.22 -2.93 -2.55
N CYS A 8 0.60 -1.71 -2.88
CA CYS A 8 -0.34 -0.75 -3.46
C CYS A 8 0.14 -0.42 -4.88
N LEU A 9 1.29 -0.95 -5.23
CA LEU A 9 1.86 -0.71 -6.54
C LEU A 9 0.76 -0.79 -7.60
N GLY A 10 0.57 0.32 -8.30
CA GLY A 10 -0.44 0.38 -9.34
C GLY A 10 -1.76 -0.21 -8.85
N GLN A 11 -2.32 0.44 -7.85
CA GLN A 11 -3.59 -0.01 -7.28
C GLN A 11 -4.75 0.75 -7.91
N GLN A 12 -5.94 0.21 -7.69
CA GLN A 12 -7.15 0.83 -8.23
C GLN A 12 -8.22 0.93 -7.15
N VAL A 13 -7.90 0.41 -5.98
CA VAL A 13 -8.82 0.43 -4.86
C VAL A 13 -8.10 0.99 -3.63
N PRO A 14 -8.91 1.52 -2.67
CA PRO A 14 -8.37 2.09 -1.45
C PRO A 14 -7.92 0.98 -0.50
N CYS A 15 -7.29 1.40 0.59
CA CYS A 15 -6.81 0.46 1.58
C CYS A 15 -7.91 0.25 2.62
N CYS A 16 -8.31 -1.00 2.76
CA CYS A 16 -9.35 -1.35 3.72
C CYS A 16 -8.99 -0.74 5.07
N ASP A 17 -7.70 -0.54 5.27
CA ASP A 17 -7.21 0.04 6.51
C ASP A 17 -7.22 1.56 6.40
N PRO A 18 -7.96 2.20 7.35
CA PRO A 18 -8.06 3.65 7.36
C PRO A 18 -6.77 4.28 7.89
N ALA A 19 -6.14 3.58 8.82
CA ALA A 19 -4.90 4.05 9.40
C ALA A 19 -3.71 3.44 8.66
N ALA A 20 -3.87 3.35 7.35
CA ALA A 20 -2.82 2.78 6.51
C ALA A 20 -2.32 3.86 5.54
N THR A 21 -1.06 3.70 5.13
CA THR A 21 -0.45 4.64 4.21
C THR A 21 0.49 3.92 3.25
N CYS A 22 0.16 4.01 1.97
CA CYS A 22 0.97 3.36 0.94
C CYS A 22 2.43 3.79 1.14
N TYR A 23 3.13 3.04 1.98
CA TYR A 23 4.52 3.32 2.27
C TYR A 23 5.44 2.50 1.36
N CYS A 24 6.58 3.12 1.02
CA CYS A 24 7.55 2.46 0.16
C CYS A 24 8.90 2.48 0.87
N ARG A 25 9.52 1.31 0.92
CA ARG A 25 10.82 1.19 1.57
C ARG A 25 11.92 1.72 0.66
N PHE A 26 12.09 1.06 -0.47
CA PHE A 26 13.11 1.47 -1.43
C PHE A 26 12.61 2.66 -2.27
N PHE A 27 13.23 2.80 -3.43
CA PHE A 27 12.87 3.88 -4.34
C PHE A 27 11.57 3.56 -5.08
N ASN A 28 11.62 2.50 -5.88
CA ASN A 28 10.46 2.08 -6.63
C ASN A 28 10.45 0.56 -6.75
N ALA A 29 10.04 -0.08 -5.65
CA ALA A 29 9.98 -1.53 -5.61
C ALA A 29 8.93 -1.96 -4.60
N PHE A 30 9.26 -1.77 -3.33
CA PHE A 30 8.36 -2.15 -2.26
C PHE A 30 7.40 -1.00 -1.93
N CYS A 31 6.13 -1.26 -2.17
CA CYS A 31 5.11 -0.26 -1.91
C CYS A 31 3.84 -0.98 -1.43
N TYR A 32 3.51 -0.76 -0.16
CA TYR A 32 2.35 -1.38 0.43
C TYR A 32 1.71 -0.46 1.48
N CYS A 33 0.64 -0.95 2.08
CA CYS A 33 -0.07 -0.20 3.09
C CYS A 33 0.72 -0.29 4.41
N ARG A 34 1.24 0.85 4.83
CA ARG A 34 2.01 0.90 6.06
C ARG A 34 1.68 2.18 6.84
N CYS A 1 -10.83 -3.25 -1.59
CA CYS A 1 -9.79 -2.46 -0.97
C CYS A 1 -8.54 -3.33 -0.81
N VAL A 2 -7.43 -2.69 -0.48
CA VAL A 2 -6.17 -3.39 -0.30
C VAL A 2 -5.85 -3.45 1.19
N ARG A 3 -5.35 -4.61 1.61
CA ARG A 3 -4.99 -4.81 3.00
C ARG A 3 -3.69 -4.07 3.34
N LEU A 4 -3.37 -4.05 4.61
CA LEU A 4 -2.16 -3.38 5.07
C LEU A 4 -0.94 -4.11 4.50
N HIS A 5 -0.95 -5.43 4.62
CA HIS A 5 0.14 -6.24 4.13
C HIS A 5 -0.09 -6.58 2.66
N GLU A 6 -0.48 -5.55 1.91
CA GLU A 6 -0.74 -5.73 0.49
C GLU A 6 -0.25 -4.50 -0.30
N SER A 7 0.85 -4.71 -1.00
CA SER A 7 1.44 -3.63 -1.79
C SER A 7 0.33 -2.83 -2.49
N CYS A 8 0.60 -1.55 -2.69
CA CYS A 8 -0.36 -0.68 -3.34
C CYS A 8 0.30 -0.10 -4.61
N LEU A 9 1.51 -0.57 -4.87
CA LEU A 9 2.24 -0.12 -6.03
C LEU A 9 1.47 -0.48 -7.30
N GLY A 10 1.04 0.56 -8.00
CA GLY A 10 0.27 0.37 -9.23
C GLY A 10 -1.15 -0.10 -8.93
N GLN A 11 -1.58 0.16 -7.70
CA GLN A 11 -2.91 -0.22 -7.27
C GLN A 11 -3.95 0.75 -7.83
N GLN A 12 -5.21 0.33 -7.77
CA GLN A 12 -6.30 1.16 -8.26
C GLN A 12 -7.44 1.20 -7.23
N VAL A 13 -7.25 0.44 -6.16
CA VAL A 13 -8.25 0.38 -5.11
C VAL A 13 -7.64 0.93 -3.81
N PRO A 14 -8.55 1.43 -2.92
CA PRO A 14 -8.12 1.99 -1.65
C PRO A 14 -7.70 0.89 -0.68
N CYS A 15 -7.07 1.31 0.40
CA CYS A 15 -6.62 0.37 1.41
C CYS A 15 -7.78 0.11 2.37
N CYS A 16 -7.99 -1.17 2.66
CA CYS A 16 -9.06 -1.58 3.56
C CYS A 16 -8.90 -0.80 4.87
N ASP A 17 -7.66 -0.69 5.31
CA ASP A 17 -7.36 0.01 6.54
C ASP A 17 -7.20 1.50 6.25
N PRO A 18 -8.08 2.31 6.88
CA PRO A 18 -8.05 3.76 6.70
C PRO A 18 -6.87 4.37 7.45
N ALA A 19 -6.45 3.68 8.50
CA ALA A 19 -5.34 4.15 9.32
C ALA A 19 -4.03 3.58 8.77
N ALA A 20 -4.03 3.33 7.48
CA ALA A 20 -2.86 2.78 6.82
C ALA A 20 -2.24 3.85 5.91
N THR A 21 -0.96 3.66 5.62
CA THR A 21 -0.25 4.59 4.76
C THR A 21 0.58 3.83 3.73
N CYS A 22 0.22 4.02 2.47
CA CYS A 22 0.91 3.35 1.37
C CYS A 22 2.38 3.79 1.42
N TYR A 23 3.15 3.08 2.23
CA TYR A 23 4.56 3.38 2.36
C TYR A 23 5.41 2.53 1.41
N CYS A 24 6.46 3.13 0.89
CA CYS A 24 7.34 2.45 -0.03
C CYS A 24 8.77 2.55 0.50
N ARG A 25 9.39 1.40 0.70
CA ARG A 25 10.75 1.35 1.20
C ARG A 25 11.71 1.99 0.19
N PHE A 26 11.74 1.40 -1.00
CA PHE A 26 12.61 1.91 -2.06
C PHE A 26 11.87 2.88 -2.96
N PHE A 27 12.37 3.01 -4.18
CA PHE A 27 11.76 3.91 -5.14
C PHE A 27 10.49 3.31 -5.73
N ASN A 28 10.67 2.21 -6.45
CA ASN A 28 9.55 1.52 -7.07
C ASN A 28 9.82 0.01 -7.07
N ALA A 29 9.62 -0.59 -5.91
CA ALA A 29 9.85 -2.02 -5.76
C ALA A 29 9.02 -2.53 -4.57
N PHE A 30 8.99 -1.74 -3.53
CA PHE A 30 8.25 -2.10 -2.33
C PHE A 30 7.38 -0.93 -1.86
N CYS A 31 6.07 -1.13 -1.98
CA CYS A 31 5.12 -0.11 -1.57
C CYS A 31 3.85 -0.81 -1.08
N TYR A 32 3.60 -0.67 0.20
CA TYR A 32 2.43 -1.28 0.81
C TYR A 32 1.88 -0.41 1.95
N CYS A 33 0.72 -0.81 2.44
CA CYS A 33 0.07 -0.08 3.53
C CYS A 33 0.80 -0.44 4.83
N ARG A 34 1.25 0.59 5.53
CA ARG A 34 1.94 0.40 6.79
C ARG A 34 1.61 1.55 7.75
N CYS A 1 -10.61 -3.57 -1.20
CA CYS A 1 -9.59 -2.59 -0.84
C CYS A 1 -8.28 -3.32 -0.59
N VAL A 2 -7.21 -2.54 -0.50
CA VAL A 2 -5.89 -3.10 -0.27
C VAL A 2 -5.64 -3.23 1.23
N ARG A 3 -5.17 -4.40 1.63
CA ARG A 3 -4.89 -4.67 3.02
C ARG A 3 -3.51 -4.13 3.40
N LEU A 4 -3.29 -4.02 4.70
CA LEU A 4 -2.02 -3.51 5.21
C LEU A 4 -0.88 -4.31 4.57
N HIS A 5 -1.08 -5.62 4.47
CA HIS A 5 -0.09 -6.49 3.89
C HIS A 5 -0.42 -6.74 2.41
N GLU A 6 -0.71 -5.65 1.72
CA GLU A 6 -1.05 -5.73 0.30
C GLU A 6 -0.43 -4.56 -0.46
N SER A 7 0.58 -4.88 -1.25
CA SER A 7 1.27 -3.87 -2.03
C SER A 7 0.26 -2.93 -2.68
N CYS A 8 0.72 -1.71 -2.96
CA CYS A 8 -0.13 -0.72 -3.58
C CYS A 8 0.46 -0.35 -4.94
N LEU A 9 1.61 -0.94 -5.23
CA LEU A 9 2.29 -0.69 -6.48
C LEU A 9 1.26 -0.62 -7.61
N GLY A 10 1.10 0.58 -8.14
CA GLY A 10 0.15 0.80 -9.23
C GLY A 10 -1.20 0.14 -8.92
N GLN A 11 -1.64 0.31 -7.67
CA GLN A 11 -2.90 -0.26 -7.24
C GLN A 11 -4.07 0.53 -7.82
N GLN A 12 -5.27 0.01 -7.59
CA GLN A 12 -6.47 0.66 -8.07
C GLN A 12 -7.52 0.73 -6.96
N VAL A 13 -7.17 0.18 -5.82
CA VAL A 13 -8.07 0.18 -4.67
C VAL A 13 -7.37 0.86 -3.48
N PRO A 14 -8.21 1.51 -2.64
CA PRO A 14 -7.69 2.20 -1.46
C PRO A 14 -7.30 1.20 -0.37
N CYS A 15 -6.67 1.73 0.68
CA CYS A 15 -6.24 0.91 1.78
C CYS A 15 -7.47 0.52 2.61
N CYS A 16 -7.77 -0.76 2.61
CA CYS A 16 -8.91 -1.27 3.36
C CYS A 16 -8.89 -0.63 4.75
N ASP A 17 -7.69 -0.31 5.20
CA ASP A 17 -7.51 0.30 6.51
C ASP A 17 -7.39 1.82 6.35
N PRO A 18 -8.16 2.55 7.20
CA PRO A 18 -8.14 4.01 7.16
C PRO A 18 -6.86 4.55 7.80
N ALA A 19 -6.35 3.80 8.75
CA ALA A 19 -5.13 4.20 9.45
C ALA A 19 -3.93 3.59 8.73
N ALA A 20 -4.10 3.33 7.45
CA ALA A 20 -3.04 2.74 6.65
C ALA A 20 -2.28 3.86 5.94
N THR A 21 -1.05 3.53 5.53
CA THR A 21 -0.21 4.49 4.84
C THR A 21 0.66 3.78 3.79
N CYS A 22 0.11 3.70 2.59
CA CYS A 22 0.83 3.06 1.50
C CYS A 22 2.26 3.59 1.48
N TYR A 23 3.12 2.89 2.22
CA TYR A 23 4.52 3.28 2.29
C TYR A 23 5.39 2.34 1.45
N CYS A 24 6.44 2.92 0.87
CA CYS A 24 7.35 2.17 0.03
C CYS A 24 8.76 2.33 0.60
N ARG A 25 9.41 1.19 0.82
CA ARG A 25 10.76 1.20 1.36
C ARG A 25 11.72 1.85 0.36
N PHE A 26 11.45 1.64 -0.91
CA PHE A 26 12.27 2.21 -1.96
C PHE A 26 11.47 3.17 -2.84
N PHE A 27 12.06 3.51 -3.98
CA PHE A 27 11.41 4.42 -4.91
C PHE A 27 10.37 3.69 -5.75
N ASN A 28 10.78 2.54 -6.28
CA ASN A 28 9.90 1.74 -7.11
C ASN A 28 10.20 0.26 -6.88
N ALA A 29 9.78 -0.23 -5.73
CA ALA A 29 10.00 -1.63 -5.38
C ALA A 29 8.93 -2.06 -4.36
N PHE A 30 9.31 -2.00 -3.09
CA PHE A 30 8.40 -2.38 -2.02
C PHE A 30 7.48 -1.23 -1.65
N CYS A 31 6.20 -1.43 -1.90
CA CYS A 31 5.19 -0.43 -1.59
C CYS A 31 3.89 -1.13 -1.22
N TYR A 32 3.50 -0.96 0.03
CA TYR A 32 2.27 -1.58 0.52
C TYR A 32 1.60 -0.69 1.57
N CYS A 33 0.39 -1.09 1.94
CA CYS A 33 -0.37 -0.34 2.93
C CYS A 33 0.36 -0.44 4.27
N ARG A 34 0.95 0.67 4.67
CA ARG A 34 1.68 0.72 5.93
C ARG A 34 1.35 2.02 6.68
N CYS A 1 -10.53 -3.92 -2.09
CA CYS A 1 -9.74 -2.99 -1.32
C CYS A 1 -8.32 -3.56 -1.18
N VAL A 2 -7.54 -2.91 -0.33
CA VAL A 2 -6.17 -3.34 -0.10
C VAL A 2 -5.87 -3.34 1.40
N ARG A 3 -5.37 -4.47 1.87
CA ARG A 3 -5.06 -4.60 3.28
C ARG A 3 -3.70 -3.94 3.58
N LEU A 4 -3.37 -3.92 4.86
CA LEU A 4 -2.12 -3.32 5.30
C LEU A 4 -0.95 -4.07 4.67
N HIS A 5 -1.01 -5.40 4.79
CA HIS A 5 0.04 -6.25 4.25
C HIS A 5 -0.28 -6.56 2.78
N GLU A 6 -0.65 -5.52 2.05
CA GLU A 6 -0.98 -5.68 0.64
C GLU A 6 -0.41 -4.51 -0.17
N SER A 7 0.59 -4.83 -0.98
CA SER A 7 1.23 -3.84 -1.81
C SER A 7 0.21 -2.80 -2.27
N CYS A 8 0.68 -1.57 -2.42
CA CYS A 8 -0.18 -0.48 -2.85
C CYS A 8 0.44 0.16 -4.09
N LEU A 9 1.53 -0.44 -4.55
CA LEU A 9 2.22 0.06 -5.72
C LEU A 9 1.35 -0.20 -6.96
N GLY A 10 1.28 0.82 -7.80
CA GLY A 10 0.50 0.72 -9.02
C GLY A 10 -0.85 0.07 -8.76
N GLN A 11 -1.49 0.52 -7.68
CA GLN A 11 -2.78 -0.01 -7.31
C GLN A 11 -3.90 0.87 -7.86
N GLN A 12 -5.12 0.35 -7.80
CA GLN A 12 -6.28 1.08 -8.28
C GLN A 12 -7.41 1.02 -7.25
N VAL A 13 -7.16 0.30 -6.17
CA VAL A 13 -8.14 0.15 -5.11
C VAL A 13 -7.60 0.80 -3.84
N PRO A 14 -8.55 1.24 -2.97
CA PRO A 14 -8.19 1.88 -1.72
C PRO A 14 -7.69 0.85 -0.70
N CYS A 15 -7.36 1.35 0.47
CA CYS A 15 -6.88 0.48 1.54
C CYS A 15 -8.00 0.32 2.58
N CYS A 16 -8.45 -0.90 2.72
CA CYS A 16 -9.51 -1.21 3.67
C CYS A 16 -9.13 -0.63 5.03
N ASP A 17 -7.82 -0.59 5.27
CA ASP A 17 -7.30 -0.06 6.52
C ASP A 17 -7.10 1.45 6.39
N PRO A 18 -7.79 2.21 7.30
CA PRO A 18 -7.69 3.65 7.28
C PRO A 18 -6.35 4.12 7.85
N ALA A 19 -5.80 3.29 8.74
CA ALA A 19 -4.52 3.60 9.36
C ALA A 19 -3.39 3.00 8.52
N ALA A 20 -3.64 2.92 7.22
CA ALA A 20 -2.65 2.38 6.30
C ALA A 20 -2.22 3.47 5.32
N THR A 21 -0.91 3.65 5.22
CA THR A 21 -0.35 4.65 4.33
C THR A 21 0.47 3.97 3.23
N CYS A 22 0.18 4.37 1.99
CA CYS A 22 0.88 3.81 0.85
C CYS A 22 2.37 4.16 0.98
N TYR A 23 3.07 3.37 1.76
CA TYR A 23 4.49 3.59 1.98
C TYR A 23 5.33 2.65 1.10
N CYS A 24 6.49 3.16 0.69
CA CYS A 24 7.38 2.38 -0.15
C CYS A 24 8.79 2.48 0.44
N ARG A 25 9.34 1.32 0.75
CA ARG A 25 10.68 1.26 1.32
C ARG A 25 11.72 1.81 0.32
N PHE A 26 11.64 1.29 -0.89
CA PHE A 26 12.55 1.71 -1.95
C PHE A 26 11.91 2.80 -2.82
N PHE A 27 12.47 2.95 -4.01
CA PHE A 27 11.97 3.95 -4.95
C PHE A 27 10.68 3.46 -5.63
N ASN A 28 10.81 2.34 -6.31
CA ASN A 28 9.68 1.77 -7.02
C ASN A 28 9.78 0.25 -6.99
N ALA A 29 9.48 -0.33 -5.83
CA ALA A 29 9.54 -1.76 -5.66
C ALA A 29 8.60 -2.17 -4.53
N PHE A 30 9.12 -2.07 -3.31
CA PHE A 30 8.33 -2.44 -2.14
C PHE A 30 7.45 -1.27 -1.69
N CYS A 31 6.15 -1.41 -1.94
CA CYS A 31 5.20 -0.39 -1.56
C CYS A 31 3.89 -1.07 -1.18
N TYR A 32 3.46 -0.81 0.05
CA TYR A 32 2.23 -1.39 0.56
C TYR A 32 1.52 -0.43 1.52
N CYS A 33 0.57 -0.98 2.25
CA CYS A 33 -0.18 -0.19 3.21
C CYS A 33 0.50 -0.31 4.58
N ARG A 34 1.06 0.81 5.02
CA ARG A 34 1.75 0.85 6.29
C ARG A 34 1.12 1.91 7.20
N CYS A 1 -10.56 -3.02 -2.34
CA CYS A 1 -9.62 -2.34 -1.46
C CYS A 1 -8.33 -3.17 -1.40
N VAL A 2 -7.42 -2.73 -0.54
CA VAL A 2 -6.16 -3.42 -0.38
C VAL A 2 -5.84 -3.56 1.11
N ARG A 3 -5.28 -4.70 1.47
CA ARG A 3 -4.92 -4.96 2.85
C ARG A 3 -3.67 -4.16 3.24
N LEU A 4 -3.45 -4.07 4.54
CA LEU A 4 -2.30 -3.35 5.05
C LEU A 4 -1.01 -3.99 4.52
N HIS A 5 -0.90 -5.29 4.75
CA HIS A 5 0.26 -6.03 4.30
C HIS A 5 0.07 -6.45 2.84
N GLU A 6 -0.37 -5.50 2.04
CA GLU A 6 -0.60 -5.75 0.62
C GLU A 6 -0.12 -4.56 -0.21
N SER A 7 0.98 -4.78 -0.91
CA SER A 7 1.54 -3.73 -1.75
C SER A 7 0.42 -2.91 -2.40
N CYS A 8 0.74 -1.67 -2.71
CA CYS A 8 -0.22 -0.78 -3.33
C CYS A 8 0.32 -0.36 -4.69
N LEU A 9 1.51 -0.87 -5.01
CA LEU A 9 2.14 -0.56 -6.29
C LEU A 9 1.07 -0.53 -7.38
N GLY A 10 0.83 0.68 -7.88
CA GLY A 10 -0.16 0.86 -8.94
C GLY A 10 -1.47 0.17 -8.58
N GLN A 11 -2.07 0.61 -7.49
CA GLN A 11 -3.33 0.04 -7.04
C GLN A 11 -4.50 0.87 -7.56
N GLN A 12 -5.56 0.17 -7.92
CA GLN A 12 -6.76 0.82 -8.43
C GLN A 12 -7.77 1.04 -7.31
N VAL A 13 -7.58 0.27 -6.23
CA VAL A 13 -8.47 0.36 -5.09
C VAL A 13 -7.69 0.91 -3.89
N PRO A 14 -8.44 1.58 -2.97
CA PRO A 14 -7.83 2.15 -1.78
C PRO A 14 -7.50 1.05 -0.76
N CYS A 15 -7.03 1.49 0.40
CA CYS A 15 -6.67 0.56 1.45
C CYS A 15 -7.87 0.43 2.40
N CYS A 16 -8.30 -0.80 2.59
CA CYS A 16 -9.43 -1.08 3.45
C CYS A 16 -9.14 -0.49 4.83
N ASP A 17 -7.86 -0.50 5.20
CA ASP A 17 -7.44 0.04 6.48
C ASP A 17 -7.28 1.55 6.35
N PRO A 18 -8.01 2.27 7.25
CA PRO A 18 -7.95 3.73 7.25
C PRO A 18 -6.65 4.22 7.87
N ALA A 19 -6.14 3.44 8.80
CA ALA A 19 -4.90 3.78 9.48
C ALA A 19 -3.73 3.13 8.75
N ALA A 20 -3.87 3.04 7.44
CA ALA A 20 -2.83 2.44 6.61
C ALA A 20 -2.29 3.50 5.64
N THR A 21 -0.97 3.54 5.55
CA THR A 21 -0.31 4.50 4.66
C THR A 21 0.54 3.77 3.63
N CYS A 22 0.19 3.97 2.36
CA CYS A 22 0.91 3.34 1.27
C CYS A 22 2.38 3.78 1.35
N TYR A 23 3.13 3.07 2.19
CA TYR A 23 4.54 3.39 2.37
C TYR A 23 5.41 2.51 1.46
N CYS A 24 6.46 3.13 0.92
CA CYS A 24 7.36 2.43 0.03
C CYS A 24 8.79 2.64 0.53
N ARG A 25 9.46 1.53 0.79
CA ARG A 25 10.83 1.58 1.29
C ARG A 25 11.75 2.21 0.23
N PHE A 26 11.54 1.78 -1.01
CA PHE A 26 12.34 2.29 -2.12
C PHE A 26 11.48 3.08 -3.10
N PHE A 27 12.03 3.29 -4.29
CA PHE A 27 11.33 4.02 -5.32
C PHE A 27 10.29 3.13 -6.01
N ASN A 28 10.74 1.97 -6.46
CA ASN A 28 9.87 1.03 -7.13
C ASN A 28 10.34 -0.39 -6.85
N ALA A 29 10.06 -0.84 -5.63
CA ALA A 29 10.45 -2.19 -5.22
C ALA A 29 9.53 -2.66 -4.10
N PHE A 30 9.36 -1.79 -3.11
CA PHE A 30 8.51 -2.10 -1.97
C PHE A 30 7.56 -0.95 -1.66
N CYS A 31 6.28 -1.21 -1.84
CA CYS A 31 5.27 -0.19 -1.57
C CYS A 31 3.99 -0.90 -1.12
N TYR A 32 3.65 -0.69 0.14
CA TYR A 32 2.46 -1.31 0.71
C TYR A 32 1.82 -0.39 1.75
N CYS A 33 0.77 -0.91 2.38
CA CYS A 33 0.06 -0.15 3.41
C CYS A 33 0.73 -0.42 4.76
N ARG A 34 1.27 0.64 5.33
CA ARG A 34 1.93 0.53 6.62
C ARG A 34 1.68 1.78 7.46
N CYS A 1 -10.72 -2.91 -2.04
CA CYS A 1 -9.69 -2.21 -1.28
C CYS A 1 -8.45 -3.09 -1.23
N VAL A 2 -7.50 -2.67 -0.42
CA VAL A 2 -6.25 -3.41 -0.26
C VAL A 2 -5.92 -3.55 1.22
N ARG A 3 -5.33 -4.69 1.56
CA ARG A 3 -4.96 -4.95 2.94
C ARG A 3 -3.73 -4.13 3.32
N LEU A 4 -3.48 -4.07 4.62
CA LEU A 4 -2.34 -3.34 5.13
C LEU A 4 -1.05 -3.97 4.61
N HIS A 5 -0.93 -5.27 4.86
CA HIS A 5 0.25 -6.01 4.43
C HIS A 5 0.06 -6.45 2.97
N GLU A 6 -0.39 -5.51 2.15
CA GLU A 6 -0.62 -5.80 0.75
C GLU A 6 -0.15 -4.63 -0.12
N SER A 7 0.96 -4.84 -0.81
CA SER A 7 1.52 -3.82 -1.67
C SER A 7 0.39 -3.07 -2.39
N CYS A 8 0.72 -1.89 -2.87
CA CYS A 8 -0.24 -1.07 -3.58
C CYS A 8 0.36 -0.67 -4.93
N LEU A 9 1.52 -1.23 -5.21
CA LEU A 9 2.22 -0.94 -6.45
C LEU A 9 1.20 -0.84 -7.59
N GLY A 10 0.87 0.40 -7.94
CA GLY A 10 -0.08 0.65 -9.00
C GLY A 10 -1.47 0.11 -8.63
N GLN A 11 -1.91 0.50 -7.44
CA GLN A 11 -3.22 0.06 -6.96
C GLN A 11 -4.30 1.04 -7.41
N GLN A 12 -5.39 0.48 -7.93
CA GLN A 12 -6.50 1.29 -8.40
C GLN A 12 -7.57 1.39 -7.31
N VAL A 13 -7.41 0.57 -6.29
CA VAL A 13 -8.35 0.56 -5.18
C VAL A 13 -7.66 1.08 -3.92
N PRO A 14 -8.49 1.60 -2.98
CA PRO A 14 -7.97 2.13 -1.73
C PRO A 14 -7.55 1.00 -0.79
N CYS A 15 -7.10 1.39 0.39
CA CYS A 15 -6.66 0.42 1.38
C CYS A 15 -7.83 0.15 2.33
N CYS A 16 -8.08 -1.13 2.57
CA CYS A 16 -9.16 -1.54 3.44
C CYS A 16 -9.02 -0.79 4.77
N ASP A 17 -7.78 -0.72 5.24
CA ASP A 17 -7.50 -0.03 6.49
C ASP A 17 -7.28 1.46 6.21
N PRO A 18 -8.12 2.29 6.88
CA PRO A 18 -8.03 3.73 6.70
C PRO A 18 -6.81 4.30 7.45
N ALA A 19 -6.41 3.58 8.49
CA ALA A 19 -5.26 4.00 9.28
C ALA A 19 -3.99 3.36 8.71
N ALA A 20 -4.03 3.13 7.41
CA ALA A 20 -2.89 2.52 6.73
C ALA A 20 -2.17 3.58 5.90
N THR A 21 -0.86 3.44 5.80
CA THR A 21 -0.06 4.37 5.04
C THR A 21 0.73 3.64 3.95
N CYS A 22 0.22 3.73 2.73
CA CYS A 22 0.86 3.09 1.60
C CYS A 22 2.25 3.72 1.40
N TYR A 23 3.21 3.21 2.17
CA TYR A 23 4.57 3.70 2.09
C TYR A 23 5.44 2.79 1.23
N CYS A 24 6.45 3.39 0.60
CA CYS A 24 7.36 2.64 -0.25
C CYS A 24 8.77 2.80 0.30
N ARG A 25 9.40 1.67 0.57
CA ARG A 25 10.75 1.67 1.10
C ARG A 25 11.73 2.23 0.07
N PHE A 26 11.87 1.51 -1.03
CA PHE A 26 12.76 1.93 -2.09
C PHE A 26 12.08 2.94 -3.01
N PHE A 27 12.56 2.99 -4.25
CA PHE A 27 12.02 3.91 -5.23
C PHE A 27 10.69 3.38 -5.79
N ASN A 28 10.79 2.23 -6.46
CA ASN A 28 9.61 1.61 -7.04
C ASN A 28 9.75 0.09 -6.97
N ALA A 29 9.51 -0.45 -5.79
CA ALA A 29 9.61 -1.88 -5.59
C ALA A 29 8.73 -2.28 -4.40
N PHE A 30 9.18 -1.90 -3.22
CA PHE A 30 8.44 -2.20 -2.00
C PHE A 30 7.54 -1.05 -1.59
N CYS A 31 6.24 -1.26 -1.78
CA CYS A 31 5.25 -0.24 -1.45
C CYS A 31 3.98 -0.94 -0.97
N TYR A 32 3.67 -0.76 0.30
CA TYR A 32 2.49 -1.37 0.89
C TYR A 32 1.89 -0.47 1.97
N CYS A 33 0.74 -0.89 2.47
CA CYS A 33 0.04 -0.12 3.50
C CYS A 33 0.73 -0.40 4.84
N ARG A 34 1.27 0.64 5.43
CA ARG A 34 1.95 0.52 6.71
C ARG A 34 1.74 1.79 7.54
N CYS A 1 -10.08 -3.26 -2.21
CA CYS A 1 -9.30 -2.49 -1.26
C CYS A 1 -7.91 -3.13 -1.15
N VAL A 2 -7.08 -2.53 -0.30
CA VAL A 2 -5.74 -3.03 -0.09
C VAL A 2 -5.45 -3.06 1.41
N ARG A 3 -5.15 -4.26 1.89
CA ARG A 3 -4.85 -4.45 3.30
C ARG A 3 -3.41 -4.01 3.59
N LEU A 4 -3.14 -3.80 4.88
CA LEU A 4 -1.82 -3.38 5.30
C LEU A 4 -0.77 -4.29 4.65
N HIS A 5 -1.12 -5.56 4.54
CA HIS A 5 -0.22 -6.54 3.94
C HIS A 5 -0.60 -6.73 2.47
N GLU A 6 -0.79 -5.62 1.78
CA GLU A 6 -1.15 -5.67 0.38
C GLU A 6 -0.48 -4.51 -0.38
N SER A 7 0.49 -4.86 -1.21
CA SER A 7 1.19 -3.87 -1.99
C SER A 7 0.21 -2.92 -2.67
N CYS A 8 0.70 -1.74 -2.99
CA CYS A 8 -0.13 -0.73 -3.64
C CYS A 8 0.48 -0.42 -5.01
N LEU A 9 1.61 -1.05 -5.29
CA LEU A 9 2.29 -0.85 -6.55
C LEU A 9 1.26 -0.76 -7.67
N GLY A 10 1.17 0.42 -8.26
CA GLY A 10 0.24 0.64 -9.35
C GLY A 10 -1.13 0.04 -9.02
N GLN A 11 -1.57 0.27 -7.79
CA GLN A 11 -2.86 -0.24 -7.34
C GLN A 11 -4.00 0.61 -7.92
N GLN A 12 -5.22 0.13 -7.70
CA GLN A 12 -6.39 0.83 -8.19
C GLN A 12 -7.45 0.92 -7.09
N VAL A 13 -7.13 0.30 -5.95
CA VAL A 13 -8.04 0.30 -4.82
C VAL A 13 -7.40 1.02 -3.64
N PRO A 14 -8.26 1.59 -2.76
CA PRO A 14 -7.78 2.30 -1.59
C PRO A 14 -7.28 1.32 -0.52
N CYS A 15 -6.69 1.89 0.52
CA CYS A 15 -6.16 1.09 1.60
C CYS A 15 -7.34 0.63 2.48
N CYS A 16 -7.52 -0.68 2.51
CA CYS A 16 -8.60 -1.26 3.30
C CYS A 16 -8.45 -0.78 4.74
N ASP A 17 -7.21 -0.78 5.21
CA ASP A 17 -6.93 -0.35 6.57
C ASP A 17 -7.47 1.08 6.77
N PRO A 18 -7.64 1.44 8.07
CA PRO A 18 -8.15 2.76 8.41
C PRO A 18 -7.07 3.82 8.23
N ALA A 19 -6.25 3.97 9.27
CA ALA A 19 -5.16 4.94 9.23
C ALA A 19 -3.95 4.31 8.56
N ALA A 20 -4.20 3.66 7.43
CA ALA A 20 -3.14 3.02 6.69
C ALA A 20 -2.41 4.06 5.83
N THR A 21 -1.20 3.72 5.44
CA THR A 21 -0.39 4.62 4.63
C THR A 21 0.47 3.83 3.65
N CYS A 22 0.05 3.85 2.39
CA CYS A 22 0.77 3.13 1.35
C CYS A 22 2.22 3.62 1.35
N TYR A 23 3.04 2.96 2.16
CA TYR A 23 4.44 3.33 2.26
C TYR A 23 5.31 2.39 1.41
N CYS A 24 6.36 2.96 0.85
CA CYS A 24 7.27 2.19 0.02
C CYS A 24 8.69 2.38 0.57
N ARG A 25 9.35 1.25 0.81
CA ARG A 25 10.70 1.27 1.33
C ARG A 25 11.65 1.91 0.32
N PHE A 26 11.44 1.56 -0.94
CA PHE A 26 12.26 2.10 -2.02
C PHE A 26 11.47 3.06 -2.89
N PHE A 27 12.04 3.37 -4.05
CA PHE A 27 11.40 4.28 -4.98
C PHE A 27 10.32 3.56 -5.79
N ASN A 28 10.69 2.40 -6.33
CA ASN A 28 9.76 1.61 -7.11
C ASN A 28 10.05 0.13 -6.88
N ALA A 29 9.65 -0.35 -5.71
CA ALA A 29 9.85 -1.74 -5.36
C ALA A 29 8.82 -2.15 -4.31
N PHE A 30 9.21 -2.03 -3.05
CA PHE A 30 8.33 -2.39 -1.95
C PHE A 30 7.40 -1.22 -1.60
N CYS A 31 6.12 -1.44 -1.85
CA CYS A 31 5.11 -0.43 -1.57
C CYS A 31 3.81 -1.12 -1.19
N TYR A 32 3.41 -0.93 0.06
CA TYR A 32 2.19 -1.54 0.56
C TYR A 32 1.51 -0.63 1.59
N CYS A 33 0.31 -1.04 1.99
CA CYS A 33 -0.45 -0.28 2.96
C CYS A 33 0.24 -0.42 4.32
N ARG A 34 0.72 0.71 4.83
CA ARG A 34 1.39 0.73 6.11
C ARG A 34 0.86 1.88 6.98
N CYS A 1 -10.38 -3.72 -2.33
CA CYS A 1 -9.57 -2.82 -1.52
C CYS A 1 -8.18 -3.45 -1.37
N VAL A 2 -7.38 -2.83 -0.49
CA VAL A 2 -6.04 -3.32 -0.25
C VAL A 2 -5.79 -3.36 1.26
N ARG A 3 -5.30 -4.51 1.71
CA ARG A 3 -5.02 -4.69 3.12
C ARG A 3 -3.71 -4.00 3.49
N LEU A 4 -3.40 -4.02 4.78
CA LEU A 4 -2.19 -3.40 5.27
C LEU A 4 -0.98 -4.10 4.67
N HIS A 5 -0.96 -5.43 4.84
CA HIS A 5 0.14 -6.23 4.32
C HIS A 5 -0.14 -6.58 2.85
N GLU A 6 -0.56 -5.58 2.10
CA GLU A 6 -0.87 -5.77 0.69
C GLU A 6 -0.31 -4.61 -0.14
N SER A 7 0.70 -4.92 -0.93
CA SER A 7 1.34 -3.91 -1.77
C SER A 7 0.31 -2.88 -2.20
N CYS A 8 0.77 -1.63 -2.31
CA CYS A 8 -0.09 -0.54 -2.71
C CYS A 8 0.49 0.10 -3.97
N LEU A 9 1.61 -0.47 -4.42
CA LEU A 9 2.27 0.03 -5.61
C LEU A 9 1.37 -0.19 -6.82
N GLY A 10 0.99 0.93 -7.44
CA GLY A 10 0.12 0.87 -8.60
C GLY A 10 -1.24 0.26 -8.26
N GLN A 11 -1.67 0.54 -7.04
CA GLN A 11 -2.95 0.03 -6.57
C GLN A 11 -4.10 0.83 -7.21
N GLN A 12 -5.06 0.09 -7.75
CA GLN A 12 -6.20 0.70 -8.40
C GLN A 12 -7.38 0.77 -7.42
N VAL A 13 -7.16 0.20 -6.24
CA VAL A 13 -8.19 0.20 -5.21
C VAL A 13 -7.62 0.83 -3.93
N PRO A 14 -8.55 1.36 -3.09
CA PRO A 14 -8.17 1.99 -1.84
C PRO A 14 -7.77 0.94 -0.80
N CYS A 15 -7.20 1.43 0.29
CA CYS A 15 -6.77 0.54 1.36
C CYS A 15 -7.93 0.42 2.37
N CYS A 16 -8.40 -0.81 2.52
CA CYS A 16 -9.49 -1.08 3.43
C CYS A 16 -9.16 -0.44 4.79
N ASP A 17 -7.87 -0.41 5.08
CA ASP A 17 -7.40 0.17 6.33
C ASP A 17 -7.11 1.65 6.12
N PRO A 18 -7.83 2.50 6.90
CA PRO A 18 -7.65 3.93 6.81
C PRO A 18 -6.35 4.38 7.49
N ALA A 19 -5.92 3.58 8.45
CA ALA A 19 -4.70 3.87 9.18
C ALA A 19 -3.50 3.32 8.40
N ALA A 20 -3.80 2.78 7.22
CA ALA A 20 -2.77 2.23 6.37
C ALA A 20 -2.23 3.33 5.45
N THR A 21 -0.92 3.45 5.43
CA THR A 21 -0.26 4.46 4.60
C THR A 21 0.52 3.78 3.48
N CYS A 22 0.28 4.25 2.26
CA CYS A 22 0.97 3.70 1.10
C CYS A 22 2.46 4.04 1.21
N TYR A 23 3.16 3.23 2.00
CA TYR A 23 4.58 3.45 2.19
C TYR A 23 5.41 2.56 1.25
N CYS A 24 6.52 3.11 0.80
CA CYS A 24 7.40 2.40 -0.11
C CYS A 24 8.83 2.50 0.43
N ARG A 25 9.42 1.34 0.67
CA ARG A 25 10.78 1.29 1.19
C ARG A 25 11.75 1.87 0.17
N PHE A 26 11.65 1.38 -1.06
CA PHE A 26 12.51 1.84 -2.13
C PHE A 26 11.81 2.91 -2.97
N PHE A 27 12.29 3.06 -4.20
CA PHE A 27 11.72 4.04 -5.11
C PHE A 27 10.41 3.54 -5.70
N ASN A 28 10.50 2.43 -6.42
CA ASN A 28 9.33 1.85 -7.04
C ASN A 28 9.48 0.32 -7.07
N ALA A 29 9.26 -0.28 -5.90
CA ALA A 29 9.37 -1.73 -5.77
C ALA A 29 8.52 -2.19 -4.59
N PHE A 30 9.07 -2.01 -3.40
CA PHE A 30 8.37 -2.40 -2.18
C PHE A 30 7.50 -1.27 -1.65
N CYS A 31 6.21 -1.41 -1.88
CA CYS A 31 5.26 -0.40 -1.43
C CYS A 31 3.96 -1.10 -1.05
N TYR A 32 3.53 -0.85 0.18
CA TYR A 32 2.30 -1.45 0.68
C TYR A 32 1.58 -0.52 1.64
N CYS A 33 0.61 -1.07 2.35
CA CYS A 33 -0.16 -0.30 3.31
C CYS A 33 0.47 -0.48 4.68
N ARG A 34 1.30 0.47 5.06
CA ARG A 34 1.97 0.43 6.35
C ARG A 34 1.49 1.57 7.25
N CYS A 1 -10.55 -3.42 -2.17
CA CYS A 1 -9.64 -2.63 -1.35
C CYS A 1 -8.35 -3.43 -1.14
N VAL A 2 -7.48 -2.87 -0.32
CA VAL A 2 -6.20 -3.51 -0.03
C VAL A 2 -5.95 -3.46 1.48
N ARG A 3 -5.35 -4.53 1.98
CA ARG A 3 -5.03 -4.61 3.40
C ARG A 3 -3.71 -3.91 3.69
N LEU A 4 -3.39 -3.82 4.98
CA LEU A 4 -2.17 -3.18 5.41
C LEU A 4 -0.97 -3.91 4.80
N HIS A 5 -0.95 -5.21 5.02
CA HIS A 5 0.13 -6.04 4.51
C HIS A 5 -0.17 -6.44 3.07
N GLU A 6 -0.60 -5.46 2.29
CA GLU A 6 -0.94 -5.70 0.89
C GLU A 6 -0.37 -4.58 0.01
N SER A 7 0.63 -4.96 -0.77
CA SER A 7 1.28 -4.00 -1.67
C SER A 7 0.26 -2.97 -2.15
N CYS A 8 0.74 -1.75 -2.32
CA CYS A 8 -0.11 -0.67 -2.78
C CYS A 8 0.55 -0.02 -4.00
N LEU A 9 1.66 -0.60 -4.41
CA LEU A 9 2.39 -0.10 -5.56
C LEU A 9 1.52 -0.21 -6.80
N GLY A 10 1.16 0.95 -7.35
CA GLY A 10 0.33 1.00 -8.54
C GLY A 10 -1.06 0.41 -8.26
N GLN A 11 -1.52 0.62 -7.04
CA GLN A 11 -2.82 0.14 -6.64
C GLN A 11 -3.92 1.05 -7.18
N GLN A 12 -4.92 0.42 -7.79
CA GLN A 12 -6.04 1.16 -8.35
C GLN A 12 -7.20 1.18 -7.37
N VAL A 13 -7.10 0.35 -6.35
CA VAL A 13 -8.14 0.27 -5.33
C VAL A 13 -7.62 0.89 -4.03
N PRO A 14 -8.59 1.35 -3.19
CA PRO A 14 -8.25 1.97 -1.92
C PRO A 14 -7.82 0.91 -0.90
N CYS A 15 -7.31 1.39 0.22
CA CYS A 15 -6.86 0.51 1.28
C CYS A 15 -7.97 0.40 2.32
N CYS A 16 -8.45 -0.83 2.51
CA CYS A 16 -9.51 -1.09 3.47
C CYS A 16 -9.07 -0.54 4.82
N ASP A 17 -7.77 -0.64 5.08
CA ASP A 17 -7.21 -0.17 6.33
C ASP A 17 -7.13 1.36 6.31
N PRO A 18 -7.84 1.98 7.30
CA PRO A 18 -7.85 3.42 7.40
C PRO A 18 -6.53 3.95 7.96
N ALA A 19 -5.90 3.13 8.78
CA ALA A 19 -4.63 3.50 9.38
C ALA A 19 -3.49 2.96 8.52
N ALA A 20 -3.75 2.88 7.23
CA ALA A 20 -2.75 2.38 6.29
C ALA A 20 -2.28 3.53 5.40
N THR A 21 -1.03 3.44 4.98
CA THR A 21 -0.44 4.46 4.12
C THR A 21 0.40 3.82 3.02
N CYS A 22 0.15 4.24 1.80
CA CYS A 22 0.88 3.72 0.65
C CYS A 22 2.36 4.06 0.84
N TYR A 23 3.03 3.26 1.65
CA TYR A 23 4.45 3.47 1.92
C TYR A 23 5.30 2.54 1.05
N CYS A 24 6.43 3.08 0.60
CA CYS A 24 7.34 2.32 -0.23
C CYS A 24 8.74 2.41 0.39
N ARG A 25 9.32 1.24 0.63
CA ARG A 25 10.66 1.18 1.21
C ARG A 25 11.68 1.77 0.25
N PHE A 26 11.57 1.38 -1.01
CA PHE A 26 12.48 1.87 -2.03
C PHE A 26 11.81 2.93 -2.91
N PHE A 27 12.37 3.11 -4.09
CA PHE A 27 11.82 4.08 -5.03
C PHE A 27 10.58 3.56 -5.72
N ASN A 28 10.75 2.42 -6.39
CA ASN A 28 9.63 1.79 -7.09
C ASN A 28 9.81 0.27 -7.05
N ALA A 29 9.48 -0.29 -5.90
CA ALA A 29 9.60 -1.73 -5.71
C ALA A 29 8.64 -2.18 -4.60
N PHE A 30 9.14 -2.10 -3.38
CA PHE A 30 8.35 -2.49 -2.22
C PHE A 30 7.46 -1.34 -1.76
N CYS A 31 6.17 -1.51 -1.97
CA CYS A 31 5.20 -0.49 -1.58
C CYS A 31 3.91 -1.19 -1.16
N TYR A 32 3.48 -0.90 0.07
CA TYR A 32 2.27 -1.49 0.61
C TYR A 32 1.53 -0.50 1.51
N CYS A 33 0.57 -1.03 2.24
CA CYS A 33 -0.21 -0.21 3.16
C CYS A 33 0.43 -0.28 4.54
N ARG A 34 1.27 0.72 4.81
CA ARG A 34 1.96 0.78 6.08
C ARG A 34 1.49 2.00 6.88
N CYS A 1 -10.46 -3.41 -2.53
CA CYS A 1 -9.60 -2.74 -1.58
C CYS A 1 -8.31 -3.53 -1.45
N VAL A 2 -7.43 -3.05 -0.58
CA VAL A 2 -6.15 -3.71 -0.37
C VAL A 2 -5.87 -3.78 1.13
N ARG A 3 -5.13 -4.82 1.52
CA ARG A 3 -4.79 -5.00 2.92
C ARG A 3 -3.55 -4.20 3.28
N LEU A 4 -3.29 -4.11 4.57
CA LEU A 4 -2.13 -3.37 5.06
C LEU A 4 -0.85 -4.05 4.55
N HIS A 5 -0.81 -5.36 4.74
CA HIS A 5 0.34 -6.14 4.31
C HIS A 5 0.17 -6.56 2.85
N GLU A 6 -0.31 -5.62 2.04
CA GLU A 6 -0.53 -5.88 0.63
C GLU A 6 -0.07 -4.68 -0.20
N SER A 7 1.07 -4.88 -0.87
CA SER A 7 1.63 -3.83 -1.71
C SER A 7 0.50 -3.06 -2.40
N CYS A 8 0.75 -1.77 -2.59
CA CYS A 8 -0.23 -0.91 -3.25
C CYS A 8 0.38 -0.38 -4.55
N LEU A 9 1.64 -0.73 -4.75
CA LEU A 9 2.35 -0.31 -5.95
C LEU A 9 1.48 -0.60 -7.18
N GLY A 10 1.05 0.46 -7.83
CA GLY A 10 0.22 0.34 -9.02
C GLY A 10 -1.24 0.02 -8.64
N GLN A 11 -1.58 0.37 -7.41
CA GLN A 11 -2.92 0.14 -6.91
C GLN A 11 -3.89 1.20 -7.45
N GLN A 12 -5.14 0.80 -7.59
CA GLN A 12 -6.16 1.70 -8.10
C GLN A 12 -7.35 1.74 -7.15
N VAL A 13 -7.32 0.86 -6.16
CA VAL A 13 -8.38 0.79 -5.17
C VAL A 13 -7.86 1.29 -3.83
N PRO A 14 -8.81 1.67 -2.94
CA PRO A 14 -8.47 2.17 -1.63
C PRO A 14 -8.04 1.03 -0.70
N CYS A 15 -7.33 1.39 0.36
CA CYS A 15 -6.86 0.41 1.32
C CYS A 15 -7.96 0.17 2.34
N CYS A 16 -8.31 -1.10 2.51
CA CYS A 16 -9.35 -1.47 3.46
C CYS A 16 -8.97 -0.92 4.84
N ASP A 17 -7.66 -0.74 5.03
CA ASP A 17 -7.15 -0.22 6.29
C ASP A 17 -7.60 1.24 6.45
N PRO A 18 -7.87 1.61 7.73
CA PRO A 18 -8.31 2.96 8.03
C PRO A 18 -7.13 3.95 7.96
N ALA A 19 -6.40 4.02 9.06
CA ALA A 19 -5.25 4.92 9.13
C ALA A 19 -4.03 4.23 8.50
N ALA A 20 -4.23 3.76 7.28
CA ALA A 20 -3.16 3.07 6.57
C ALA A 20 -2.30 4.11 5.83
N THR A 21 -1.08 3.71 5.52
CA THR A 21 -0.15 4.58 4.84
C THR A 21 0.66 3.80 3.81
N CYS A 22 0.28 3.95 2.55
CA CYS A 22 0.96 3.26 1.47
C CYS A 22 2.41 3.76 1.43
N TYR A 23 3.24 3.11 2.23
CA TYR A 23 4.65 3.47 2.30
C TYR A 23 5.49 2.58 1.38
N CYS A 24 6.51 3.18 0.79
CA CYS A 24 7.39 2.46 -0.11
C CYS A 24 8.83 2.64 0.38
N ARG A 25 9.49 1.51 0.60
CA ARG A 25 10.86 1.52 1.07
C ARG A 25 11.77 2.15 0.01
N PHE A 26 11.78 1.52 -1.16
CA PHE A 26 12.60 2.00 -2.26
C PHE A 26 11.79 2.90 -3.20
N PHE A 27 12.26 2.99 -4.43
CA PHE A 27 11.61 3.81 -5.43
C PHE A 27 10.35 3.10 -5.97
N ASN A 28 10.57 1.97 -6.62
CA ASN A 28 9.48 1.20 -7.18
C ASN A 28 9.82 -0.29 -7.09
N ALA A 29 9.67 -0.83 -5.88
CA ALA A 29 9.95 -2.23 -5.65
C ALA A 29 9.16 -2.71 -4.42
N PHE A 30 9.11 -1.84 -3.42
CA PHE A 30 8.40 -2.16 -2.20
C PHE A 30 7.49 -1.01 -1.78
N CYS A 31 6.19 -1.23 -1.93
CA CYS A 31 5.21 -0.22 -1.57
C CYS A 31 3.94 -0.92 -1.09
N TYR A 32 3.65 -0.73 0.18
CA TYR A 32 2.46 -1.34 0.78
C TYR A 32 1.83 -0.41 1.82
N CYS A 33 0.68 -0.83 2.31
CA CYS A 33 -0.03 -0.06 3.31
C CYS A 33 0.64 -0.28 4.67
N ARG A 34 0.88 0.82 5.36
CA ARG A 34 1.52 0.75 6.67
C ARG A 34 0.89 1.78 7.61
N CYS A 1 -10.85 -2.22 -1.72
CA CYS A 1 -9.77 -1.76 -0.85
C CYS A 1 -8.73 -2.87 -0.74
N VAL A 2 -7.50 -2.47 -0.50
CA VAL A 2 -6.41 -3.42 -0.37
C VAL A 2 -6.09 -3.63 1.11
N ARG A 3 -5.29 -4.65 1.38
CA ARG A 3 -4.91 -4.98 2.74
C ARG A 3 -3.69 -4.15 3.15
N LEU A 4 -3.41 -4.16 4.45
CA LEU A 4 -2.28 -3.43 4.98
C LEU A 4 -0.98 -4.04 4.46
N HIS A 5 -0.79 -5.32 4.79
CA HIS A 5 0.39 -6.03 4.36
C HIS A 5 0.19 -6.56 2.93
N GLU A 6 -0.24 -5.65 2.06
CA GLU A 6 -0.47 -6.02 0.68
C GLU A 6 -0.05 -4.87 -0.25
N SER A 7 1.00 -5.12 -1.01
CA SER A 7 1.51 -4.13 -1.94
C SER A 7 0.36 -3.40 -2.62
N CYS A 8 0.65 -2.19 -3.08
CA CYS A 8 -0.36 -1.38 -3.74
C CYS A 8 0.22 -0.91 -5.08
N LEU A 9 1.40 -1.41 -5.39
CA LEU A 9 2.07 -1.06 -6.64
C LEU A 9 1.05 -1.06 -7.77
N GLY A 10 0.55 0.14 -8.07
CA GLY A 10 -0.44 0.29 -9.14
C GLY A 10 -1.81 -0.22 -8.69
N GLN A 11 -2.18 0.15 -7.47
CA GLN A 11 -3.45 -0.26 -6.92
C GLN A 11 -4.56 0.73 -7.33
N GLN A 12 -5.72 0.18 -7.64
CA GLN A 12 -6.85 0.98 -8.04
C GLN A 12 -7.76 1.27 -6.84
N VAL A 13 -7.61 0.45 -5.82
CA VAL A 13 -8.40 0.59 -4.61
C VAL A 13 -7.50 1.05 -3.46
N PRO A 14 -8.13 1.80 -2.51
CA PRO A 14 -7.40 2.32 -1.37
C PRO A 14 -7.11 1.20 -0.35
N CYS A 15 -6.56 1.61 0.78
CA CYS A 15 -6.23 0.66 1.83
C CYS A 15 -7.49 0.40 2.65
N CYS A 16 -7.77 -0.88 2.86
CA CYS A 16 -8.94 -1.28 3.61
C CYS A 16 -8.93 -0.53 4.94
N ASP A 17 -7.74 -0.41 5.51
CA ASP A 17 -7.58 0.27 6.78
C ASP A 17 -7.27 1.75 6.52
N PRO A 18 -7.94 2.63 7.31
CA PRO A 18 -7.75 4.06 7.17
C PRO A 18 -6.42 4.49 7.78
N ALA A 19 -5.95 3.70 8.73
CA ALA A 19 -4.69 3.99 9.39
C ALA A 19 -3.54 3.45 8.55
N ALA A 20 -3.88 2.97 7.36
CA ALA A 20 -2.88 2.41 6.45
C ALA A 20 -2.26 3.54 5.64
N THR A 21 -1.03 3.31 5.21
CA THR A 21 -0.30 4.29 4.42
C THR A 21 0.46 3.61 3.30
N CYS A 22 -0.18 3.54 2.14
CA CYS A 22 0.42 2.92 0.98
C CYS A 22 1.73 3.66 0.68
N TYR A 23 2.80 3.18 1.31
CA TYR A 23 4.11 3.78 1.11
C TYR A 23 5.14 2.72 0.71
N CYS A 24 6.21 3.19 0.09
CA CYS A 24 7.28 2.30 -0.35
C CYS A 24 8.53 2.62 0.47
N ARG A 25 9.10 1.56 1.03
CA ARG A 25 10.31 1.70 1.83
C ARG A 25 11.46 2.21 0.98
N PHE A 26 11.62 1.60 -0.19
CA PHE A 26 12.67 1.98 -1.10
C PHE A 26 12.20 3.10 -2.04
N PHE A 27 12.86 3.17 -3.20
CA PHE A 27 12.52 4.17 -4.19
C PHE A 27 11.24 3.80 -4.94
N ASN A 28 11.36 2.73 -5.73
CA ASN A 28 10.23 2.26 -6.52
C ASN A 28 10.31 0.74 -6.64
N ALA A 29 10.01 0.06 -5.55
CA ALA A 29 10.04 -1.38 -5.53
C ALA A 29 8.97 -1.90 -4.56
N PHE A 30 9.33 -1.94 -3.29
CA PHE A 30 8.43 -2.42 -2.26
C PHE A 30 7.49 -1.29 -1.80
N CYS A 31 6.23 -1.41 -2.19
CA CYS A 31 5.24 -0.43 -1.82
C CYS A 31 3.97 -1.15 -1.39
N TYR A 32 3.59 -0.94 -0.15
CA TYR A 32 2.40 -1.57 0.41
C TYR A 32 1.70 -0.64 1.40
N CYS A 33 0.55 -1.11 1.89
CA CYS A 33 -0.23 -0.34 2.84
C CYS A 33 0.48 -0.41 4.20
N ARG A 34 1.18 0.67 4.53
CA ARG A 34 1.90 0.75 5.79
C ARG A 34 1.15 1.65 6.77
N CYS A 1 -10.70 -2.54 -1.80
CA CYS A 1 -9.55 -1.94 -1.14
C CYS A 1 -8.48 -3.02 -0.99
N VAL A 2 -7.28 -2.57 -0.61
CA VAL A 2 -6.17 -3.47 -0.43
C VAL A 2 -5.89 -3.65 1.06
N ARG A 3 -5.21 -4.74 1.38
CA ARG A 3 -4.89 -5.03 2.77
C ARG A 3 -3.68 -4.20 3.22
N LEU A 4 -3.42 -4.25 4.52
CA LEU A 4 -2.30 -3.52 5.09
C LEU A 4 -0.99 -4.09 4.56
N HIS A 5 -0.79 -5.37 4.85
CA HIS A 5 0.41 -6.06 4.41
C HIS A 5 0.24 -6.56 2.98
N GLU A 6 -0.25 -5.66 2.13
CA GLU A 6 -0.48 -5.99 0.74
C GLU A 6 0.01 -4.86 -0.17
N SER A 7 1.13 -5.11 -0.83
CA SER A 7 1.70 -4.12 -1.73
C SER A 7 0.59 -3.38 -2.48
N CYS A 8 0.90 -2.16 -2.87
CA CYS A 8 -0.07 -1.34 -3.59
C CYS A 8 0.58 -0.91 -4.92
N LEU A 9 1.80 -1.37 -5.13
CA LEU A 9 2.53 -1.04 -6.34
C LEU A 9 1.55 -1.03 -7.52
N GLY A 10 1.23 0.17 -7.97
CA GLY A 10 0.31 0.33 -9.09
C GLY A 10 -1.09 -0.16 -8.73
N GLN A 11 -1.63 0.41 -7.66
CA GLN A 11 -2.96 0.04 -7.21
C GLN A 11 -4.01 1.00 -7.78
N GLN A 12 -5.26 0.66 -7.55
CA GLN A 12 -6.36 1.47 -8.04
C GLN A 12 -7.40 1.68 -6.92
N VAL A 13 -7.13 1.07 -5.79
CA VAL A 13 -8.02 1.18 -4.64
C VAL A 13 -7.21 1.59 -3.41
N PRO A 14 -7.93 2.22 -2.44
CA PRO A 14 -7.29 2.65 -1.21
C PRO A 14 -6.99 1.48 -0.29
N CYS A 15 -6.48 1.80 0.89
CA CYS A 15 -6.15 0.78 1.87
C CYS A 15 -7.41 0.44 2.67
N CYS A 16 -7.79 -0.82 2.62
CA CYS A 16 -8.97 -1.28 3.33
C CYS A 16 -8.93 -0.72 4.75
N ASP A 17 -7.71 -0.50 5.22
CA ASP A 17 -7.52 0.03 6.56
C ASP A 17 -7.45 1.57 6.49
N PRO A 18 -8.17 2.21 7.44
CA PRO A 18 -8.21 3.67 7.50
C PRO A 18 -6.90 4.22 8.06
N ALA A 19 -6.29 3.44 8.94
CA ALA A 19 -5.04 3.84 9.56
C ALA A 19 -3.87 3.22 8.79
N ALA A 20 -4.10 3.04 7.49
CA ALA A 20 -3.08 2.46 6.63
C ALA A 20 -2.57 3.53 5.67
N THR A 21 -1.29 3.44 5.36
CA THR A 21 -0.66 4.38 4.45
C THR A 21 0.24 3.66 3.45
N CYS A 22 -0.22 3.65 2.20
CA CYS A 22 0.53 2.99 1.14
C CYS A 22 1.92 3.63 1.07
N TYR A 23 2.82 3.10 1.89
CA TYR A 23 4.19 3.60 1.92
C TYR A 23 5.12 2.70 1.13
N CYS A 24 6.11 3.33 0.50
CA CYS A 24 7.08 2.59 -0.28
C CYS A 24 8.48 2.95 0.21
N ARG A 25 9.22 1.93 0.60
CA ARG A 25 10.57 2.13 1.10
C ARG A 25 11.46 2.71 -0.01
N PHE A 26 11.63 1.92 -1.06
CA PHE A 26 12.45 2.35 -2.19
C PHE A 26 11.63 3.15 -3.19
N PHE A 27 12.05 3.08 -4.45
CA PHE A 27 11.36 3.79 -5.52
C PHE A 27 10.06 3.07 -5.90
N ASN A 28 10.21 1.85 -6.38
CA ASN A 28 9.06 1.05 -6.78
C ASN A 28 9.36 -0.42 -6.53
N ALA A 29 10.19 -0.67 -5.53
CA ALA A 29 10.56 -2.04 -5.19
C ALA A 29 9.69 -2.53 -4.03
N PHE A 30 9.44 -1.62 -3.09
CA PHE A 30 8.62 -1.94 -1.93
C PHE A 30 7.58 -0.85 -1.68
N CYS A 31 6.33 -1.22 -1.88
CA CYS A 31 5.23 -0.30 -1.67
C CYS A 31 4.00 -1.09 -1.21
N TYR A 32 3.60 -0.85 0.03
CA TYR A 32 2.45 -1.53 0.58
C TYR A 32 1.70 -0.62 1.56
N CYS A 33 0.58 -1.12 2.04
CA CYS A 33 -0.24 -0.38 2.98
C CYS A 33 0.43 -0.43 4.36
N ARG A 34 0.58 0.74 4.95
CA ARG A 34 1.21 0.85 6.26
C ARG A 34 0.18 1.27 7.31
N CYS A 1 -10.48 -3.30 -2.23
CA CYS A 1 -9.62 -2.52 -1.35
C CYS A 1 -8.28 -3.22 -1.24
N VAL A 2 -7.46 -2.74 -0.31
CA VAL A 2 -6.15 -3.32 -0.10
C VAL A 2 -5.90 -3.49 1.40
N ARG A 3 -5.26 -4.59 1.75
CA ARG A 3 -4.96 -4.87 3.14
C ARG A 3 -3.73 -4.09 3.59
N LEU A 4 -3.40 -4.24 4.87
CA LEU A 4 -2.25 -3.56 5.43
C LEU A 4 -0.97 -4.08 4.76
N HIS A 5 -0.80 -5.39 4.83
CA HIS A 5 0.37 -6.01 4.22
C HIS A 5 0.07 -6.38 2.78
N GLU A 6 -0.49 -5.42 2.06
CA GLU A 6 -0.83 -5.63 0.66
C GLU A 6 -0.30 -4.48 -0.19
N SER A 7 0.75 -4.77 -0.94
CA SER A 7 1.36 -3.78 -1.80
C SER A 7 0.28 -2.93 -2.47
N CYS A 8 0.65 -1.70 -2.79
CA CYS A 8 -0.28 -0.78 -3.44
C CYS A 8 0.31 -0.36 -4.79
N LEU A 9 1.48 -0.91 -5.08
CA LEU A 9 2.17 -0.60 -6.32
C LEU A 9 1.13 -0.51 -7.45
N GLY A 10 1.06 0.67 -8.04
CA GLY A 10 0.13 0.91 -9.13
C GLY A 10 -1.19 0.15 -8.89
N GLN A 11 -1.89 0.57 -7.85
CA GLN A 11 -3.16 -0.06 -7.51
C GLN A 11 -4.32 0.75 -8.10
N GLN A 12 -5.52 0.21 -7.91
CA GLN A 12 -6.72 0.87 -8.40
C GLN A 12 -7.79 0.92 -7.32
N VAL A 13 -7.46 0.33 -6.18
CA VAL A 13 -8.38 0.30 -5.05
C VAL A 13 -7.69 0.86 -3.82
N PRO A 14 -8.51 1.45 -2.91
CA PRO A 14 -7.99 2.01 -1.67
C PRO A 14 -7.61 0.91 -0.68
N CYS A 15 -7.21 1.35 0.51
CA CYS A 15 -6.83 0.43 1.55
C CYS A 15 -7.96 0.35 2.58
N CYS A 16 -8.48 -0.85 2.74
CA CYS A 16 -9.57 -1.07 3.68
C CYS A 16 -9.17 -0.46 5.03
N ASP A 17 -7.87 -0.47 5.28
CA ASP A 17 -7.36 0.07 6.52
C ASP A 17 -7.23 1.60 6.39
N PRO A 18 -7.84 2.31 7.38
CA PRO A 18 -7.81 3.77 7.38
C PRO A 18 -6.44 4.28 7.81
N ALA A 19 -5.80 3.52 8.70
CA ALA A 19 -4.48 3.89 9.19
C ALA A 19 -3.42 3.17 8.38
N ALA A 20 -3.73 2.96 7.11
CA ALA A 20 -2.81 2.28 6.21
C ALA A 20 -2.23 3.29 5.22
N THR A 21 -0.95 3.55 5.37
CA THR A 21 -0.26 4.50 4.50
C THR A 21 0.59 3.76 3.48
N CYS A 22 0.26 3.99 2.20
CA CYS A 22 0.99 3.34 1.13
C CYS A 22 2.45 3.80 1.18
N TYR A 23 3.20 3.15 2.06
CA TYR A 23 4.61 3.47 2.23
C TYR A 23 5.48 2.58 1.35
N CYS A 24 6.53 3.18 0.80
CA CYS A 24 7.45 2.46 -0.05
C CYS A 24 8.86 2.61 0.53
N ARG A 25 9.46 1.46 0.85
CA ARG A 25 10.80 1.45 1.41
C ARG A 25 11.80 2.00 0.38
N PHE A 26 11.76 1.41 -0.81
CA PHE A 26 12.66 1.82 -1.87
C PHE A 26 12.00 2.89 -2.76
N PHE A 27 12.55 3.02 -3.97
CA PHE A 27 12.02 3.99 -4.91
C PHE A 27 10.73 3.48 -5.56
N ASN A 28 10.86 2.37 -6.27
CA ASN A 28 9.73 1.77 -6.94
C ASN A 28 9.87 0.25 -6.93
N ALA A 29 9.59 -0.33 -5.77
CA ALA A 29 9.68 -1.77 -5.60
C ALA A 29 8.76 -2.22 -4.47
N PHE A 30 9.18 -1.89 -3.26
CA PHE A 30 8.41 -2.25 -2.08
C PHE A 30 7.52 -1.09 -1.64
N CYS A 31 6.22 -1.27 -1.86
CA CYS A 31 5.24 -0.25 -1.50
C CYS A 31 3.94 -0.95 -1.10
N TYR A 32 3.59 -0.79 0.16
CA TYR A 32 2.37 -1.39 0.69
C TYR A 32 1.70 -0.49 1.73
N CYS A 33 0.63 -1.00 2.32
CA CYS A 33 -0.09 -0.25 3.32
C CYS A 33 0.66 -0.36 4.65
N ARG A 34 0.86 0.79 5.28
CA ARG A 34 1.57 0.83 6.55
C ARG A 34 0.85 1.76 7.52
N CYS A 1 -10.27 -3.48 -2.54
CA CYS A 1 -9.47 -2.65 -1.65
C CYS A 1 -8.12 -3.34 -1.45
N VAL A 2 -7.34 -2.78 -0.53
CA VAL A 2 -6.02 -3.32 -0.24
C VAL A 2 -5.82 -3.39 1.28
N ARG A 3 -5.25 -4.50 1.71
CA ARG A 3 -5.00 -4.70 3.12
C ARG A 3 -3.70 -4.03 3.54
N LEU A 4 -3.44 -4.04 4.84
CA LEU A 4 -2.23 -3.43 5.37
C LEU A 4 -1.02 -4.08 4.72
N HIS A 5 -0.91 -5.39 4.89
CA HIS A 5 0.20 -6.14 4.32
C HIS A 5 -0.10 -6.47 2.86
N GLU A 6 -0.55 -5.47 2.14
CA GLU A 6 -0.88 -5.64 0.73
C GLU A 6 -0.34 -4.47 -0.10
N SER A 7 0.73 -4.74 -0.82
CA SER A 7 1.34 -3.71 -1.65
C SER A 7 0.27 -2.86 -2.31
N CYS A 8 0.64 -1.62 -2.62
CA CYS A 8 -0.28 -0.69 -3.24
C CYS A 8 0.28 -0.30 -4.61
N LEU A 9 1.36 -0.97 -4.97
CA LEU A 9 2.01 -0.70 -6.25
C LEU A 9 0.94 -0.54 -7.34
N GLY A 10 0.94 0.64 -7.94
CA GLY A 10 -0.02 0.94 -9.00
C GLY A 10 -1.38 0.32 -8.68
N GLN A 11 -1.79 0.46 -7.43
CA GLN A 11 -3.07 -0.08 -6.99
C GLN A 11 -4.22 0.81 -7.49
N GLN A 12 -5.25 0.14 -7.99
CA GLN A 12 -6.41 0.86 -8.50
C GLN A 12 -7.49 0.95 -7.42
N VAL A 13 -7.28 0.19 -6.35
CA VAL A 13 -8.23 0.18 -5.25
C VAL A 13 -7.56 0.76 -4.00
N PRO A 14 -8.41 1.36 -3.11
CA PRO A 14 -7.92 1.95 -1.89
C PRO A 14 -7.54 0.88 -0.87
N CYS A 15 -7.10 1.34 0.29
CA CYS A 15 -6.70 0.43 1.36
C CYS A 15 -7.86 0.31 2.34
N CYS A 16 -8.32 -0.92 2.51
CA CYS A 16 -9.42 -1.20 3.42
C CYS A 16 -9.10 -0.56 4.77
N ASP A 17 -7.80 -0.45 5.04
CA ASP A 17 -7.35 0.13 6.29
C ASP A 17 -7.20 1.64 6.13
N PRO A 18 -8.03 2.40 6.90
CA PRO A 18 -8.00 3.84 6.85
C PRO A 18 -6.77 4.40 7.56
N ALA A 19 -6.33 3.66 8.57
CA ALA A 19 -5.17 4.06 9.35
C ALA A 19 -3.92 3.40 8.75
N ALA A 20 -3.92 3.26 7.44
CA ALA A 20 -2.81 2.65 6.74
C ALA A 20 -2.02 3.74 6.00
N THR A 21 -0.76 3.43 5.75
CA THR A 21 0.11 4.37 5.05
C THR A 21 0.88 3.67 3.94
N CYS A 22 0.43 3.90 2.72
CA CYS A 22 1.05 3.30 1.55
C CYS A 22 2.50 3.80 1.47
N TYR A 23 3.35 3.16 2.26
CA TYR A 23 4.75 3.53 2.29
C TYR A 23 5.57 2.66 1.34
N CYS A 24 6.58 3.28 0.74
CA CYS A 24 7.44 2.57 -0.19
C CYS A 24 8.88 2.69 0.31
N ARG A 25 9.50 1.54 0.55
CA ARG A 25 10.87 1.51 1.02
C ARG A 25 11.81 2.07 -0.05
N PHE A 26 11.90 1.36 -1.16
CA PHE A 26 12.76 1.77 -2.25
C PHE A 26 12.08 2.85 -3.10
N PHE A 27 12.53 2.96 -4.34
CA PHE A 27 11.97 3.94 -5.26
C PHE A 27 10.60 3.48 -5.79
N ASN A 28 10.63 2.36 -6.50
CA ASN A 28 9.42 1.81 -7.07
C ASN A 28 9.49 0.29 -7.06
N ALA A 29 9.27 -0.28 -5.88
CA ALA A 29 9.32 -1.72 -5.72
C ALA A 29 8.47 -2.13 -4.52
N PHE A 30 9.04 -1.92 -3.34
CA PHE A 30 8.35 -2.25 -2.10
C PHE A 30 7.47 -1.10 -1.63
N CYS A 31 6.18 -1.26 -1.83
CA CYS A 31 5.21 -0.24 -1.43
C CYS A 31 3.93 -0.94 -0.98
N TYR A 32 3.62 -0.77 0.29
CA TYR A 32 2.42 -1.37 0.86
C TYR A 32 1.82 -0.48 1.94
N CYS A 33 0.70 -0.93 2.48
CA CYS A 33 0.01 -0.19 3.52
C CYS A 33 0.69 -0.50 4.86
N ARG A 34 1.18 0.57 5.50
CA ARG A 34 1.85 0.42 6.78
C ARG A 34 0.87 0.71 7.92
N CYS A 1 -10.25 -4.08 -2.31
CA CYS A 1 -9.50 -3.13 -1.51
C CYS A 1 -8.08 -3.66 -1.33
N VAL A 2 -7.34 -2.98 -0.47
CA VAL A 2 -5.96 -3.37 -0.20
C VAL A 2 -5.72 -3.36 1.31
N ARG A 3 -5.22 -4.50 1.81
CA ARG A 3 -4.95 -4.63 3.22
C ARG A 3 -3.62 -3.95 3.57
N LEU A 4 -3.32 -3.94 4.86
CA LEU A 4 -2.08 -3.33 5.33
C LEU A 4 -0.89 -4.02 4.67
N HIS A 5 -0.87 -5.35 4.79
CA HIS A 5 0.20 -6.13 4.22
C HIS A 5 -0.13 -6.45 2.76
N GLU A 6 -0.57 -5.43 2.05
CA GLU A 6 -0.91 -5.58 0.64
C GLU A 6 -0.35 -4.41 -0.18
N SER A 7 0.62 -4.74 -1.02
CA SER A 7 1.24 -3.73 -1.86
C SER A 7 0.22 -2.67 -2.25
N CYS A 8 0.70 -1.44 -2.39
CA CYS A 8 -0.17 -0.33 -2.76
C CYS A 8 0.38 0.29 -4.05
N LEU A 9 1.41 -0.35 -4.58
CA LEU A 9 2.03 0.13 -5.80
C LEU A 9 1.11 -0.17 -6.99
N GLY A 10 0.98 0.82 -7.86
CA GLY A 10 0.14 0.68 -9.04
C GLY A 10 -1.25 0.17 -8.65
N GLN A 11 -1.66 0.51 -7.44
CA GLN A 11 -2.96 0.09 -6.94
C GLN A 11 -4.06 0.97 -7.54
N GLN A 12 -5.27 0.43 -7.52
CA GLN A 12 -6.42 1.15 -8.06
C GLN A 12 -7.54 1.20 -7.03
N VAL A 13 -7.47 0.28 -6.08
CA VAL A 13 -8.48 0.20 -5.03
C VAL A 13 -7.92 0.83 -3.74
N PRO A 14 -8.85 1.29 -2.88
CA PRO A 14 -8.47 1.90 -1.61
C PRO A 14 -8.00 0.85 -0.61
N CYS A 15 -7.31 1.31 0.42
CA CYS A 15 -6.80 0.42 1.45
C CYS A 15 -7.91 0.20 2.48
N CYS A 16 -8.34 -1.04 2.57
CA CYS A 16 -9.39 -1.41 3.52
C CYS A 16 -9.06 -0.76 4.87
N ASP A 17 -7.78 -0.60 5.12
CA ASP A 17 -7.32 0.00 6.36
C ASP A 17 -7.09 1.49 6.15
N PRO A 18 -7.85 2.31 6.92
CA PRO A 18 -7.73 3.75 6.83
C PRO A 18 -6.45 4.25 7.50
N ALA A 19 -6.00 3.47 8.48
CA ALA A 19 -4.78 3.82 9.20
C ALA A 19 -3.57 3.30 8.43
N ALA A 20 -3.82 2.85 7.21
CA ALA A 20 -2.76 2.33 6.36
C ALA A 20 -2.30 3.43 5.41
N THR A 21 -0.99 3.63 5.37
CA THR A 21 -0.41 4.63 4.51
C THR A 21 0.43 3.98 3.40
N CYS A 22 0.17 4.42 2.18
CA CYS A 22 0.89 3.88 1.03
C CYS A 22 2.38 4.19 1.21
N TYR A 23 3.04 3.32 1.96
CA TYR A 23 4.46 3.49 2.21
C TYR A 23 5.29 2.58 1.29
N CYS A 24 6.44 3.09 0.90
CA CYS A 24 7.34 2.35 0.03
C CYS A 24 8.76 2.46 0.58
N ARG A 25 9.36 1.31 0.81
CA ARG A 25 10.71 1.27 1.35
C ARG A 25 11.69 1.90 0.34
N PHE A 26 11.76 1.29 -0.82
CA PHE A 26 12.65 1.77 -1.87
C PHE A 26 11.93 2.76 -2.79
N PHE A 27 12.45 2.89 -4.00
CA PHE A 27 11.87 3.80 -4.97
C PHE A 27 10.60 3.20 -5.59
N ASN A 28 10.80 2.11 -6.30
CA ASN A 28 9.68 1.43 -6.95
C ASN A 28 9.95 -0.07 -6.96
N ALA A 29 9.75 -0.69 -5.80
CA ALA A 29 9.97 -2.12 -5.67
C ALA A 29 9.13 -2.64 -4.49
N PHE A 30 9.10 -1.85 -3.44
CA PHE A 30 8.35 -2.21 -2.25
C PHE A 30 7.44 -1.07 -1.79
N CYS A 31 6.15 -1.25 -2.00
CA CYS A 31 5.17 -0.25 -1.63
C CYS A 31 3.88 -0.96 -1.23
N TYR A 32 3.47 -0.72 0.01
CA TYR A 32 2.25 -1.34 0.52
C TYR A 32 1.55 -0.40 1.52
N CYS A 33 0.61 -0.98 2.25
CA CYS A 33 -0.15 -0.22 3.23
C CYS A 33 0.55 -0.36 4.58
N ARG A 34 1.39 0.62 4.90
CA ARG A 34 2.12 0.61 6.15
C ARG A 34 1.80 1.87 6.96
N CYS A 1 -11.04 -2.87 -1.59
CA CYS A 1 -9.88 -2.23 -0.99
C CYS A 1 -8.78 -3.28 -0.83
N VAL A 2 -7.58 -2.80 -0.49
CA VAL A 2 -6.45 -3.69 -0.31
C VAL A 2 -6.17 -3.83 1.19
N ARG A 3 -5.34 -4.82 1.51
CA ARG A 3 -4.97 -5.07 2.89
C ARG A 3 -3.79 -4.21 3.30
N LEU A 4 -3.54 -4.18 4.60
CA LEU A 4 -2.43 -3.39 5.14
C LEU A 4 -1.11 -3.96 4.62
N HIS A 5 -0.91 -5.25 4.89
CA HIS A 5 0.30 -5.91 4.46
C HIS A 5 0.15 -6.39 3.02
N GLU A 6 -0.37 -5.51 2.18
CA GLU A 6 -0.58 -5.83 0.78
C GLU A 6 -0.21 -4.64 -0.10
N SER A 7 0.87 -4.80 -0.85
CA SER A 7 1.34 -3.76 -1.75
C SER A 7 0.15 -3.03 -2.37
N CYS A 8 0.36 -1.77 -2.70
CA CYS A 8 -0.68 -0.96 -3.31
C CYS A 8 -0.07 -0.18 -4.47
N LEU A 9 1.16 -0.55 -4.81
CA LEU A 9 1.87 0.10 -5.89
C LEU A 9 1.09 -0.10 -7.20
N GLY A 10 0.81 1.01 -7.86
CA GLY A 10 0.07 0.98 -9.11
C GLY A 10 -1.23 0.19 -8.96
N GLN A 11 -1.88 0.40 -7.83
CA GLN A 11 -3.13 -0.28 -7.54
C GLN A 11 -4.32 0.62 -7.90
N GLN A 12 -5.44 -0.02 -8.19
CA GLN A 12 -6.64 0.71 -8.54
C GLN A 12 -7.56 0.84 -7.32
N VAL A 13 -7.45 -0.13 -6.43
CA VAL A 13 -8.26 -0.13 -5.22
C VAL A 13 -7.46 0.47 -4.07
N PRO A 14 -8.19 1.19 -3.17
CA PRO A 14 -7.55 1.82 -2.02
C PRO A 14 -7.20 0.78 -0.95
N CYS A 15 -6.76 1.28 0.19
CA CYS A 15 -6.39 0.42 1.29
C CYS A 15 -7.58 0.29 2.23
N CYS A 16 -7.89 -0.96 2.57
CA CYS A 16 -9.01 -1.24 3.46
C CYS A 16 -8.82 -0.43 4.74
N ASP A 17 -7.57 -0.39 5.19
CA ASP A 17 -7.24 0.35 6.41
C ASP A 17 -6.86 1.79 6.04
N PRO A 18 -7.71 2.74 6.51
CA PRO A 18 -7.47 4.15 6.23
C PRO A 18 -6.33 4.69 7.10
N ALA A 19 -6.12 4.04 8.23
CA ALA A 19 -5.07 4.43 9.15
C ALA A 19 -3.76 3.78 8.73
N ALA A 20 -3.76 3.23 7.52
CA ALA A 20 -2.59 2.57 7.00
C ALA A 20 -1.67 3.61 6.35
N THR A 21 -0.53 3.13 5.86
CA THR A 21 0.43 4.00 5.22
C THR A 21 0.99 3.34 3.96
N CYS A 22 0.28 3.54 2.85
CA CYS A 22 0.69 2.96 1.58
C CYS A 22 2.01 3.62 1.17
N TYR A 23 3.09 3.20 1.83
CA TYR A 23 4.40 3.74 1.54
C TYR A 23 5.34 2.65 1.02
N CYS A 24 6.35 3.09 0.30
CA CYS A 24 7.33 2.16 -0.25
C CYS A 24 8.68 2.42 0.41
N ARG A 25 9.31 1.35 0.86
CA ARG A 25 10.60 1.45 1.52
C ARG A 25 11.65 1.96 0.53
N PHE A 26 11.65 1.36 -0.66
CA PHE A 26 12.59 1.75 -1.68
C PHE A 26 12.04 2.90 -2.54
N PHE A 27 12.55 2.99 -3.75
CA PHE A 27 12.13 4.03 -4.67
C PHE A 27 10.77 3.70 -5.29
N ASN A 28 10.76 2.66 -6.11
CA ASN A 28 9.55 2.23 -6.77
C ASN A 28 9.57 0.71 -6.93
N ALA A 29 9.33 0.03 -5.81
CA ALA A 29 9.32 -1.43 -5.81
C ALA A 29 8.36 -1.92 -4.74
N PHE A 30 8.87 -1.99 -3.52
CA PHE A 30 8.07 -2.44 -2.39
C PHE A 30 7.25 -1.30 -1.80
N CYS A 31 5.97 -1.28 -2.17
CA CYS A 31 5.07 -0.24 -1.68
C CYS A 31 3.80 -0.91 -1.16
N TYR A 32 3.59 -0.78 0.14
CA TYR A 32 2.41 -1.36 0.76
C TYR A 32 1.89 -0.47 1.89
N CYS A 33 0.79 -0.90 2.49
CA CYS A 33 0.18 -0.15 3.56
C CYS A 33 0.90 -0.50 4.87
N ARG A 34 1.41 0.53 5.52
CA ARG A 34 2.13 0.34 6.77
C ARG A 34 1.33 0.93 7.93
N CYS A 1 -10.57 -3.37 -2.34
CA CYS A 1 -9.71 -2.57 -1.49
C CYS A 1 -8.35 -3.27 -1.38
N VAL A 2 -7.51 -2.73 -0.51
CA VAL A 2 -6.19 -3.30 -0.30
C VAL A 2 -5.90 -3.38 1.20
N ARG A 3 -5.31 -4.50 1.60
CA ARG A 3 -4.99 -4.72 2.99
C ARG A 3 -3.68 -4.02 3.34
N LEU A 4 -3.36 -4.04 4.64
CA LEU A 4 -2.14 -3.41 5.12
C LEU A 4 -0.93 -4.14 4.53
N HIS A 5 -0.95 -5.45 4.64
CA HIS A 5 0.14 -6.27 4.13
C HIS A 5 -0.12 -6.58 2.66
N GLU A 6 -0.51 -5.56 1.91
CA GLU A 6 -0.79 -5.71 0.50
C GLU A 6 -0.22 -4.54 -0.29
N SER A 7 0.88 -4.80 -0.98
CA SER A 7 1.53 -3.77 -1.77
C SER A 7 0.48 -2.92 -2.49
N CYS A 8 0.83 -1.67 -2.72
CA CYS A 8 -0.07 -0.75 -3.39
C CYS A 8 0.62 -0.25 -4.66
N LEU A 9 1.84 -0.71 -4.86
CA LEU A 9 2.62 -0.33 -6.02
C LEU A 9 1.82 -0.65 -7.29
N GLY A 10 1.13 0.37 -7.78
CA GLY A 10 0.32 0.20 -8.98
C GLY A 10 -1.12 -0.16 -8.63
N GLN A 11 -1.49 0.14 -7.40
CA GLN A 11 -2.83 -0.15 -6.93
C GLN A 11 -3.83 0.85 -7.52
N GLN A 12 -5.09 0.44 -7.53
CA GLN A 12 -6.14 1.29 -8.06
C GLN A 12 -7.28 1.42 -7.05
N VAL A 13 -7.32 0.46 -6.12
CA VAL A 13 -8.35 0.46 -5.10
C VAL A 13 -7.77 1.01 -3.80
N PRO A 14 -8.67 1.55 -2.94
CA PRO A 14 -8.27 2.12 -1.67
C PRO A 14 -7.92 1.01 -0.66
N CYS A 15 -7.25 1.42 0.41
CA CYS A 15 -6.86 0.49 1.44
C CYS A 15 -8.02 0.34 2.42
N CYS A 16 -8.44 -0.90 2.61
CA CYS A 16 -9.54 -1.19 3.52
C CYS A 16 -9.20 -0.60 4.90
N ASP A 17 -7.90 -0.53 5.17
CA ASP A 17 -7.43 0.00 6.43
C ASP A 17 -7.33 1.53 6.33
N PRO A 18 -8.10 2.22 7.22
CA PRO A 18 -8.10 3.67 7.23
C PRO A 18 -6.82 4.21 7.87
N ALA A 19 -6.30 3.45 8.81
CA ALA A 19 -5.07 3.84 9.50
C ALA A 19 -3.88 3.21 8.80
N ALA A 20 -3.98 3.13 7.48
CA ALA A 20 -2.90 2.55 6.67
C ALA A 20 -2.28 3.65 5.82
N THR A 21 -0.98 3.50 5.58
CA THR A 21 -0.25 4.48 4.78
C THR A 21 0.62 3.76 3.74
N CYS A 22 0.21 3.90 2.49
CA CYS A 22 0.94 3.28 1.39
C CYS A 22 2.38 3.78 1.43
N TYR A 23 3.19 3.10 2.23
CA TYR A 23 4.60 3.46 2.37
C TYR A 23 5.46 2.66 1.40
N CYS A 24 6.45 3.34 0.84
CA CYS A 24 7.36 2.71 -0.11
C CYS A 24 8.79 2.89 0.40
N ARG A 25 9.50 1.78 0.51
CA ARG A 25 10.87 1.81 0.98
C ARG A 25 11.79 2.35 -0.13
N PHE A 26 11.86 1.60 -1.22
CA PHE A 26 12.69 1.98 -2.34
C PHE A 26 11.95 2.94 -3.27
N PHE A 27 12.39 2.95 -4.52
CA PHE A 27 11.78 3.82 -5.51
C PHE A 27 10.46 3.23 -6.01
N ASN A 28 10.55 2.06 -6.63
CA ASN A 28 9.37 1.39 -7.15
C ASN A 28 9.56 -0.12 -7.01
N ALA A 29 9.36 -0.61 -5.80
CA ALA A 29 9.51 -2.03 -5.53
C ALA A 29 8.68 -2.39 -4.29
N PHE A 30 9.15 -1.94 -3.15
CA PHE A 30 8.46 -2.21 -1.89
C PHE A 30 7.54 -1.05 -1.51
N CYS A 31 6.26 -1.26 -1.76
CA CYS A 31 5.26 -0.25 -1.45
C CYS A 31 3.97 -0.96 -1.02
N TYR A 32 3.62 -0.76 0.23
CA TYR A 32 2.43 -1.38 0.78
C TYR A 32 1.77 -0.46 1.82
N CYS A 33 0.63 -0.93 2.34
CA CYS A 33 -0.09 -0.17 3.35
C CYS A 33 0.57 -0.41 4.70
N ARG A 34 1.11 0.66 5.27
CA ARG A 34 1.77 0.58 6.56
C ARG A 34 1.38 1.78 7.43
N CYS A 1 -10.36 -3.10 -1.62
CA CYS A 1 -9.37 -2.25 -1.00
C CYS A 1 -8.08 -3.07 -0.81
N VAL A 2 -7.02 -2.36 -0.45
CA VAL A 2 -5.74 -3.00 -0.24
C VAL A 2 -5.46 -3.09 1.26
N ARG A 3 -5.00 -4.27 1.68
CA ARG A 3 -4.70 -4.50 3.08
C ARG A 3 -3.28 -4.04 3.40
N LEU A 4 -3.04 -3.80 4.68
CA LEU A 4 -1.73 -3.36 5.12
C LEU A 4 -0.65 -4.24 4.49
N HIS A 5 -0.96 -5.53 4.42
CA HIS A 5 -0.03 -6.49 3.85
C HIS A 5 -0.39 -6.73 2.38
N GLU A 6 -0.61 -5.63 1.67
CA GLU A 6 -0.96 -5.70 0.27
C GLU A 6 -0.34 -4.53 -0.50
N SER A 7 0.67 -4.84 -1.30
CA SER A 7 1.36 -3.83 -2.09
C SER A 7 0.33 -2.90 -2.74
N CYS A 8 0.79 -1.69 -3.04
CA CYS A 8 -0.08 -0.71 -3.67
C CYS A 8 0.50 -0.37 -5.04
N LEU A 9 1.65 -0.95 -5.32
CA LEU A 9 2.32 -0.74 -6.59
C LEU A 9 1.27 -0.68 -7.71
N GLY A 10 1.13 0.51 -8.28
CA GLY A 10 0.17 0.71 -9.36
C GLY A 10 -1.17 0.07 -9.01
N GLN A 11 -1.69 0.42 -7.84
CA GLN A 11 -2.95 -0.11 -7.38
C GLN A 11 -4.10 0.80 -7.84
N GLN A 12 -5.32 0.32 -7.63
CA GLN A 12 -6.50 1.07 -8.02
C GLN A 12 -7.53 1.06 -6.89
N VAL A 13 -7.19 0.35 -5.82
CA VAL A 13 -8.07 0.25 -4.67
C VAL A 13 -7.40 0.94 -3.47
N PRO A 14 -8.27 1.53 -2.60
CA PRO A 14 -7.78 2.22 -1.43
C PRO A 14 -7.34 1.22 -0.34
N CYS A 15 -6.65 1.74 0.65
CA CYS A 15 -6.16 0.91 1.74
C CYS A 15 -7.35 0.52 2.61
N CYS A 16 -7.64 -0.77 2.61
CA CYS A 16 -8.76 -1.29 3.40
C CYS A 16 -8.55 -0.88 4.85
N ASP A 17 -7.29 -0.71 5.22
CA ASP A 17 -6.96 -0.32 6.57
C ASP A 17 -7.45 1.11 6.81
N PRO A 18 -7.62 1.45 8.12
CA PRO A 18 -8.08 2.77 8.51
C PRO A 18 -6.96 3.81 8.34
N ALA A 19 -6.14 3.91 9.38
CA ALA A 19 -5.03 4.86 9.36
C ALA A 19 -3.84 4.22 8.65
N ALA A 20 -4.12 3.67 7.48
CA ALA A 20 -3.07 3.03 6.69
C ALA A 20 -2.56 4.01 5.64
N THR A 21 -1.31 3.80 5.24
CA THR A 21 -0.69 4.66 4.25
C THR A 21 0.22 3.84 3.33
N CYS A 22 -0.02 3.99 2.03
CA CYS A 22 0.77 3.27 1.05
C CYS A 22 2.24 3.68 1.23
N TYR A 23 2.92 2.94 2.08
CA TYR A 23 4.33 3.21 2.35
C TYR A 23 5.23 2.35 1.47
N CYS A 24 6.27 2.97 0.95
CA CYS A 24 7.21 2.28 0.08
C CYS A 24 8.62 2.50 0.64
N ARG A 25 9.29 1.39 0.93
CA ARG A 25 10.64 1.45 1.46
C ARG A 25 11.59 2.06 0.43
N PHE A 26 11.24 1.87 -0.83
CA PHE A 26 12.05 2.38 -1.92
C PHE A 26 11.19 3.11 -2.95
N PHE A 27 11.79 3.37 -4.11
CA PHE A 27 11.09 4.06 -5.18
C PHE A 27 10.16 3.10 -5.93
N ASN A 28 10.73 1.98 -6.33
CA ASN A 28 9.98 0.97 -7.07
C ASN A 28 10.51 -0.41 -6.72
N ALA A 29 10.16 -0.87 -5.52
CA ALA A 29 10.59 -2.17 -5.05
C ALA A 29 9.61 -2.68 -3.99
N PHE A 30 9.36 -1.84 -3.00
CA PHE A 30 8.46 -2.20 -1.93
C PHE A 30 7.48 -1.05 -1.63
N CYS A 31 6.21 -1.31 -1.90
CA CYS A 31 5.18 -0.31 -1.67
C CYS A 31 3.89 -1.04 -1.31
N TYR A 32 3.45 -0.83 -0.07
CA TYR A 32 2.23 -1.46 0.40
C TYR A 32 1.51 -0.55 1.40
N CYS A 33 0.37 -1.02 1.86
CA CYS A 33 -0.43 -0.27 2.82
C CYS A 33 0.23 -0.37 4.19
N ARG A 34 0.28 0.77 4.87
CA ARG A 34 0.89 0.82 6.20
C ARG A 34 -0.03 1.54 7.18
N CYS A 1 -9.90 -4.25 -2.14
CA CYS A 1 -9.23 -3.24 -1.35
C CYS A 1 -7.76 -3.63 -1.21
N VAL A 2 -7.08 -2.93 -0.31
CA VAL A 2 -5.66 -3.19 -0.08
C VAL A 2 -5.41 -3.21 1.44
N ARG A 3 -4.98 -4.38 1.91
CA ARG A 3 -4.70 -4.55 3.32
C ARG A 3 -3.31 -3.99 3.66
N LEU A 4 -3.06 -3.85 4.95
CA LEU A 4 -1.78 -3.34 5.40
C LEU A 4 -0.65 -4.15 4.79
N HIS A 5 -0.89 -5.45 4.68
CA HIS A 5 0.10 -6.35 4.12
C HIS A 5 -0.23 -6.62 2.65
N GLU A 6 -0.54 -5.53 1.94
CA GLU A 6 -0.88 -5.63 0.53
C GLU A 6 -0.25 -4.48 -0.24
N SER A 7 0.74 -4.82 -1.07
CA SER A 7 1.42 -3.82 -1.87
C SER A 7 0.43 -2.79 -2.37
N CYS A 8 0.95 -1.61 -2.69
CA CYS A 8 0.13 -0.52 -3.19
C CYS A 8 0.74 0.00 -4.49
N LEU A 9 1.78 -0.70 -4.93
CA LEU A 9 2.46 -0.31 -6.16
C LEU A 9 1.42 0.11 -7.21
N GLY A 10 1.48 1.38 -7.57
CA GLY A 10 0.55 1.92 -8.55
C GLY A 10 -0.82 1.27 -8.42
N GLN A 11 -1.34 1.28 -7.20
CA GLN A 11 -2.65 0.70 -6.93
C GLN A 11 -3.75 1.61 -7.45
N GLN A 12 -4.95 1.05 -7.55
CA GLN A 12 -6.09 1.80 -8.03
C GLN A 12 -7.29 1.58 -7.11
N VAL A 13 -7.09 0.74 -6.11
CA VAL A 13 -8.14 0.43 -5.15
C VAL A 13 -7.77 1.02 -3.79
N PRO A 14 -8.82 1.26 -2.96
CA PRO A 14 -8.62 1.83 -1.64
C PRO A 14 -8.06 0.77 -0.68
N CYS A 15 -7.61 1.24 0.48
CA CYS A 15 -7.06 0.35 1.48
C CYS A 15 -8.14 0.06 2.51
N CYS A 16 -8.37 -1.23 2.74
CA CYS A 16 -9.38 -1.66 3.70
C CYS A 16 -9.08 -0.99 5.04
N ASP A 17 -7.79 -0.96 5.37
CA ASP A 17 -7.35 -0.37 6.62
C ASP A 17 -7.31 1.16 6.46
N PRO A 18 -8.05 1.85 7.38
CA PRO A 18 -8.10 3.30 7.35
C PRO A 18 -6.80 3.90 7.89
N ALA A 19 -6.18 3.18 8.79
CA ALA A 19 -4.93 3.63 9.39
C ALA A 19 -3.75 3.07 8.59
N ALA A 20 -4.00 2.88 7.30
CA ALA A 20 -2.97 2.34 6.42
C ALA A 20 -2.61 3.40 5.36
N THR A 21 -1.33 3.73 5.33
CA THR A 21 -0.85 4.72 4.37
C THR A 21 0.04 4.06 3.32
N CYS A 22 -0.30 4.30 2.07
CA CYS A 22 0.46 3.73 0.96
C CYS A 22 1.91 4.21 1.08
N TYR A 23 2.69 3.46 1.86
CA TYR A 23 4.09 3.80 2.06
C TYR A 23 5.00 2.80 1.35
N CYS A 24 6.13 3.31 0.88
CA CYS A 24 7.10 2.48 0.18
C CYS A 24 8.46 2.66 0.85
N ARG A 25 9.50 2.52 0.05
CA ARG A 25 10.86 2.65 0.55
C ARG A 25 11.83 2.85 -0.61
N PHE A 26 11.93 1.82 -1.43
CA PHE A 26 12.83 1.87 -2.58
C PHE A 26 12.16 2.57 -3.77
N PHE A 27 12.63 2.23 -4.95
CA PHE A 27 12.10 2.83 -6.17
C PHE A 27 10.74 2.21 -6.53
N ASN A 28 10.77 0.92 -6.82
CA ASN A 28 9.56 0.21 -7.19
C ASN A 28 9.68 -1.25 -6.72
N ALA A 29 9.47 -1.44 -5.42
CA ALA A 29 9.54 -2.77 -4.84
C ALA A 29 8.72 -2.81 -3.56
N PHE A 30 9.27 -2.20 -2.52
CA PHE A 30 8.60 -2.15 -1.23
C PHE A 30 7.60 -0.99 -1.17
N CYS A 31 6.36 -1.30 -1.51
CA CYS A 31 5.32 -0.30 -1.49
C CYS A 31 4.00 -0.99 -1.14
N TYR A 32 3.49 -0.65 0.04
CA TYR A 32 2.24 -1.23 0.52
C TYR A 32 1.50 -0.25 1.42
N CYS A 33 0.54 -0.80 2.16
CA CYS A 33 -0.25 0.01 3.08
C CYS A 33 0.33 -0.13 4.48
N ARG A 34 0.77 0.99 5.03
CA ARG A 34 1.35 1.00 6.36
C ARG A 34 0.42 1.73 7.34
N CYS A 1 -10.69 -2.70 -1.82
CA CYS A 1 -9.58 -1.95 -1.26
C CYS A 1 -8.43 -2.94 -1.01
N VAL A 2 -7.25 -2.37 -0.75
CA VAL A 2 -6.07 -3.18 -0.49
C VAL A 2 -5.84 -3.27 1.02
N ARG A 3 -5.27 -4.40 1.42
CA ARG A 3 -5.00 -4.63 2.83
C ARG A 3 -3.65 -4.01 3.21
N LEU A 4 -3.41 -3.93 4.51
CA LEU A 4 -2.17 -3.36 5.02
C LEU A 4 -0.99 -4.15 4.44
N HIS A 5 -1.05 -5.46 4.61
CA HIS A 5 0.01 -6.32 4.11
C HIS A 5 -0.25 -6.65 2.64
N GLU A 6 -0.56 -5.62 1.89
CA GLU A 6 -0.83 -5.78 0.47
C GLU A 6 -0.23 -4.61 -0.32
N SER A 7 0.89 -4.91 -0.98
CA SER A 7 1.57 -3.90 -1.77
C SER A 7 0.56 -3.06 -2.55
N CYS A 8 0.90 -1.80 -2.75
CA CYS A 8 0.04 -0.90 -3.48
C CYS A 8 0.77 -0.45 -4.75
N LEU A 9 1.94 -1.01 -4.94
CA LEU A 9 2.74 -0.69 -6.11
C LEU A 9 1.98 -1.07 -7.38
N GLY A 10 1.39 -0.06 -8.01
CA GLY A 10 0.62 -0.29 -9.23
C GLY A 10 -0.82 -0.66 -8.90
N GLN A 11 -1.29 -0.17 -7.76
CA GLN A 11 -2.66 -0.44 -7.33
C GLN A 11 -3.58 0.69 -7.76
N GLN A 12 -4.87 0.45 -7.60
CA GLN A 12 -5.88 1.44 -7.96
C GLN A 12 -6.90 1.61 -6.84
N VAL A 13 -6.72 0.79 -5.80
CA VAL A 13 -7.63 0.83 -4.66
C VAL A 13 -6.87 1.34 -3.43
N PRO A 14 -7.62 2.05 -2.55
CA PRO A 14 -7.03 2.59 -1.33
C PRO A 14 -6.78 1.49 -0.30
N CYS A 15 -6.38 1.92 0.89
CA CYS A 15 -6.10 0.98 1.96
C CYS A 15 -7.43 0.62 2.63
N CYS A 16 -7.79 -0.64 2.50
CA CYS A 16 -9.03 -1.13 3.08
C CYS A 16 -9.07 -0.69 4.55
N ASP A 17 -7.88 -0.51 5.11
CA ASP A 17 -7.77 -0.10 6.50
C ASP A 17 -7.69 1.43 6.57
N PRO A 18 -8.37 2.00 7.59
CA PRO A 18 -8.38 3.44 7.78
C PRO A 18 -7.05 3.92 8.36
N ALA A 19 -6.47 3.08 9.20
CA ALA A 19 -5.19 3.41 9.82
C ALA A 19 -4.06 2.79 9.02
N ALA A 20 -4.22 2.82 7.70
CA ALA A 20 -3.22 2.27 6.81
C ALA A 20 -2.76 3.35 5.83
N THR A 21 -1.45 3.41 5.62
CA THR A 21 -0.88 4.38 4.71
C THR A 21 0.06 3.69 3.72
N CYS A 22 -0.32 3.75 2.46
CA CYS A 22 0.48 3.15 1.40
C CYS A 22 1.90 3.70 1.50
N TYR A 23 2.71 3.03 2.31
CA TYR A 23 4.09 3.44 2.50
C TYR A 23 5.04 2.56 1.68
N CYS A 24 6.05 3.22 1.12
CA CYS A 24 7.04 2.51 0.31
C CYS A 24 8.42 2.74 0.92
N ARG A 25 9.42 2.69 0.07
CA ARG A 25 10.80 2.89 0.51
C ARG A 25 11.70 3.21 -0.68
N PHE A 26 11.80 2.24 -1.59
CA PHE A 26 12.63 2.42 -2.77
C PHE A 26 11.88 3.16 -3.86
N PHE A 27 12.29 2.93 -5.10
CA PHE A 27 11.65 3.56 -6.24
C PHE A 27 10.31 2.91 -6.56
N ASN A 28 10.38 1.65 -6.95
CA ASN A 28 9.18 0.90 -7.29
C ASN A 28 9.39 -0.58 -6.93
N ALA A 29 9.25 -0.86 -5.66
CA ALA A 29 9.41 -2.23 -5.17
C ALA A 29 8.64 -2.40 -3.86
N PHE A 30 9.22 -1.85 -2.80
CA PHE A 30 8.60 -1.94 -1.49
C PHE A 30 7.57 -0.83 -1.30
N CYS A 31 6.31 -1.18 -1.55
CA CYS A 31 5.23 -0.22 -1.42
C CYS A 31 3.96 -0.99 -1.03
N TYR A 32 3.52 -0.76 0.19
CA TYR A 32 2.33 -1.43 0.69
C TYR A 32 1.56 -0.52 1.67
N CYS A 33 0.43 -1.03 2.14
CA CYS A 33 -0.39 -0.28 3.08
C CYS A 33 0.18 -0.48 4.48
N ARG A 34 0.82 0.55 4.99
CA ARG A 34 1.40 0.50 6.32
C ARG A 34 1.07 1.77 7.10
#